data_8V61
# 
_entry.id   8V61 
# 
_audit_conform.dict_name       mmcif_pdbx.dic 
_audit_conform.dict_version    5.388 
_audit_conform.dict_location   http://mmcif.pdb.org/dictionaries/ascii/mmcif_pdbx.dic 
# 
loop_
_database_2.database_id 
_database_2.database_code 
_database_2.pdbx_database_accession 
_database_2.pdbx_DOI 
PDB   8V61         pdb_00008v61 10.2210/pdb8v61/pdb 
WWPDB D_1000279601 ?            ?                   
# 
loop_
_pdbx_audit_revision_history.ordinal 
_pdbx_audit_revision_history.data_content_type 
_pdbx_audit_revision_history.major_revision 
_pdbx_audit_revision_history.minor_revision 
_pdbx_audit_revision_history.revision_date 
1 'Structure model' 1 0 2024-03-06 
2 'Structure model' 1 1 2024-03-20 
# 
_pdbx_audit_revision_details.ordinal             1 
_pdbx_audit_revision_details.revision_ordinal    1 
_pdbx_audit_revision_details.data_content_type   'Structure model' 
_pdbx_audit_revision_details.provider            repository 
_pdbx_audit_revision_details.type                'Initial release' 
_pdbx_audit_revision_details.description         ? 
_pdbx_audit_revision_details.details             ? 
# 
_pdbx_audit_revision_group.ordinal             1 
_pdbx_audit_revision_group.revision_ordinal    2 
_pdbx_audit_revision_group.data_content_type   'Structure model' 
_pdbx_audit_revision_group.group               'Database references' 
# 
_pdbx_audit_revision_category.ordinal             1 
_pdbx_audit_revision_category.revision_ordinal    2 
_pdbx_audit_revision_category.data_content_type   'Structure model' 
_pdbx_audit_revision_category.category            citation 
# 
loop_
_pdbx_audit_revision_item.ordinal 
_pdbx_audit_revision_item.revision_ordinal 
_pdbx_audit_revision_item.data_content_type 
_pdbx_audit_revision_item.item 
1 2 'Structure model' '_citation.journal_volume' 
2 2 'Structure model' '_citation.page_first'     
3 2 'Structure model' '_citation.page_last'      
# 
_pdbx_database_status.status_code                     REL 
_pdbx_database_status.status_code_sf                  REL 
_pdbx_database_status.status_code_mr                  ? 
_pdbx_database_status.entry_id                        8V61 
_pdbx_database_status.recvd_initial_deposition_date   2023-12-01 
_pdbx_database_status.SG_entry                        N 
_pdbx_database_status.deposit_site                    RCSB 
_pdbx_database_status.process_site                    RCSB 
_pdbx_database_status.status_code_cs                  ? 
_pdbx_database_status.status_code_nmr_data            ? 
_pdbx_database_status.methods_development_category    ? 
_pdbx_database_status.pdb_format_compatible           Y 
# 
_pdbx_contact_author.id                 2 
_pdbx_contact_author.email              andyn@uic.edu 
_pdbx_contact_author.name_first         Andy 
_pdbx_contact_author.name_last          Nguyen 
_pdbx_contact_author.name_mi            I 
_pdbx_contact_author.role               'principal investigator/group leader' 
_pdbx_contact_author.identifier_ORCID   0000-0003-4137-6453 
# 
_audit_author.name               'Heinz-Kunert, S.L.' 
_audit_author.pdbx_ordinal       1 
_audit_author.identifier_ORCID   0009-0002-5884-1294 
# 
_citation.abstract                  ? 
_citation.abstract_id_CAS           ? 
_citation.book_id_ISBN              ? 
_citation.book_publisher            ? 
_citation.book_publisher_city       ? 
_citation.book_title                ? 
_citation.coordinate_linkage        ? 
_citation.country                   US 
_citation.database_id_Medline       ? 
_citation.details                   ? 
_citation.id                        primary 
_citation.journal_abbrev            Biomacromolecules 
_citation.journal_id_ASTM           ? 
_citation.journal_id_CSD            ? 
_citation.journal_id_ISSN           1526-4602 
_citation.journal_full              ? 
_citation.journal_issue             ? 
_citation.journal_volume            25 
_citation.language                  ? 
_citation.page_first                2016 
_citation.page_last                 2023 
_citation.title                     'Pore Restructuring of Peptide Frameworks by Mutations at Distal Packing Residues.' 
_citation.year                      2024 
_citation.database_id_CSD           ? 
_citation.pdbx_database_id_DOI      10.1021/acs.biomac.3c01418 
_citation.pdbx_database_id_PubMed   38362872 
_citation.pdbx_database_id_patent   ? 
_citation.unpublished_flag          ? 
# 
loop_
_citation_author.citation_id 
_citation_author.name 
_citation_author.ordinal 
_citation_author.identifier_ORCID 
primary 'Heinz-Kunert, S.L.' 1 ?                   
primary 'Pandya, A.'         2 0000-0003-3303-1009 
primary 'Dang, V.T.'         3 ?                   
primary 'Oktawiec, J.'       4 0000-0002-2895-3327 
primary 'Nguyen, A.I.'       5 0000-0003-4137-6453 
# 
loop_
_entity.id 
_entity.type 
_entity.src_method 
_entity.pdbx_description 
_entity.formula_weight 
_entity.pdbx_number_of_molecules 
_entity.pdbx_ec 
_entity.pdbx_mutation 
_entity.pdbx_fragment 
_entity.details 
1 polymer syn UIC-1-L6I 1374.589 4  ? ? ? ? 
2 water   nat water     18.015   23 ? ? ? ? 
# 
_entity_poly.entity_id                      1 
_entity_poly.type                           'polypeptide(L)' 
_entity_poly.nstd_linkage                   no 
_entity_poly.nstd_monomer                   yes 
_entity_poly.pdbx_seq_one_letter_code       '(I6W)L(AIB)A(AIB)I(AIB)Q(AIB)L(I77)' 
_entity_poly.pdbx_seq_one_letter_code_can   XLAAAIAQALX 
_entity_poly.pdbx_strand_id                 A,B,C,D 
_entity_poly.pdbx_target_identifier         ? 
# 
_pdbx_entity_nonpoly.entity_id   2 
_pdbx_entity_nonpoly.name        water 
_pdbx_entity_nonpoly.comp_id     HOH 
# 
loop_
_entity_poly_seq.entity_id 
_entity_poly_seq.num 
_entity_poly_seq.mon_id 
_entity_poly_seq.hetero 
1 1  I6W n 
1 2  LEU n 
1 3  AIB n 
1 4  ALA n 
1 5  AIB n 
1 6  ILE n 
1 7  AIB n 
1 8  GLN n 
1 9  AIB n 
1 10 LEU n 
1 11 I77 n 
# 
_pdbx_entity_src_syn.entity_id              1 
_pdbx_entity_src_syn.pdbx_src_id            1 
_pdbx_entity_src_syn.pdbx_alt_source_flag   sample 
_pdbx_entity_src_syn.pdbx_beg_seq_num       1 
_pdbx_entity_src_syn.pdbx_end_seq_num       11 
_pdbx_entity_src_syn.organism_scientific    'synthetic construct' 
_pdbx_entity_src_syn.organism_common_name   ? 
_pdbx_entity_src_syn.ncbi_taxonomy_id       32630 
_pdbx_entity_src_syn.details                ? 
# 
loop_
_chem_comp.id 
_chem_comp.type 
_chem_comp.mon_nstd_flag 
_chem_comp.name 
_chem_comp.pdbx_synonyms 
_chem_comp.formula 
_chem_comp.formula_weight 
AIB 'L-peptide linking' n 'ALPHA-AMINOISOBUTYRIC ACID'                            ? 'C4 H9 N O2'    103.120 
ALA 'L-peptide linking' y ALANINE                                                 ? 'C3 H7 N O2'    89.093  
GLN 'L-peptide linking' y GLUTAMINE                                               ? 'C5 H10 N2 O3'  146.144 
HOH non-polymer         . WATER                                                   ? 'H2 O'          18.015  
I6W non-polymer         . 
;ethyl 5'-formyl[2,2'-bipyridine]-5-carboxylate
;
? 'C14 H12 N2 O3' 256.257 
I77 non-polymer         . "5'-(hydrazinecarbonyl)[2,2'-bipyridine]-5-carboxamide" ? 'C12 H11 N5 O2' 257.248 
ILE 'L-peptide linking' y ISOLEUCINE                                              ? 'C6 H13 N O2'   131.173 
LEU 'L-peptide linking' y LEUCINE                                                 ? 'C6 H13 N O2'   131.173 
# 
loop_
_pdbx_poly_seq_scheme.asym_id 
_pdbx_poly_seq_scheme.entity_id 
_pdbx_poly_seq_scheme.seq_id 
_pdbx_poly_seq_scheme.mon_id 
_pdbx_poly_seq_scheme.ndb_seq_num 
_pdbx_poly_seq_scheme.pdb_seq_num 
_pdbx_poly_seq_scheme.auth_seq_num 
_pdbx_poly_seq_scheme.pdb_mon_id 
_pdbx_poly_seq_scheme.auth_mon_id 
_pdbx_poly_seq_scheme.pdb_strand_id 
_pdbx_poly_seq_scheme.pdb_ins_code 
_pdbx_poly_seq_scheme.hetero 
A 1 1  I6W 1  1  1  I6W BPE A . n 
A 1 2  LEU 2  2  2  LEU LEU A . n 
A 1 3  AIB 3  3  3  AIB AIB A . n 
A 1 4  ALA 4  4  4  ALA ALA A . n 
A 1 5  AIB 5  5  5  AIB AIB A . n 
A 1 6  ILE 6  6  6  ILE ILE A . n 
A 1 7  AIB 7  7  7  AIB AIB A . n 
A 1 8  GLN 8  8  8  GLN GLN A . n 
A 1 9  AIB 9  9  9  AIB AIB A . n 
A 1 10 LEU 10 10 10 LEU LEU A . n 
A 1 11 I77 11 11 11 I77 BPH A . n 
B 1 1  I6W 1  1  1  I6W BPE B . n 
B 1 2  LEU 2  2  2  LEU LEU B . n 
B 1 3  AIB 3  3  3  AIB AIB B . n 
B 1 4  ALA 4  4  4  ALA ALA B . n 
B 1 5  AIB 5  5  5  AIB AIB B . n 
B 1 6  ILE 6  6  6  ILE ILE B . n 
B 1 7  AIB 7  7  7  AIB AIB B . n 
B 1 8  GLN 8  8  8  GLN GLN B . n 
B 1 9  AIB 9  9  9  AIB AIB B . n 
B 1 10 LEU 10 10 10 LEU LEU B . n 
B 1 11 I77 11 11 11 I77 BPH B . n 
C 1 1  I6W 1  1  1  I6W BPE C . n 
C 1 2  LEU 2  2  2  LEU LEU C . n 
C 1 3  AIB 3  3  3  AIB AIB C . n 
C 1 4  ALA 4  4  4  ALA ALA C . n 
C 1 5  AIB 5  5  5  AIB AIB C . n 
C 1 6  ILE 6  6  6  ILE ILE C . n 
C 1 7  AIB 7  7  7  AIB AIB C . n 
C 1 8  GLN 8  8  8  GLN GLN C . n 
C 1 9  AIB 9  9  9  AIB AIB C . n 
C 1 10 LEU 10 10 10 LEU LEU C . n 
C 1 11 I77 11 11 11 I77 BPH C . n 
D 1 1  I6W 1  1  1  I6W BPE D . n 
D 1 2  LEU 2  2  2  LEU LEU D . n 
D 1 3  AIB 3  3  3  AIB AIB D . n 
D 1 4  ALA 4  4  4  ALA ALA D . n 
D 1 5  AIB 5  5  5  AIB AIB D . n 
D 1 6  ILE 6  6  6  ILE ILE D . n 
D 1 7  AIB 7  7  7  AIB AIB D . n 
D 1 8  GLN 8  8  8  GLN GLN D . n 
D 1 9  AIB 9  9  9  AIB AIB D . n 
D 1 10 LEU 10 10 10 LEU LEU D . n 
D 1 11 I77 11 11 11 I77 BPH D . n 
# 
loop_
_pdbx_nonpoly_scheme.asym_id 
_pdbx_nonpoly_scheme.entity_id 
_pdbx_nonpoly_scheme.mon_id 
_pdbx_nonpoly_scheme.ndb_seq_num 
_pdbx_nonpoly_scheme.pdb_seq_num 
_pdbx_nonpoly_scheme.auth_seq_num 
_pdbx_nonpoly_scheme.pdb_mon_id 
_pdbx_nonpoly_scheme.auth_mon_id 
_pdbx_nonpoly_scheme.pdb_strand_id 
_pdbx_nonpoly_scheme.pdb_ins_code 
E 2 HOH 1 101 25 HOH HOH A . 
E 2 HOH 2 102 4  HOH HOH A . 
E 2 HOH 3 103 17 HOH HOH A . 
E 2 HOH 4 104 20 HOH HOH A . 
E 2 HOH 5 105 8  HOH HOH A . 
F 2 HOH 1 101 2  HOH HOH B . 
F 2 HOH 2 102 14 HOH HOH B . 
F 2 HOH 3 103 10 HOH HOH B . 
F 2 HOH 4 104 22 HOH HOH B . 
G 2 HOH 1 101 16 HOH HOH C . 
G 2 HOH 2 102 19 HOH HOH C . 
G 2 HOH 3 103 6  HOH HOH C . 
G 2 HOH 4 104 5  HOH HOH C . 
G 2 HOH 5 105 24 HOH HOH C . 
G 2 HOH 6 106 1  HOH HOH C . 
G 2 HOH 7 107 18 HOH HOH C . 
H 2 HOH 1 101 3  HOH HOH D . 
H 2 HOH 2 102 7  HOH HOH D . 
H 2 HOH 3 103 9  HOH HOH D . 
H 2 HOH 4 104 23 HOH HOH D . 
H 2 HOH 5 105 13 HOH HOH D . 
H 2 HOH 6 106 15 HOH HOH D . 
H 2 HOH 7 107 11 HOH HOH D . 
# 
loop_
_software.citation_id 
_software.classification 
_software.compiler_name 
_software.compiler_version 
_software.contact_author 
_software.contact_author_email 
_software.date 
_software.description 
_software.dependencies 
_software.hardware 
_software.language 
_software.location 
_software.mods 
_software.name 
_software.os 
_software.os_version 
_software.type 
_software.version 
_software.pdbx_ordinal 
? refinement       ? ? ? ? ? ? ? ? ? ? ? PHENIX      ? ? ? 1.20.1_4487 1 
? 'data reduction' ? ? ? ? ? ? ? ? ? ? ? CrysalisPro ? ? ? .           2 
? 'data scaling'   ? ? ? ? ? ? ? ? ? ? ? CrysalisPro ? ? ? .           3 
? phasing          ? ? ? ? ? ? ? ? ? ? ? PHASER      ? ? ? .           4 
# 
_cell.angle_alpha                  111.070 
_cell.angle_alpha_esd              ? 
_cell.angle_beta                   90.260 
_cell.angle_beta_esd               ? 
_cell.angle_gamma                  90.280 
_cell.angle_gamma_esd              ? 
_cell.entry_id                     8V61 
_cell.details                      ? 
_cell.formula_units_Z              ? 
_cell.length_a                     10.311 
_cell.length_a_esd                 ? 
_cell.length_b                     28.251 
_cell.length_b_esd                 ? 
_cell.length_c                     32.535 
_cell.length_c_esd                 ? 
_cell.volume                       8843.375 
_cell.volume_esd                   ? 
_cell.Z_PDB                        4 
_cell.reciprocal_angle_alpha       ? 
_cell.reciprocal_angle_beta        ? 
_cell.reciprocal_angle_gamma       ? 
_cell.reciprocal_angle_alpha_esd   ? 
_cell.reciprocal_angle_beta_esd    ? 
_cell.reciprocal_angle_gamma_esd   ? 
_cell.reciprocal_length_a          ? 
_cell.reciprocal_length_b          ? 
_cell.reciprocal_length_c          ? 
_cell.reciprocal_length_a_esd      ? 
_cell.reciprocal_length_b_esd      ? 
_cell.reciprocal_length_c_esd      ? 
_cell.pdbx_unique_axis             ? 
_cell.pdbx_esd_method              ? 
# 
_symmetry.entry_id                         8V61 
_symmetry.cell_setting                     ? 
_symmetry.Int_Tables_number                1 
_symmetry.space_group_name_Hall            'P 1' 
_symmetry.space_group_name_H-M             'P 1' 
_symmetry.pdbx_full_space_group_name_H-M   ? 
# 
_exptl.absorpt_coefficient_mu     ? 
_exptl.absorpt_correction_T_max   ? 
_exptl.absorpt_correction_T_min   ? 
_exptl.absorpt_correction_type    ? 
_exptl.absorpt_process_details    ? 
_exptl.entry_id                   8V61 
_exptl.crystals_number            1 
_exptl.details                    ? 
_exptl.method                     'X-RAY DIFFRACTION' 
_exptl.method_details             ? 
# 
_exptl_crystal.colour                       ? 
_exptl_crystal.density_diffrn               ? 
_exptl_crystal.density_Matthews             1.61 
_exptl_crystal.density_method               ? 
_exptl_crystal.density_percent_sol          23.52 
_exptl_crystal.description                  ? 
_exptl_crystal.F_000                        ? 
_exptl_crystal.id                           1 
_exptl_crystal.preparation                  ? 
_exptl_crystal.size_max                     ? 
_exptl_crystal.size_mid                     ? 
_exptl_crystal.size_min                     ? 
_exptl_crystal.size_rad                     ? 
_exptl_crystal.colour_lustre                ? 
_exptl_crystal.colour_modifier              ? 
_exptl_crystal.colour_primary               ? 
_exptl_crystal.density_meas                 ? 
_exptl_crystal.density_meas_esd             ? 
_exptl_crystal.density_meas_gt              ? 
_exptl_crystal.density_meas_lt              ? 
_exptl_crystal.density_meas_temp            ? 
_exptl_crystal.density_meas_temp_esd        ? 
_exptl_crystal.density_meas_temp_gt         ? 
_exptl_crystal.density_meas_temp_lt         ? 
_exptl_crystal.pdbx_crystal_image_url       ? 
_exptl_crystal.pdbx_crystal_image_format    ? 
_exptl_crystal.pdbx_mosaicity               ? 
_exptl_crystal.pdbx_mosaicity_esd           ? 
_exptl_crystal.pdbx_mosaic_method           ? 
_exptl_crystal.pdbx_mosaic_block_size       ? 
_exptl_crystal.pdbx_mosaic_block_size_esd   ? 
# 
_exptl_crystal_grow.apparatus       ? 
_exptl_crystal_grow.atmosphere      ? 
_exptl_crystal_grow.crystal_id      1 
_exptl_crystal_grow.details         ? 
_exptl_crystal_grow.method          'SLOW COOLING' 
_exptl_crystal_grow.method_ref      ? 
_exptl_crystal_grow.pH              ? 
_exptl_crystal_grow.pressure        ? 
_exptl_crystal_grow.pressure_esd    ? 
_exptl_crystal_grow.seeding         ? 
_exptl_crystal_grow.seeding_ref     ? 
_exptl_crystal_grow.temp_details    ? 
_exptl_crystal_grow.temp_esd        ? 
_exptl_crystal_grow.time            ? 
_exptl_crystal_grow.pdbx_details    'water, acetonitrile' 
_exptl_crystal_grow.pdbx_pH_range   ? 
_exptl_crystal_grow.temp            298 
# 
_diffrn.ambient_environment              ? 
_diffrn.ambient_temp                     100 
_diffrn.ambient_temp_details             ? 
_diffrn.ambient_temp_esd                 ? 
_diffrn.crystal_id                       1 
_diffrn.crystal_support                  ? 
_diffrn.crystal_treatment                ? 
_diffrn.details                          ? 
_diffrn.id                               1 
_diffrn.ambient_pressure                 ? 
_diffrn.ambient_pressure_esd             ? 
_diffrn.ambient_pressure_gt              ? 
_diffrn.ambient_pressure_lt              ? 
_diffrn.ambient_temp_gt                  ? 
_diffrn.ambient_temp_lt                  ? 
_diffrn.pdbx_serial_crystal_experiment   N 
# 
_diffrn_detector.details                      ? 
_diffrn_detector.detector                     PIXEL 
_diffrn_detector.diffrn_id                    1 
_diffrn_detector.type                         'RIGAKU HyPix-3000' 
_diffrn_detector.area_resol_mean              ? 
_diffrn_detector.dtime                        ? 
_diffrn_detector.pdbx_frames_total            ? 
_diffrn_detector.pdbx_collection_time_total   ? 
_diffrn_detector.pdbx_collection_date         2022-06-23 
_diffrn_detector.pdbx_frequency               ? 
_diffrn_detector.id                           ? 
_diffrn_detector.number_of_axes               ? 
# 
_diffrn_radiation.collimation                      ? 
_diffrn_radiation.diffrn_id                        1 
_diffrn_radiation.filter_edge                      ? 
_diffrn_radiation.inhomogeneity                    ? 
_diffrn_radiation.monochromator                    ? 
_diffrn_radiation.polarisn_norm                    ? 
_diffrn_radiation.polarisn_ratio                   ? 
_diffrn_radiation.probe                            ? 
_diffrn_radiation.type                             ? 
_diffrn_radiation.xray_symbol                      ? 
_diffrn_radiation.wavelength_id                    1 
_diffrn_radiation.pdbx_monochromatic_or_laue_m_l   M 
_diffrn_radiation.pdbx_wavelength_list             ? 
_diffrn_radiation.pdbx_wavelength                  ? 
_diffrn_radiation.pdbx_diffrn_protocol             'SINGLE WAVELENGTH' 
_diffrn_radiation.pdbx_analyzer                    ? 
_diffrn_radiation.pdbx_scattering_type             x-ray 
# 
_diffrn_radiation_wavelength.id           1 
_diffrn_radiation_wavelength.wavelength   1.54184 
_diffrn_radiation_wavelength.wt           1.0 
# 
_diffrn_source.current                     ? 
_diffrn_source.details                     ? 
_diffrn_source.diffrn_id                   1 
_diffrn_source.power                       ? 
_diffrn_source.size                        ? 
_diffrn_source.source                      'ROTATING ANODE' 
_diffrn_source.target                      ? 
_diffrn_source.type                        RIGAKU 
_diffrn_source.voltage                     ? 
_diffrn_source.take-off_angle              ? 
_diffrn_source.pdbx_wavelength_list        1.54184 
_diffrn_source.pdbx_wavelength             ? 
_diffrn_source.pdbx_synchrotron_beamline   ? 
_diffrn_source.pdbx_synchrotron_site       ? 
# 
_reflns.B_iso_Wilson_estimate                          16.46 
_reflns.entry_id                                       8V61 
_reflns.data_reduction_details                         ? 
_reflns.data_reduction_method                          ? 
_reflns.d_resolution_high                              1.13 
_reflns.d_resolution_low                               15.85 
_reflns.details                                        ? 
_reflns.limit_h_max                                    ? 
_reflns.limit_h_min                                    ? 
_reflns.limit_k_max                                    ? 
_reflns.limit_k_min                                    ? 
_reflns.limit_l_max                                    ? 
_reflns.limit_l_min                                    ? 
_reflns.number_all                                     ? 
_reflns.number_obs                                     12284 
_reflns.observed_criterion                             ? 
_reflns.observed_criterion_F_max                       ? 
_reflns.observed_criterion_F_min                       ? 
_reflns.observed_criterion_I_max                       ? 
_reflns.observed_criterion_I_min                       ? 
_reflns.observed_criterion_sigma_F                     ? 
_reflns.observed_criterion_sigma_I                     ? 
_reflns.percent_possible_obs                           95.20 
_reflns.R_free_details                                 ? 
_reflns.Rmerge_F_all                                   ? 
_reflns.Rmerge_F_obs                                   ? 
_reflns.Friedel_coverage                               ? 
_reflns.number_gt                                      ? 
_reflns.threshold_expression                           ? 
_reflns.pdbx_redundancy                                4.9 
_reflns.pdbx_netI_over_av_sigmaI                       ? 
_reflns.pdbx_netI_over_sigmaI                          16.88 
_reflns.pdbx_res_netI_over_av_sigmaI_2                 ? 
_reflns.pdbx_res_netI_over_sigmaI_2                    ? 
_reflns.pdbx_chi_squared                               ? 
_reflns.pdbx_scaling_rejects                           ? 
_reflns.pdbx_d_res_high_opt                            ? 
_reflns.pdbx_d_res_low_opt                             ? 
_reflns.pdbx_d_res_opt_method                          ? 
_reflns.phase_calculation_details                      ? 
_reflns.pdbx_Rrim_I_all                                0.05775 
_reflns.pdbx_Rpim_I_all                                ? 
_reflns.pdbx_d_opt                                     ? 
_reflns.pdbx_number_measured_all                       ? 
_reflns.pdbx_diffrn_id                                 1 
_reflns.pdbx_ordinal                                   1 
_reflns.pdbx_CC_half                                   0.999 
_reflns.pdbx_CC_star                                   1 
_reflns.pdbx_R_split                                   ? 
_reflns.pdbx_Rmerge_I_obs                              0.05303 
_reflns.pdbx_Rmerge_I_all                              ? 
_reflns.pdbx_Rsym_value                                ? 
_reflns.pdbx_CC_split_method                           ? 
_reflns.pdbx_aniso_diffraction_limit_axis_1_ortho[1]   ? 
_reflns.pdbx_aniso_diffraction_limit_axis_1_ortho[2]   ? 
_reflns.pdbx_aniso_diffraction_limit_axis_1_ortho[3]   ? 
_reflns.pdbx_aniso_diffraction_limit_axis_2_ortho[1]   ? 
_reflns.pdbx_aniso_diffraction_limit_axis_2_ortho[2]   ? 
_reflns.pdbx_aniso_diffraction_limit_axis_2_ortho[3]   ? 
_reflns.pdbx_aniso_diffraction_limit_axis_3_ortho[1]   ? 
_reflns.pdbx_aniso_diffraction_limit_axis_3_ortho[2]   ? 
_reflns.pdbx_aniso_diffraction_limit_axis_3_ortho[3]   ? 
_reflns.pdbx_aniso_diffraction_limit_1                 ? 
_reflns.pdbx_aniso_diffraction_limit_2                 ? 
_reflns.pdbx_aniso_diffraction_limit_3                 ? 
_reflns.pdbx_aniso_B_tensor_eigenvector_1_ortho[1]     ? 
_reflns.pdbx_aniso_B_tensor_eigenvector_1_ortho[2]     ? 
_reflns.pdbx_aniso_B_tensor_eigenvector_1_ortho[3]     ? 
_reflns.pdbx_aniso_B_tensor_eigenvector_2_ortho[1]     ? 
_reflns.pdbx_aniso_B_tensor_eigenvector_2_ortho[2]     ? 
_reflns.pdbx_aniso_B_tensor_eigenvector_2_ortho[3]     ? 
_reflns.pdbx_aniso_B_tensor_eigenvector_3_ortho[1]     ? 
_reflns.pdbx_aniso_B_tensor_eigenvector_3_ortho[2]     ? 
_reflns.pdbx_aniso_B_tensor_eigenvector_3_ortho[3]     ? 
_reflns.pdbx_aniso_B_tensor_eigenvalue_1               ? 
_reflns.pdbx_aniso_B_tensor_eigenvalue_2               ? 
_reflns.pdbx_aniso_B_tensor_eigenvalue_3               ? 
_reflns.pdbx_orthogonalization_convention              ? 
_reflns.pdbx_percent_possible_ellipsoidal              ? 
_reflns.pdbx_percent_possible_spherical                ? 
_reflns.pdbx_percent_possible_ellipsoidal_anomalous    ? 
_reflns.pdbx_percent_possible_spherical_anomalous      ? 
_reflns.pdbx_redundancy_anomalous                      ? 
_reflns.pdbx_CC_half_anomalous                         ? 
_reflns.pdbx_absDiff_over_sigma_anomalous              ? 
_reflns.pdbx_percent_possible_anomalous                ? 
_reflns.pdbx_observed_signal_threshold                 ? 
_reflns.pdbx_signal_type                               ? 
_reflns.pdbx_signal_details                            ? 
_reflns.pdbx_signal_software_id                        ? 
# 
_reflns_shell.d_res_high                                    1.13 
_reflns_shell.d_res_low                                     1.17 
_reflns_shell.meanI_over_sigI_all                           ? 
_reflns_shell.meanI_over_sigI_obs                           1.28 
_reflns_shell.number_measured_all                           ? 
_reflns_shell.number_measured_obs                           ? 
_reflns_shell.number_possible                               ? 
_reflns_shell.number_unique_all                             ? 
_reflns_shell.number_unique_obs                             1104 
_reflns_shell.percent_possible_obs                          ? 
_reflns_shell.Rmerge_F_all                                  ? 
_reflns_shell.Rmerge_F_obs                                  ? 
_reflns_shell.meanI_over_sigI_gt                            ? 
_reflns_shell.meanI_over_uI_all                             ? 
_reflns_shell.meanI_over_uI_gt                              ? 
_reflns_shell.number_measured_gt                            ? 
_reflns_shell.number_unique_gt                              ? 
_reflns_shell.percent_possible_gt                           ? 
_reflns_shell.Rmerge_F_gt                                   ? 
_reflns_shell.Rmerge_I_gt                                   ? 
_reflns_shell.pdbx_redundancy                               3.6 
_reflns_shell.pdbx_chi_squared                              ? 
_reflns_shell.pdbx_netI_over_sigmaI_all                     ? 
_reflns_shell.pdbx_netI_over_sigmaI_obs                     ? 
_reflns_shell.pdbx_Rrim_I_all                               0.9777 
_reflns_shell.pdbx_Rpim_I_all                               ? 
_reflns_shell.pdbx_rejects                                  ? 
_reflns_shell.pdbx_ordinal                                  1 
_reflns_shell.pdbx_diffrn_id                                1 
_reflns_shell.pdbx_CC_half                                  0.817 
_reflns_shell.pdbx_CC_star                                  0.948 
_reflns_shell.pdbx_R_split                                  ? 
_reflns_shell.percent_possible_all                          86.61 
_reflns_shell.Rmerge_I_all                                  ? 
_reflns_shell.Rmerge_I_obs                                  0.8414 
_reflns_shell.pdbx_Rsym_value                               ? 
_reflns_shell.pdbx_percent_possible_ellipsoidal             ? 
_reflns_shell.pdbx_percent_possible_spherical               ? 
_reflns_shell.pdbx_percent_possible_ellipsoidal_anomalous   ? 
_reflns_shell.pdbx_percent_possible_spherical_anomalous     ? 
_reflns_shell.pdbx_redundancy_anomalous                     ? 
_reflns_shell.pdbx_CC_half_anomalous                        ? 
_reflns_shell.pdbx_absDiff_over_sigma_anomalous             ? 
_reflns_shell.pdbx_percent_possible_anomalous               ? 
# 
_refine.aniso_B[1][1]                            ? 
_refine.aniso_B[1][2]                            ? 
_refine.aniso_B[1][3]                            ? 
_refine.aniso_B[2][2]                            ? 
_refine.aniso_B[2][3]                            ? 
_refine.aniso_B[3][3]                            ? 
_refine.B_iso_max                                ? 
_refine.B_iso_mean                               26.02 
_refine.B_iso_min                                ? 
_refine.correlation_coeff_Fo_to_Fc               ? 
_refine.correlation_coeff_Fo_to_Fc_free          ? 
_refine.details                                  
;The reported R-work (0.1837) differs from the calculated R-work (0.2011), possibly due to the deposition of detwinned structure factors
;
_refine.diff_density_max                         ? 
_refine.diff_density_max_esd                     ? 
_refine.diff_density_min                         ? 
_refine.diff_density_min_esd                     ? 
_refine.diff_density_rms                         ? 
_refine.diff_density_rms_esd                     ? 
_refine.entry_id                                 8V61 
_refine.pdbx_refine_id                           'X-RAY DIFFRACTION' 
_refine.ls_abs_structure_details                 ? 
_refine.ls_abs_structure_Flack                   ? 
_refine.ls_abs_structure_Flack_esd               ? 
_refine.ls_abs_structure_Rogers                  ? 
_refine.ls_abs_structure_Rogers_esd              ? 
_refine.ls_d_res_high                            1.13 
_refine.ls_d_res_low                             15.85 
_refine.ls_extinction_coef                       ? 
_refine.ls_extinction_coef_esd                   ? 
_refine.ls_extinction_expression                 ? 
_refine.ls_extinction_method                     ? 
_refine.ls_goodness_of_fit_all                   ? 
_refine.ls_goodness_of_fit_all_esd               ? 
_refine.ls_goodness_of_fit_obs                   ? 
_refine.ls_goodness_of_fit_obs_esd               ? 
_refine.ls_hydrogen_treatment                    ? 
_refine.ls_matrix_type                           ? 
_refine.ls_number_constraints                    ? 
_refine.ls_number_parameters                     ? 
_refine.ls_number_reflns_all                     ? 
_refine.ls_number_reflns_obs                     12284 
_refine.ls_number_reflns_R_free                  1209 
_refine.ls_number_reflns_R_work                  10985 
_refine.ls_number_restraints                     ? 
_refine.ls_percent_reflns_obs                    95.23 
_refine.ls_percent_reflns_R_free                 9.91 
_refine.ls_R_factor_all                          ? 
_refine.ls_R_factor_obs                          0.1862 
_refine.ls_R_factor_R_free                       0.2079 
_refine.ls_R_factor_R_free_error                 ? 
_refine.ls_R_factor_R_free_error_details         ? 
_refine.ls_R_factor_R_work                       0.1837 
_refine.ls_R_Fsqd_factor_obs                     ? 
_refine.ls_R_I_factor_obs                        ? 
_refine.ls_redundancy_reflns_all                 ? 
_refine.ls_redundancy_reflns_obs                 ? 
_refine.ls_restrained_S_all                      ? 
_refine.ls_restrained_S_obs                      ? 
_refine.ls_shift_over_esd_max                    ? 
_refine.ls_shift_over_esd_mean                   ? 
_refine.ls_structure_factor_coef                 ? 
_refine.ls_weighting_details                     ? 
_refine.ls_weighting_scheme                      ? 
_refine.ls_wR_factor_all                         ? 
_refine.ls_wR_factor_obs                         ? 
_refine.ls_wR_factor_R_free                      ? 
_refine.ls_wR_factor_R_work                      ? 
_refine.occupancy_max                            ? 
_refine.occupancy_min                            ? 
_refine.solvent_model_details                    'FLAT BULK SOLVENT MODEL' 
_refine.solvent_model_param_bsol                 ? 
_refine.solvent_model_param_ksol                 ? 
_refine.pdbx_R_complete                          ? 
_refine.ls_R_factor_gt                           ? 
_refine.ls_goodness_of_fit_gt                    ? 
_refine.ls_goodness_of_fit_ref                   ? 
_refine.ls_shift_over_su_max                     ? 
_refine.ls_shift_over_su_max_lt                  ? 
_refine.ls_shift_over_su_mean                    ? 
_refine.ls_shift_over_su_mean_lt                 ? 
_refine.pdbx_ls_sigma_I                          ? 
_refine.pdbx_ls_sigma_F                          1.97 
_refine.pdbx_ls_sigma_Fsqd                       ? 
_refine.pdbx_data_cutoff_high_absF               ? 
_refine.pdbx_data_cutoff_high_rms_absF           ? 
_refine.pdbx_data_cutoff_low_absF                ? 
_refine.pdbx_isotropic_thermal_model             ? 
_refine.pdbx_ls_cross_valid_method               'FREE R-VALUE' 
_refine.pdbx_method_to_determine_struct          'MOLECULAR REPLACEMENT' 
_refine.pdbx_starting_model                      ? 
_refine.pdbx_stereochemistry_target_values       'GeoStd + Monomer Library + CDL v1.2' 
_refine.pdbx_R_Free_selection_details            ? 
_refine.pdbx_stereochem_target_val_spec_case     ? 
_refine.pdbx_overall_ESU_R                       ? 
_refine.pdbx_overall_ESU_R_Free                  ? 
_refine.pdbx_solvent_vdw_probe_radii             1.1000 
_refine.pdbx_solvent_ion_probe_radii             ? 
_refine.pdbx_solvent_shrinkage_radii             0.9000 
_refine.pdbx_real_space_R                        ? 
_refine.pdbx_density_correlation                 ? 
_refine.pdbx_pd_number_of_powder_patterns        ? 
_refine.pdbx_pd_number_of_points                 ? 
_refine.pdbx_pd_meas_number_of_points            ? 
_refine.pdbx_pd_proc_ls_prof_R_factor            ? 
_refine.pdbx_pd_proc_ls_prof_wR_factor           ? 
_refine.pdbx_pd_Marquardt_correlation_coeff      ? 
_refine.pdbx_pd_Fsqrd_R_factor                   ? 
_refine.pdbx_pd_ls_matrix_band_width             ? 
_refine.pdbx_overall_phase_error                 37.3486 
_refine.pdbx_overall_SU_R_free_Cruickshank_DPI   ? 
_refine.pdbx_overall_SU_R_free_Blow_DPI          ? 
_refine.pdbx_overall_SU_R_Blow_DPI               ? 
_refine.pdbx_TLS_residual_ADP_flag               ? 
_refine.pdbx_diffrn_id                           1 
_refine.overall_SU_B                             ? 
_refine.overall_SU_ML                            0.1721 
_refine.overall_SU_R_Cruickshank_DPI             ? 
_refine.overall_SU_R_free                        ? 
_refine.overall_FOM_free_R_set                   ? 
_refine.overall_FOM_work_R_set                   ? 
_refine.pdbx_average_fsc_overall                 ? 
_refine.pdbx_average_fsc_work                    ? 
_refine.pdbx_average_fsc_free                    ? 
# 
_refine_hist.pdbx_refine_id                   'X-RAY DIFFRACTION' 
_refine_hist.cycle_id                         LAST 
_refine_hist.details                          ? 
_refine_hist.d_res_high                       1.13 
_refine_hist.d_res_low                        15.85 
_refine_hist.number_atoms_solvent             24 
_refine_hist.number_atoms_total               424 
_refine_hist.number_reflns_all                ? 
_refine_hist.number_reflns_obs                ? 
_refine_hist.number_reflns_R_free             ? 
_refine_hist.number_reflns_R_work             ? 
_refine_hist.R_factor_all                     ? 
_refine_hist.R_factor_obs                     ? 
_refine_hist.R_factor_R_free                  ? 
_refine_hist.R_factor_R_work                  ? 
_refine_hist.pdbx_number_residues_total       ? 
_refine_hist.pdbx_B_iso_mean_ligand           ? 
_refine_hist.pdbx_B_iso_mean_solvent          ? 
_refine_hist.pdbx_number_atoms_protein        324 
_refine_hist.pdbx_number_atoms_nucleic_acid   0 
_refine_hist.pdbx_number_atoms_ligand         76 
_refine_hist.pdbx_number_atoms_lipid          ? 
_refine_hist.pdbx_number_atoms_carb           ? 
_refine_hist.pdbx_pseudo_atom_details         ? 
# 
loop_
_refine_ls_restr.pdbx_refine_id 
_refine_ls_restr.criterion 
_refine_ls_restr.dev_ideal 
_refine_ls_restr.dev_ideal_target 
_refine_ls_restr.number 
_refine_ls_restr.rejects 
_refine_ls_restr.type 
_refine_ls_restr.weight 
_refine_ls_restr.pdbx_restraint_function 
'X-RAY DIFFRACTION' ? 0.0103  ? 423 ? f_bond_d           ? ? 
'X-RAY DIFFRACTION' ? 1.8138  ? 597 ? f_angle_d          ? ? 
'X-RAY DIFFRACTION' ? 0.0656  ? 35  ? f_chiral_restr     ? ? 
'X-RAY DIFFRACTION' ? 0.0062  ? 69  ? f_plane_restr      ? ? 
'X-RAY DIFFRACTION' ? 37.2444 ? 80  ? f_dihedral_angle_d ? ? 
# 
loop_
_refine_ls_shell.pdbx_refine_id 
_refine_ls_shell.d_res_high 
_refine_ls_shell.d_res_low 
_refine_ls_shell.number_reflns_all 
_refine_ls_shell.number_reflns_obs 
_refine_ls_shell.number_reflns_R_free 
_refine_ls_shell.number_reflns_R_work 
_refine_ls_shell.percent_reflns_obs 
_refine_ls_shell.percent_reflns_R_free 
_refine_ls_shell.R_factor_all 
_refine_ls_shell.R_factor_obs 
_refine_ls_shell.R_factor_R_free_error 
_refine_ls_shell.R_factor_R_work 
_refine_ls_shell.redundancy_reflns_all 
_refine_ls_shell.redundancy_reflns_obs 
_refine_ls_shell.wR_factor_all 
_refine_ls_shell.wR_factor_obs 
_refine_ls_shell.wR_factor_R_free 
_refine_ls_shell.wR_factor_R_work 
_refine_ls_shell.pdbx_R_complete 
_refine_ls_shell.pdbx_total_number_of_bins_used 
_refine_ls_shell.pdbx_phase_error 
_refine_ls_shell.pdbx_fsc_work 
_refine_ls_shell.pdbx_fsc_free 
_refine_ls_shell.R_factor_R_free 
'X-RAY DIFFRACTION' 1.13 1.18  . . 123 1087 86.93 . . . . 0.4054 . . . . . . . . . . . 0.4830 
'X-RAY DIFFRACTION' 1.18 1.23  . . 130 1153 90.99 . . . . 0.3503 . . . . . . . . . . . 0.3754 
'X-RAY DIFFRACTION' 1.23 1.29  . . 141 1226 92.55 . . . . 0.3290 . . . . . . . . . . . 0.3611 
'X-RAY DIFFRACTION' 1.29 1.37  . . 130 1167 93.99 . . . . 0.2911 . . . . . . . . . . . 0.3344 
'X-RAY DIFFRACTION' 1.37 1.48  . . 123 1291 96.72 . . . . 0.2335 . . . . . . . . . . . 0.2722 
'X-RAY DIFFRACTION' 1.48 1.63  . . 141 1228 98.56 . . . . 0.1912 . . . . . . . . . . . 0.2672 
'X-RAY DIFFRACTION' 1.63 1.86  . . 128 1276 98.66 . . . . 0.1857 . . . . . . . . . . . 0.2543 
'X-RAY DIFFRACTION' 1.87 2.35  . . 141 1296 99.24 . . . . 0.1794 . . . . . . . . . . . 0.1915 
'X-RAY DIFFRACTION' 2.35 15.84 . . 152 1261 99.23 . . . . 0.1487 . . . . . . . . . . . 0.1666 
# 
_struct.entry_id                     8V61 
_struct.title                        'UIC-1 mutant - UIC-1-L6I' 
_struct.pdbx_model_details           ? 
_struct.pdbx_formula_weight          ? 
_struct.pdbx_formula_weight_method   ? 
_struct.pdbx_model_type_details      ? 
_struct.pdbx_CASP_flag               N 
# 
_struct_keywords.entry_id        8V61 
_struct_keywords.text            'synthetic construct, DE NOVO PROTEIN' 
_struct_keywords.pdbx_keywords   'DE NOVO PROTEIN' 
# 
loop_
_struct_asym.id 
_struct_asym.pdbx_blank_PDB_chainid_flag 
_struct_asym.pdbx_modified 
_struct_asym.entity_id 
_struct_asym.details 
A N N 1 ? 
B N N 1 ? 
C N N 1 ? 
D N N 1 ? 
E N N 2 ? 
F N N 2 ? 
G N N 2 ? 
H N N 2 ? 
# 
_struct_ref.id                         1 
_struct_ref.db_name                    PDB 
_struct_ref.db_code                    8V61 
_struct_ref.pdbx_db_accession          8V61 
_struct_ref.pdbx_db_isoform            ? 
_struct_ref.entity_id                  1 
_struct_ref.pdbx_seq_one_letter_code   ? 
_struct_ref.pdbx_align_begin           1 
# 
loop_
_struct_ref_seq.align_id 
_struct_ref_seq.ref_id 
_struct_ref_seq.pdbx_PDB_id_code 
_struct_ref_seq.pdbx_strand_id 
_struct_ref_seq.seq_align_beg 
_struct_ref_seq.pdbx_seq_align_beg_ins_code 
_struct_ref_seq.seq_align_end 
_struct_ref_seq.pdbx_seq_align_end_ins_code 
_struct_ref_seq.pdbx_db_accession 
_struct_ref_seq.db_align_beg 
_struct_ref_seq.pdbx_db_align_beg_ins_code 
_struct_ref_seq.db_align_end 
_struct_ref_seq.pdbx_db_align_end_ins_code 
_struct_ref_seq.pdbx_auth_seq_align_beg 
_struct_ref_seq.pdbx_auth_seq_align_end 
1 1 8V61 A 1 ? 11 ? 8V61 1 ? 11 ? 1 11 
2 1 8V61 B 1 ? 11 ? 8V61 1 ? 11 ? 1 11 
3 1 8V61 C 1 ? 11 ? 8V61 1 ? 11 ? 1 11 
4 1 8V61 D 1 ? 11 ? 8V61 1 ? 11 ? 1 11 
# 
loop_
_pdbx_struct_assembly.id 
_pdbx_struct_assembly.details 
_pdbx_struct_assembly.method_details 
_pdbx_struct_assembly.oligomeric_details 
_pdbx_struct_assembly.oligomeric_count 
1 author_defined_assembly ? monomeric 1 
2 author_defined_assembly ? monomeric 1 
3 author_defined_assembly ? monomeric 1 
4 author_defined_assembly ? monomeric 1 
# 
loop_
_pdbx_struct_assembly_gen.assembly_id 
_pdbx_struct_assembly_gen.oper_expression 
_pdbx_struct_assembly_gen.asym_id_list 
1 1 A,E 
2 1 B,F 
3 1 C,G 
4 1 D,H 
# 
_pdbx_struct_oper_list.id                   1 
_pdbx_struct_oper_list.type                 'identity operation' 
_pdbx_struct_oper_list.name                 1_555 
_pdbx_struct_oper_list.symmetry_operation   x,y,z 
_pdbx_struct_oper_list.matrix[1][1]         1.0000000000 
_pdbx_struct_oper_list.matrix[1][2]         0.0000000000 
_pdbx_struct_oper_list.matrix[1][3]         0.0000000000 
_pdbx_struct_oper_list.vector[1]            0.0000000000 
_pdbx_struct_oper_list.matrix[2][1]         0.0000000000 
_pdbx_struct_oper_list.matrix[2][2]         1.0000000000 
_pdbx_struct_oper_list.matrix[2][3]         0.0000000000 
_pdbx_struct_oper_list.vector[2]            0.0000000000 
_pdbx_struct_oper_list.matrix[3][1]         0.0000000000 
_pdbx_struct_oper_list.matrix[3][2]         0.0000000000 
_pdbx_struct_oper_list.matrix[3][3]         1.0000000000 
_pdbx_struct_oper_list.vector[3]            0.0000000000 
# 
loop_
_struct_conf.conf_type_id 
_struct_conf.id 
_struct_conf.pdbx_PDB_helix_id 
_struct_conf.beg_label_comp_id 
_struct_conf.beg_label_asym_id 
_struct_conf.beg_label_seq_id 
_struct_conf.pdbx_beg_PDB_ins_code 
_struct_conf.end_label_comp_id 
_struct_conf.end_label_asym_id 
_struct_conf.end_label_seq_id 
_struct_conf.pdbx_end_PDB_ins_code 
_struct_conf.beg_auth_comp_id 
_struct_conf.beg_auth_asym_id 
_struct_conf.beg_auth_seq_id 
_struct_conf.end_auth_comp_id 
_struct_conf.end_auth_asym_id 
_struct_conf.end_auth_seq_id 
_struct_conf.pdbx_PDB_helix_class 
_struct_conf.details 
_struct_conf.pdbx_PDB_helix_length 
HELX_P HELX_P1 AA1 AIB A 3 ? LEU A 10 ? AIB A 3 LEU A 10 1 ? 8 
HELX_P HELX_P2 AA2 AIB B 3 ? LEU B 10 ? AIB B 3 LEU B 10 1 ? 8 
HELX_P HELX_P3 AA3 AIB C 3 ? LEU C 10 ? AIB C 3 LEU C 10 1 ? 8 
HELX_P HELX_P4 AA4 AIB D 3 ? LEU D 10 ? AIB D 3 LEU D 10 1 ? 8 
# 
_struct_conf_type.id          HELX_P 
_struct_conf_type.criteria    ? 
_struct_conf_type.reference   ? 
# 
loop_
_struct_conn.id 
_struct_conn.conn_type_id 
_struct_conn.pdbx_leaving_atom_flag 
_struct_conn.pdbx_PDB_id 
_struct_conn.ptnr1_label_asym_id 
_struct_conn.ptnr1_label_comp_id 
_struct_conn.ptnr1_label_seq_id 
_struct_conn.ptnr1_label_atom_id 
_struct_conn.pdbx_ptnr1_label_alt_id 
_struct_conn.pdbx_ptnr1_PDB_ins_code 
_struct_conn.pdbx_ptnr1_standard_comp_id 
_struct_conn.ptnr1_symmetry 
_struct_conn.ptnr2_label_asym_id 
_struct_conn.ptnr2_label_comp_id 
_struct_conn.ptnr2_label_seq_id 
_struct_conn.ptnr2_label_atom_id 
_struct_conn.pdbx_ptnr2_label_alt_id 
_struct_conn.pdbx_ptnr2_PDB_ins_code 
_struct_conn.ptnr1_auth_asym_id 
_struct_conn.ptnr1_auth_comp_id 
_struct_conn.ptnr1_auth_seq_id 
_struct_conn.ptnr2_auth_asym_id 
_struct_conn.ptnr2_auth_comp_id 
_struct_conn.ptnr2_auth_seq_id 
_struct_conn.ptnr2_symmetry 
_struct_conn.pdbx_ptnr3_label_atom_id 
_struct_conn.pdbx_ptnr3_label_seq_id 
_struct_conn.pdbx_ptnr3_label_comp_id 
_struct_conn.pdbx_ptnr3_label_asym_id 
_struct_conn.pdbx_ptnr3_label_alt_id 
_struct_conn.pdbx_ptnr3_PDB_ins_code 
_struct_conn.details 
_struct_conn.pdbx_dist_value 
_struct_conn.pdbx_value_order 
_struct_conn.pdbx_role 
covale1  covale one  ? A I6W 1  C02 ? ? ? 1_555 A LEU 2  N   ? ? A I6W 1  A LEU 2  1_555 ? ? ? ? ? ? ? 1.425 ? ? 
covale2  covale both ? A LEU 2  C   ? ? ? 1_555 A AIB 3  N   ? ? A LEU 2  A AIB 3  1_555 ? ? ? ? ? ? ? 1.327 ? ? 
covale3  covale both ? A AIB 3  C   ? ? ? 1_555 A ALA 4  N   ? ? A AIB 3  A ALA 4  1_555 ? ? ? ? ? ? ? 1.328 ? ? 
covale4  covale both ? A ALA 4  C   ? ? ? 1_555 A AIB 5  N   ? ? A ALA 4  A AIB 5  1_555 ? ? ? ? ? ? ? 1.329 ? ? 
covale5  covale both ? A AIB 5  C   ? ? ? 1_555 A ILE 6  N   ? ? A AIB 5  A ILE 6  1_555 ? ? ? ? ? ? ? 1.328 ? ? 
covale6  covale both ? A ILE 6  C   ? ? ? 1_555 A AIB 7  N   ? ? A ILE 6  A AIB 7  1_555 ? ? ? ? ? ? ? 1.323 ? ? 
covale7  covale both ? A AIB 7  C   ? ? ? 1_555 A GLN 8  N   A ? A AIB 7  A GLN 8  1_555 ? ? ? ? ? ? ? 1.325 ? ? 
covale8  covale both ? A AIB 7  C   ? ? ? 1_555 A GLN 8  N   B ? A AIB 7  A GLN 8  1_555 ? ? ? ? ? ? ? 1.329 ? ? 
covale9  covale both ? A GLN 8  C   A ? ? 1_555 A AIB 9  N   ? ? A GLN 8  A AIB 9  1_555 ? ? ? ? ? ? ? 1.331 ? ? 
covale10 covale both ? A GLN 8  C   B ? ? 1_555 A AIB 9  N   ? ? A GLN 8  A AIB 9  1_555 ? ? ? ? ? ? ? 1.330 ? ? 
covale11 covale both ? A AIB 9  C   ? ? ? 1_555 A LEU 10 N   ? ? A AIB 9  A LEU 10 1_555 ? ? ? ? ? ? ? 1.323 ? ? 
covale12 covale one  ? A LEU 10 C   ? ? ? 1_555 A I77 11 N15 ? ? A LEU 10 A I77 11 1_555 ? ? ? ? ? ? ? 1.422 ? ? 
covale13 covale one  ? B I6W 1  C02 ? ? ? 1_555 B LEU 2  N   ? ? B I6W 1  B LEU 2  1_555 ? ? ? ? ? ? ? 1.430 ? ? 
covale14 covale both ? B LEU 2  C   ? ? ? 1_555 B AIB 3  N   ? ? B LEU 2  B AIB 3  1_555 ? ? ? ? ? ? ? 1.325 ? ? 
covale15 covale both ? B AIB 3  C   ? ? ? 1_555 B ALA 4  N   ? ? B AIB 3  B ALA 4  1_555 ? ? ? ? ? ? ? 1.338 ? ? 
covale16 covale both ? B ALA 4  C   ? ? ? 1_555 B AIB 5  N   ? ? B ALA 4  B AIB 5  1_555 ? ? ? ? ? ? ? 1.332 ? ? 
covale17 covale both ? B AIB 5  C   ? ? ? 1_555 B ILE 6  N   ? ? B AIB 5  B ILE 6  1_555 ? ? ? ? ? ? ? 1.336 ? ? 
covale18 covale both ? B ILE 6  C   ? ? ? 1_555 B AIB 7  N   ? ? B ILE 6  B AIB 7  1_555 ? ? ? ? ? ? ? 1.321 ? ? 
covale19 covale both ? B AIB 7  C   ? ? ? 1_555 B GLN 8  N   ? ? B AIB 7  B GLN 8  1_555 ? ? ? ? ? ? ? 1.326 ? ? 
covale20 covale both ? B GLN 8  C   ? ? ? 1_555 B AIB 9  N   ? ? B GLN 8  B AIB 9  1_555 ? ? ? ? ? ? ? 1.333 ? ? 
covale21 covale both ? B AIB 9  C   ? ? ? 1_555 B LEU 10 N   ? ? B AIB 9  B LEU 10 1_555 ? ? ? ? ? ? ? 1.338 ? ? 
covale22 covale one  ? B LEU 10 C   ? ? ? 1_555 B I77 11 N15 ? ? B LEU 10 B I77 11 1_555 ? ? ? ? ? ? ? 1.421 ? ? 
covale23 covale one  ? C I6W 1  C02 ? ? ? 1_555 C LEU 2  N   ? ? C I6W 1  C LEU 2  1_555 ? ? ? ? ? ? ? 1.429 ? ? 
covale24 covale both ? C LEU 2  C   ? ? ? 1_555 C AIB 3  N   ? ? C LEU 2  C AIB 3  1_555 ? ? ? ? ? ? ? 1.324 ? ? 
covale25 covale both ? C AIB 3  C   ? ? ? 1_555 C ALA 4  N   ? ? C AIB 3  C ALA 4  1_555 ? ? ? ? ? ? ? 1.323 ? ? 
covale26 covale both ? C ALA 4  C   ? ? ? 1_555 C AIB 5  N   ? ? C ALA 4  C AIB 5  1_555 ? ? ? ? ? ? ? 1.324 ? ? 
covale27 covale both ? C AIB 5  C   ? ? ? 1_555 C ILE 6  N   ? ? C AIB 5  C ILE 6  1_555 ? ? ? ? ? ? ? 1.326 ? ? 
covale28 covale both ? C ILE 6  C   ? ? ? 1_555 C AIB 7  N   ? ? C ILE 6  C AIB 7  1_555 ? ? ? ? ? ? ? 1.322 ? ? 
covale29 covale both ? C AIB 7  C   ? ? ? 1_555 C GLN 8  N   ? ? C AIB 7  C GLN 8  1_555 ? ? ? ? ? ? ? 1.321 ? ? 
covale30 covale both ? C GLN 8  C   ? ? ? 1_555 C AIB 9  N   ? ? C GLN 8  C AIB 9  1_555 ? ? ? ? ? ? ? 1.330 ? ? 
covale31 covale both ? C AIB 9  C   ? ? ? 1_555 C LEU 10 N   ? ? C AIB 9  C LEU 10 1_555 ? ? ? ? ? ? ? 1.322 ? ? 
covale32 covale one  ? C LEU 10 C   ? ? ? 1_555 C I77 11 N15 ? ? C LEU 10 C I77 11 1_555 ? ? ? ? ? ? ? 1.426 ? ? 
covale33 covale one  ? D I6W 1  C02 ? ? ? 1_555 D LEU 2  N   ? ? D I6W 1  D LEU 2  1_555 ? ? ? ? ? ? ? 1.429 ? ? 
covale34 covale both ? D LEU 2  C   ? ? ? 1_555 D AIB 3  N   ? ? D LEU 2  D AIB 3  1_555 ? ? ? ? ? ? ? 1.324 ? ? 
covale35 covale both ? D AIB 3  C   ? ? ? 1_555 D ALA 4  N   ? ? D AIB 3  D ALA 4  1_555 ? ? ? ? ? ? ? 1.336 ? ? 
covale36 covale both ? D ALA 4  C   ? ? ? 1_555 D AIB 5  N   ? ? D ALA 4  D AIB 5  1_555 ? ? ? ? ? ? ? 1.328 ? ? 
covale37 covale both ? D AIB 5  C   ? ? ? 1_555 D ILE 6  N   A ? D AIB 5  D ILE 6  1_555 ? ? ? ? ? ? ? 1.332 ? ? 
covale38 covale both ? D AIB 5  C   ? ? ? 1_555 D ILE 6  N   B ? D AIB 5  D ILE 6  1_555 ? ? ? ? ? ? ? 1.328 ? ? 
covale39 covale both ? D ILE 6  C   A ? ? 1_555 D AIB 7  N   ? ? D ILE 6  D AIB 7  1_555 ? ? ? ? ? ? ? 1.326 ? ? 
covale40 covale both ? D ILE 6  C   B ? ? 1_555 D AIB 7  N   ? ? D ILE 6  D AIB 7  1_555 ? ? ? ? ? ? ? 1.321 ? ? 
covale41 covale both ? D AIB 7  C   ? ? ? 1_555 D GLN 8  N   ? ? D AIB 7  D GLN 8  1_555 ? ? ? ? ? ? ? 1.324 ? ? 
covale42 covale both ? D GLN 8  C   ? ? ? 1_555 D AIB 9  N   ? ? D GLN 8  D AIB 9  1_555 ? ? ? ? ? ? ? 1.332 ? ? 
covale43 covale both ? D AIB 9  C   ? ? ? 1_555 D LEU 10 N   ? ? D AIB 9  D LEU 10 1_555 ? ? ? ? ? ? ? 1.333 ? ? 
covale44 covale one  ? D LEU 10 C   ? ? ? 1_555 D I77 11 N15 ? ? D LEU 10 D I77 11 1_555 ? ? ? ? ? ? ? 1.428 ? ? 
# 
_struct_conn_type.id          covale 
_struct_conn_type.criteria    ? 
_struct_conn_type.reference   ? 
# 
loop_
_pdbx_validate_close_contact.id 
_pdbx_validate_close_contact.PDB_model_num 
_pdbx_validate_close_contact.auth_atom_id_1 
_pdbx_validate_close_contact.auth_asym_id_1 
_pdbx_validate_close_contact.auth_comp_id_1 
_pdbx_validate_close_contact.auth_seq_id_1 
_pdbx_validate_close_contact.PDB_ins_code_1 
_pdbx_validate_close_contact.label_alt_id_1 
_pdbx_validate_close_contact.auth_atom_id_2 
_pdbx_validate_close_contact.auth_asym_id_2 
_pdbx_validate_close_contact.auth_comp_id_2 
_pdbx_validate_close_contact.auth_seq_id_2 
_pdbx_validate_close_contact.PDB_ins_code_2 
_pdbx_validate_close_contact.label_alt_id_2 
_pdbx_validate_close_contact.dist 
1 1 O A HOH 102 ? ? O C HOH 102 ? ? 2.03 
2 1 O A HOH 103 ? ? O C HOH 101 ? ? 2.15 
# 
_pdbx_validate_symm_contact.id                1 
_pdbx_validate_symm_contact.PDB_model_num     1 
_pdbx_validate_symm_contact.auth_atom_id_1    O 
_pdbx_validate_symm_contact.auth_asym_id_1    B 
_pdbx_validate_symm_contact.auth_comp_id_1    LEU 
_pdbx_validate_symm_contact.auth_seq_id_1     10 
_pdbx_validate_symm_contact.PDB_ins_code_1    ? 
_pdbx_validate_symm_contact.label_alt_id_1    ? 
_pdbx_validate_symm_contact.site_symmetry_1   1_555 
_pdbx_validate_symm_contact.auth_atom_id_2    O 
_pdbx_validate_symm_contact.auth_asym_id_2    A 
_pdbx_validate_symm_contact.auth_comp_id_2    HOH 
_pdbx_validate_symm_contact.auth_seq_id_2     103 
_pdbx_validate_symm_contact.PDB_ins_code_2    ? 
_pdbx_validate_symm_contact.label_alt_id_2    ? 
_pdbx_validate_symm_contact.site_symmetry_2   1_666 
_pdbx_validate_symm_contact.dist              2.16 
# 
_space_group_symop.id              1 
_space_group_symop.operation_xyz   x,y,z 
# 
_pdbx_entry_details.entry_id                 8V61 
_pdbx_entry_details.has_ligand_of_interest   Y 
_pdbx_entry_details.compound_details         ? 
_pdbx_entry_details.source_details           ? 
_pdbx_entry_details.nonpolymer_details       ? 
_pdbx_entry_details.sequence_details         ? 
# 
loop_
_chem_comp_atom.comp_id 
_chem_comp_atom.atom_id 
_chem_comp_atom.type_symbol 
_chem_comp_atom.pdbx_aromatic_flag 
_chem_comp_atom.pdbx_stereo_config 
_chem_comp_atom.pdbx_ordinal 
AIB N    N N N 1   
AIB CA   C N N 2   
AIB C    C N N 3   
AIB O    O N N 4   
AIB OXT  O N N 5   
AIB CB1  C N N 6   
AIB CB2  C N N 7   
AIB H    H N N 8   
AIB H2   H N N 9   
AIB HXT  H N N 10  
AIB HB11 H N N 11  
AIB HB12 H N N 12  
AIB HB13 H N N 13  
AIB HB21 H N N 14  
AIB HB22 H N N 15  
AIB HB23 H N N 16  
ALA N    N N N 17  
ALA CA   C N S 18  
ALA C    C N N 19  
ALA O    O N N 20  
ALA CB   C N N 21  
ALA OXT  O N N 22  
ALA H    H N N 23  
ALA H2   H N N 24  
ALA HA   H N N 25  
ALA HB1  H N N 26  
ALA HB2  H N N 27  
ALA HB3  H N N 28  
ALA HXT  H N N 29  
GLN N    N N N 30  
GLN CA   C N S 31  
GLN C    C N N 32  
GLN O    O N N 33  
GLN CB   C N N 34  
GLN CG   C N N 35  
GLN CD   C N N 36  
GLN OE1  O N N 37  
GLN NE2  N N N 38  
GLN OXT  O N N 39  
GLN H    H N N 40  
GLN H2   H N N 41  
GLN HA   H N N 42  
GLN HB2  H N N 43  
GLN HB3  H N N 44  
GLN HG2  H N N 45  
GLN HG3  H N N 46  
GLN HE21 H N N 47  
GLN HE22 H N N 48  
GLN HXT  H N N 49  
HOH O    O N N 50  
HOH H1   H N N 51  
HOH H2   H N N 52  
I6W C05  C Y N 53  
I6W C08  C Y N 54  
I6W C09  C Y N 55  
I6W N10  N Y N 56  
I6W C02  C N N 57  
I6W C03  C Y N 58  
I6W C04  C Y N 59  
I6W C06  C Y N 60  
I6W C11  C Y N 61  
I6W C12  C Y N 62  
I6W C13  C N N 63  
I6W C15  C N N 64  
I6W C16  C N N 65  
I6W C18  C Y N 66  
I6W C19  C Y N 67  
I6W N07  N Y N 68  
I6W O01  O N N 69  
I6W O14  O N N 70  
I6W O17  O N N 71  
I6W H051 H N N 72  
I6W H1   H N N 73  
I6W H041 H N N 74  
I6W H061 H N N 75  
I6W H111 H N N 76  
I6W H152 H N N 77  
I6W H151 H N N 78  
I6W H162 H N N 79  
I6W H163 H N N 80  
I6W H161 H N N 81  
I6W H181 H N N 82  
I6W H191 H N N 83  
I77 C11  C Y N 84  
I77 C12  C Y N 85  
I77 C13  C N N 86  
I77 C17  C Y N 87  
I77 C18  C Y N 88  
I77 C02  C N N 89  
I77 C03  C Y N 90  
I77 C04  C Y N 91  
I77 C05  C Y N 92  
I77 C06  C Y N 93  
I77 C08  C Y N 94  
I77 C09  C Y N 95  
I77 N01  N N N 96  
I77 N07  N Y N 97  
I77 N10  N Y N 98  
I77 N14  N N N 99  
I77 N15  N N N 100 
I77 O16  O N N 101 
I77 O19  O N N 102 
I77 H111 H N N 103 
I77 H171 H N N 104 
I77 H181 H N N 105 
I77 H041 H N N 106 
I77 H051 H N N 107 
I77 H061 H N N 108 
I77 H011 H N N 109 
I77 H012 H N N 110 
I77 H141 H N N 111 
I77 H1   H N N 112 
I77 H2   H N N 113 
ILE N    N N N 114 
ILE CA   C N S 115 
ILE C    C N N 116 
ILE O    O N N 117 
ILE CB   C N S 118 
ILE CG1  C N N 119 
ILE CG2  C N N 120 
ILE CD1  C N N 121 
ILE OXT  O N N 122 
ILE H    H N N 123 
ILE H2   H N N 124 
ILE HA   H N N 125 
ILE HB   H N N 126 
ILE HG12 H N N 127 
ILE HG13 H N N 128 
ILE HG21 H N N 129 
ILE HG22 H N N 130 
ILE HG23 H N N 131 
ILE HD11 H N N 132 
ILE HD12 H N N 133 
ILE HD13 H N N 134 
ILE HXT  H N N 135 
LEU N    N N N 136 
LEU CA   C N S 137 
LEU C    C N N 138 
LEU O    O N N 139 
LEU CB   C N N 140 
LEU CG   C N N 141 
LEU CD1  C N N 142 
LEU CD2  C N N 143 
LEU OXT  O N N 144 
LEU H    H N N 145 
LEU H2   H N N 146 
LEU HA   H N N 147 
LEU HB2  H N N 148 
LEU HB3  H N N 149 
LEU HG   H N N 150 
LEU HD11 H N N 151 
LEU HD12 H N N 152 
LEU HD13 H N N 153 
LEU HD21 H N N 154 
LEU HD22 H N N 155 
LEU HD23 H N N 156 
LEU HXT  H N N 157 
# 
loop_
_chem_comp_bond.comp_id 
_chem_comp_bond.atom_id_1 
_chem_comp_bond.atom_id_2 
_chem_comp_bond.value_order 
_chem_comp_bond.pdbx_aromatic_flag 
_chem_comp_bond.pdbx_stereo_config 
_chem_comp_bond.pdbx_ordinal 
AIB N   CA   sing N N 1   
AIB N   H    sing N N 2   
AIB N   H2   sing N N 3   
AIB CA  C    sing N N 4   
AIB CA  CB1  sing N N 5   
AIB CA  CB2  sing N N 6   
AIB C   O    doub N N 7   
AIB C   OXT  sing N N 8   
AIB OXT HXT  sing N N 9   
AIB CB1 HB11 sing N N 10  
AIB CB1 HB12 sing N N 11  
AIB CB1 HB13 sing N N 12  
AIB CB2 HB21 sing N N 13  
AIB CB2 HB22 sing N N 14  
AIB CB2 HB23 sing N N 15  
ALA N   CA   sing N N 16  
ALA N   H    sing N N 17  
ALA N   H2   sing N N 18  
ALA CA  C    sing N N 19  
ALA CA  CB   sing N N 20  
ALA CA  HA   sing N N 21  
ALA C   O    doub N N 22  
ALA C   OXT  sing N N 23  
ALA CB  HB1  sing N N 24  
ALA CB  HB2  sing N N 25  
ALA CB  HB3  sing N N 26  
ALA OXT HXT  sing N N 27  
GLN N   CA   sing N N 28  
GLN N   H    sing N N 29  
GLN N   H2   sing N N 30  
GLN CA  C    sing N N 31  
GLN CA  CB   sing N N 32  
GLN CA  HA   sing N N 33  
GLN C   O    doub N N 34  
GLN C   OXT  sing N N 35  
GLN CB  CG   sing N N 36  
GLN CB  HB2  sing N N 37  
GLN CB  HB3  sing N N 38  
GLN CG  CD   sing N N 39  
GLN CG  HG2  sing N N 40  
GLN CG  HG3  sing N N 41  
GLN CD  OE1  doub N N 42  
GLN CD  NE2  sing N N 43  
GLN NE2 HE21 sing N N 44  
GLN NE2 HE22 sing N N 45  
GLN OXT HXT  sing N N 46  
HOH O   H1   sing N N 47  
HOH O   H2   sing N N 48  
I6W O01 C02  doub N N 49  
I6W C02 C03  sing N N 50  
I6W C03 C06  doub Y N 51  
I6W C03 C04  sing Y N 52  
I6W C06 N07  sing Y N 53  
I6W C04 C05  doub Y N 54  
I6W N07 C08  doub Y N 55  
I6W C05 C08  sing Y N 56  
I6W C08 C09  sing N N 57  
I6W C09 C19  doub Y N 58  
I6W C09 N10  sing Y N 59  
I6W C19 C18  sing Y N 60  
I6W N10 C11  doub Y N 61  
I6W C18 C12  doub Y N 62  
I6W C11 C12  sing Y N 63  
I6W C12 C13  sing N N 64  
I6W C13 O17  doub N N 65  
I6W C13 O14  sing N N 66  
I6W O14 C15  sing N N 67  
I6W C15 C16  sing N N 68  
I6W C05 H051 sing N N 69  
I6W C02 H1   sing N N 70  
I6W C04 H041 sing N N 71  
I6W C06 H061 sing N N 72  
I6W C11 H111 sing N N 73  
I6W C15 H152 sing N N 74  
I6W C15 H151 sing N N 75  
I6W C16 H162 sing N N 76  
I6W C16 H163 sing N N 77  
I6W C16 H161 sing N N 78  
I6W C18 H181 sing N N 79  
I6W C19 H191 sing N N 80  
I77 N15 N14  sing N N 81  
I77 O16 C13  doub N N 82  
I77 N14 C13  sing N N 83  
I77 C13 C12  sing N N 84  
I77 C12 C17  doub Y N 85  
I77 C12 C11  sing Y N 86  
I77 C17 C18  sing Y N 87  
I77 C11 N10  doub Y N 88  
I77 C18 C09  doub Y N 89  
I77 N10 C09  sing Y N 90  
I77 C09 C08  sing N N 91  
I77 C08 N07  doub Y N 92  
I77 C08 C05  sing Y N 93  
I77 N07 C06  sing Y N 94  
I77 C05 C04  doub Y N 95  
I77 C06 C03  doub Y N 96  
I77 C04 C03  sing Y N 97  
I77 C03 C02  sing N N 98  
I77 C02 N01  sing N N 99  
I77 C02 O19  doub N N 100 
I77 C11 H111 sing N N 101 
I77 C17 H171 sing N N 102 
I77 C18 H181 sing N N 103 
I77 C04 H041 sing N N 104 
I77 C05 H051 sing N N 105 
I77 C06 H061 sing N N 106 
I77 N01 H011 sing N N 107 
I77 N01 H012 sing N N 108 
I77 N14 H141 sing N N 109 
I77 N15 H1   sing N N 110 
I77 N15 H2   sing N N 111 
ILE N   CA   sing N N 112 
ILE N   H    sing N N 113 
ILE N   H2   sing N N 114 
ILE CA  C    sing N N 115 
ILE CA  CB   sing N N 116 
ILE CA  HA   sing N N 117 
ILE C   O    doub N N 118 
ILE C   OXT  sing N N 119 
ILE CB  CG1  sing N N 120 
ILE CB  CG2  sing N N 121 
ILE CB  HB   sing N N 122 
ILE CG1 CD1  sing N N 123 
ILE CG1 HG12 sing N N 124 
ILE CG1 HG13 sing N N 125 
ILE CG2 HG21 sing N N 126 
ILE CG2 HG22 sing N N 127 
ILE CG2 HG23 sing N N 128 
ILE CD1 HD11 sing N N 129 
ILE CD1 HD12 sing N N 130 
ILE CD1 HD13 sing N N 131 
ILE OXT HXT  sing N N 132 
LEU N   CA   sing N N 133 
LEU N   H    sing N N 134 
LEU N   H2   sing N N 135 
LEU CA  C    sing N N 136 
LEU CA  CB   sing N N 137 
LEU CA  HA   sing N N 138 
LEU C   O    doub N N 139 
LEU C   OXT  sing N N 140 
LEU CB  CG   sing N N 141 
LEU CB  HB2  sing N N 142 
LEU CB  HB3  sing N N 143 
LEU CG  CD1  sing N N 144 
LEU CG  CD2  sing N N 145 
LEU CG  HG   sing N N 146 
LEU CD1 HD11 sing N N 147 
LEU CD1 HD12 sing N N 148 
LEU CD1 HD13 sing N N 149 
LEU CD2 HD21 sing N N 150 
LEU CD2 HD22 sing N N 151 
LEU CD2 HD23 sing N N 152 
LEU OXT HXT  sing N N 153 
# 
_pdbx_audit_support.funding_organization   'Department of Energy (DOE, United States)' 
_pdbx_audit_support.country                'United States' 
_pdbx_audit_support.grant_number           DE-AC02-06CH11357 
_pdbx_audit_support.ordinal                1 
# 
loop_
_pdbx_entity_instance_feature.ordinal 
_pdbx_entity_instance_feature.comp_id 
_pdbx_entity_instance_feature.asym_id 
_pdbx_entity_instance_feature.seq_num 
_pdbx_entity_instance_feature.auth_comp_id 
_pdbx_entity_instance_feature.auth_asym_id 
_pdbx_entity_instance_feature.auth_seq_num 
_pdbx_entity_instance_feature.feature_type 
_pdbx_entity_instance_feature.details 
1 AIB ? ? AIB ? ? 'SUBJECT OF INVESTIGATION' ? 
2 I6W ? ? I6W ? ? 'SUBJECT OF INVESTIGATION' ? 
3 I77 ? ? I77 ? ? 'SUBJECT OF INVESTIGATION' ? 
# 
_pdbx_initial_refinement_model.id               1 
_pdbx_initial_refinement_model.entity_id_list   ? 
_pdbx_initial_refinement_model.type             'experimental model' 
_pdbx_initial_refinement_model.source_name      PDB 
_pdbx_initial_refinement_model.accession_code   7TLS 
_pdbx_initial_refinement_model.details          ? 
# 
_space_group.name_H-M_alt     'P 1' 
_space_group.name_Hall        'P 1' 
_space_group.IT_number        1 
_space_group.crystal_system   triclinic 
_space_group.id               1 
# 
_atom_sites.entry_id                    8V61 
_atom_sites.Cartn_transf_matrix[1][1]   ? 
_atom_sites.Cartn_transf_matrix[1][2]   ? 
_atom_sites.Cartn_transf_matrix[1][3]   ? 
_atom_sites.Cartn_transf_matrix[2][1]   ? 
_atom_sites.Cartn_transf_matrix[2][2]   ? 
_atom_sites.Cartn_transf_matrix[2][3]   ? 
_atom_sites.Cartn_transf_matrix[3][1]   ? 
_atom_sites.Cartn_transf_matrix[3][2]   ? 
_atom_sites.Cartn_transf_matrix[3][3]   ? 
_atom_sites.Cartn_transf_vector[1]      ? 
_atom_sites.Cartn_transf_vector[2]      ? 
_atom_sites.Cartn_transf_vector[3]      ? 
_atom_sites.Cartn_transform_axes        ? 
_atom_sites.fract_transf_matrix[1][1]   0.03866758 
_atom_sites.fract_transf_matrix[1][2]   0.03083712 
_atom_sites.fract_transf_matrix[1][3]   -0.08342925 
_atom_sites.fract_transf_matrix[2][1]   -0.03233466 
_atom_sites.fract_transf_matrix[2][2]   -0.00787485 
_atom_sites.fract_transf_matrix[2][3]   -0.01820511 
_atom_sites.fract_transf_matrix[3][1]   -0.02021757 
_atom_sites.fract_transf_matrix[3][2]   0.02600437 
_atom_sites.fract_transf_matrix[3][3]   -0.00001687 
_atom_sites.fract_transf_vector[1]      -0.156790 
_atom_sites.fract_transf_vector[2]      0.070363 
_atom_sites.fract_transf_vector[3]      0.385046 
_atom_sites.solution_primary            ? 
_atom_sites.solution_secondary          ? 
_atom_sites.solution_hydrogens          ? 
_atom_sites.special_details             ? 
# 
loop_
_atom_type.symbol 
_atom_type.scat_dispersion_real 
_atom_type.scat_dispersion_imag 
_atom_type.scat_Cromer_Mann_a1 
_atom_type.scat_Cromer_Mann_a2 
_atom_type.scat_Cromer_Mann_a3 
_atom_type.scat_Cromer_Mann_a4 
_atom_type.scat_Cromer_Mann_b1 
_atom_type.scat_Cromer_Mann_b2 
_atom_type.scat_Cromer_Mann_b3 
_atom_type.scat_Cromer_Mann_b4 
_atom_type.scat_Cromer_Mann_c 
_atom_type.scat_source 
_atom_type.scat_dispersion_source 
C ? ? 3.54356 2.42580 ? ? 25.62398 1.50364 ? ? 0.0 
;2-Gaussian fit: Grosse-Kunstleve RW, Sauter NK, Adams PD: Newsletter of the IUCr Commission on Crystallographic Computing 2004, 3, 22-31.
;
? 
H ? ? 0.51345 0.48472 ? ? 24.73122 6.32584 ? ? 0.0 
;2-Gaussian fit: Grosse-Kunstleve RW, Sauter NK, Adams PD: Newsletter of the IUCr Commission on Crystallographic Computing 2004, 3, 22-31.
;
? 
N ? ? 4.01032 2.96436 ? ? 19.97189 1.75589 ? ? 0.0 
;2-Gaussian fit: Grosse-Kunstleve RW, Sauter NK, Adams PD: Newsletter of the IUCr Commission on Crystallographic Computing 2004, 3, 22-31.
;
? 
O ? ? 4.49882 3.47563 ? ? 15.80542 1.70748 ? ? 0.0 
;2-Gaussian fit: Grosse-Kunstleve RW, Sauter NK, Adams PD: Newsletter of the IUCr Commission on Crystallographic Computing 2004, 3, 22-31.
;
? 
# 
loop_
_atom_site.group_PDB 
_atom_site.id 
_atom_site.type_symbol 
_atom_site.label_atom_id 
_atom_site.label_alt_id 
_atom_site.label_comp_id 
_atom_site.label_asym_id 
_atom_site.label_entity_id 
_atom_site.label_seq_id 
_atom_site.pdbx_PDB_ins_code 
_atom_site.Cartn_x 
_atom_site.Cartn_y 
_atom_site.Cartn_z 
_atom_site.occupancy 
_atom_site.B_iso_or_equiv 
_atom_site.pdbx_formal_charge 
_atom_site.auth_seq_id 
_atom_site.auth_comp_id 
_atom_site.auth_asym_id 
_atom_site.auth_atom_id 
_atom_site.pdbx_PDB_model_num 
HETATM 1   C C05  . I6W A 1 1  ? 15.45188  -6.88317  8.62276   1.000 21.48655 ? 1   I6W A C05  1 
HETATM 2   C C08  . I6W A 1 1  ? 16.67204  -7.35177  8.88491   1.000 20.90748 ? 1   I6W A C08  1 
HETATM 3   C C09  . I6W A 1 1  ? 16.94922  -8.76423  8.44579   1.000 26.71050 ? 1   I6W A C09  1 
HETATM 4   N N10  . I6W A 1 1  ? 15.97919  -9.42757  7.86627   1.000 27.96917 ? 1   I6W A N10  1 
HETATM 5   C C02  . I6W A 1 1  ? 15.64266  -3.43935  9.97869   1.000 20.52417 ? 1   I6W A C02  1 
HETATM 6   C C03  . I6W A 1 1  ? 16.07352  -4.84627  9.63303   1.000 21.35862 ? 1   I6W A C03  1 
HETATM 7   C C04  . I6W A 1 1  ? 15.11539  -5.59288  8.97724   1.000 22.63083 ? 1   I6W A C04  1 
HETATM 8   C C06  . I6W A 1 1  ? 17.32524  -5.35241  9.88817   1.000 21.12957 ? 1   I6W A C06  1 
HETATM 9   C C11  . I6W A 1 1  ? 16.13931  -10.65869 7.45001   1.000 29.93628 ? 1   I6W A C11  1 
HETATM 10  C C12  . I6W A 1 1  ? 17.36475  -11.27779 7.61039   1.000 30.56212 ? 1   I6W A C12  1 
HETATM 11  C C13  . I6W A 1 1  ? 17.55344  -12.73629 7.11128   1.000 37.02009 ? 1   I6W A C13  1 
HETATM 12  C C15  . I6W A 1 1  ? 16.19410  -14.70781 6.88680   1.000 39.09474 ? 1   I6W A C15  1 
HETATM 13  C C16  . I6W A 1 1  ? 14.71955  -15.06658 6.53707   1.000 35.96058 ? 1   I6W A C16  1 
HETATM 14  C C18  . I6W A 1 1  ? 18.40666  -10.61302 8.19883   1.000 33.03163 ? 1   I6W A C18  1 
HETATM 15  C C19  . I6W A 1 1  ? 18.19496  -9.30799  8.63065   1.000 28.45409 ? 1   I6W A C19  1 
HETATM 16  N N07  . I6W A 1 1  ? 17.58257  -6.60292  9.51549   1.000 23.25864 ? 1   I6W A N07  1 
HETATM 17  O O01  . I6W A 1 1  ? 14.58039  -3.04314  9.59448   1.000 23.53402 ? 1   I6W A O01  1 
HETATM 18  O O14  . I6W A 1 1  ? 16.44463  -13.35809 6.47548   1.000 38.20251 ? 1   I6W A O14  1 
HETATM 19  O O17  . I6W A 1 1  ? 18.58211  -13.28923 7.26459   1.000 41.60145 ? 1   I6W A O17  1 
HETATM 20  H H051 . I6W A 1 1  ? 14.73316  -7.50813  8.13787   1.000 25.91356 ? 1   I6W A H051 1 
HETATM 21  H H041 . I6W A 1 1  ? 14.10571  -5.16835  8.74375   1.000 27.28670 ? 1   I6W A H041 1 
HETATM 22  H H061 . I6W A 1 1  ? 18.08259  -4.74807  10.38028  1.000 25.48519 ? 1   I6W A H061 1 
HETATM 23  H H111 . I6W A 1 1  ? 15.33136  -11.17948 6.99146   1.000 36.05324 ? 1   I6W A H111 1 
HETATM 24  H H152 . I6W A 1 1  ? 16.34570  -14.79698 7.95529   1.000 47.04339 ? 1   I6W A H152 1 
HETATM 25  H H151 . I6W A 1 1  ? 16.86494  -15.37853 6.36570   1.000 47.04339 ? 1   I6W A H151 1 
HETATM 26  H H162 . I6W A 1 1  ? 14.03722  -14.52123 7.21534   1.000 43.28240 ? 1   I6W A H162 1 
HETATM 27  H H163 . I6W A 1 1  ? 14.56833  -16.15561 6.65752   1.000 43.28240 ? 1   I6W A H163 1 
HETATM 28  H H161 . I6W A 1 1  ? 14.50906  -14.77871 5.49040   1.000 43.28240 ? 1   I6W A H161 1 
HETATM 29  H H181 . I6W A 1 1  ? 19.37663  -11.09382 8.32637   1.000 39.76766 ? 1   I6W A H181 1 
ATOM   30  N N    . LEU A 1 2  ? 16.54348  -2.74350  10.83585  1.000 21.88335 ? 2   LEU A N    1 
ATOM   31  C CA   . LEU A 1 2  ? 15.94775  -1.51280  11.33016  1.000 25.47513 ? 2   LEU A CA   1 
ATOM   32  C C    . LEU A 1 2  ? 15.50738  -0.57785  10.18393  1.000 25.66206 ? 2   LEU A C    1 
ATOM   33  O O    . LEU A 1 2  ? 14.44301  0.05135   10.25043  1.000 28.74557 ? 2   LEU A O    1 
ATOM   34  C CB   . LEU A 1 2  ? 16.96818  -0.81767  12.21921  1.000 25.37416 ? 2   LEU A CB   1 
ATOM   35  C CG   . LEU A 1 2  ? 16.45972  0.14557   13.28496  1.000 28.88911 ? 2   LEU A CG   1 
ATOM   36  C CD1  . LEU A 1 2  ? 15.24814  -0.36903  14.04012  1.000 30.27406 ? 2   LEU A CD1  1 
ATOM   37  C CD2  . LEU A 1 2  ? 17.57422  0.46804   14.27047  1.000 31.68050 ? 2   LEU A CD2  1 
ATOM   38  H H    . LEU A 1 2  ? 16.95800  -3.19604  11.43827  1.000 26.38972 ? 2   LEU A H    1 
ATOM   39  H HA   . LEU A 1 2  ? 15.14765  -1.71273  11.83967  1.000 30.69986 ? 2   LEU A HA   1 
ATOM   40  H HB2  . LEU A 1 2  ? 17.46894  -1.50725  12.68442  1.000 30.57870 ? 2   LEU A HB2  1 
ATOM   41  H HB3  . LEU A 1 2  ? 17.55986  -0.30864  11.64416  1.000 30.57870 ? 2   LEU A HB3  1 
ATOM   42  H HG   . LEU A 1 2  ? 16.17564  0.95042   12.82481  1.000 34.79664 ? 2   LEU A HG   1 
ATOM   43  H HD11 . LEU A 1 2  ? 14.98092  0.29257   14.69652  1.000 36.45857 ? 2   LEU A HD11 1 
ATOM   44  H HD12 . LEU A 1 2  ? 14.52562  -0.51951  13.41067  1.000 36.45857 ? 2   LEU A HD12 1 
ATOM   45  H HD13 . LEU A 1 2  ? 15.48092  -1.19983  14.48159  1.000 36.45857 ? 2   LEU A HD13 1 
ATOM   46  H HD21 . LEU A 1 2  ? 17.23480  1.08112   14.94132  1.000 38.14631 ? 2   LEU A HD21 1 
ATOM   47  H HD22 . LEU A 1 2  ? 17.87105  -0.35352  14.69205  1.000 38.14631 ? 2   LEU A HD22 1 
ATOM   48  H HD23 . LEU A 1 2  ? 18.31010  0.87771   13.79015  1.000 38.14631 ? 2   LEU A HD23 1 
HETATM 49  N N    . AIB A 1 3  ? 16.29573  -0.53309  9.11749   1.000 24.72243 ? 3   AIB A N    1 
HETATM 50  C CA   . AIB A 1 3  ? 16.02285  0.26605   7.93071   1.000 25.14557 ? 3   AIB A CA   1 
HETATM 51  C C    . AIB A 1 3  ? 14.64675  0.09002   7.27386   1.000 25.89529 ? 3   AIB A C    1 
HETATM 52  O O    . AIB A 1 3  ? 14.04650  0.97955   6.65314   1.000 24.71487 ? 3   AIB A O    1 
HETATM 53  C CB1  . AIB A 1 3  ? 16.15894  1.77298   8.20151   1.000 27.04493 ? 3   AIB A CB1  1 
HETATM 54  C CB2  . AIB A 1 3  ? 16.95348  -0.12457  6.77281   1.000 27.52744 ? 3   AIB A CB2  1 
HETATM 55  H H    . AIB A 1 3  ? 17.27577  -0.73633  9.14778   1.000 29.79661 ? 3   AIB A H    1 
HETATM 56  H HB11 . AIB A 1 3  ? 15.18689  2.17775   8.57085   1.000 32.58362 ? 3   AIB A HB11 1 
HETATM 57  H HB12 . AIB A 1 3  ? 16.94622  1.94729   8.97413   1.000 32.58362 ? 3   AIB A HB12 1 
HETATM 58  H HB13 . AIB A 1 3  ? 16.44329  2.30123   7.26064   1.000 32.58362 ? 3   AIB A HB13 1 
HETATM 59  H HB21 . AIB A 1 3  ? 18.00914  0.09342   7.06365   1.000 33.16263 ? 3   AIB A HB21 1 
HETATM 60  H HB22 . AIB A 1 3  ? 16.83450  -1.21534  6.56278   1.000 33.16263 ? 3   AIB A HB22 1 
HETATM 61  H HB23 . AIB A 1 3  ? 16.67842  0.46913   5.86742   1.000 33.16263 ? 3   AIB A HB23 1 
ATOM   62  N N    . ALA A 1 4  ? 14.11731  -1.12078  7.40830   1.000 23.66169 ? 4   ALA A N    1 
ATOM   63  C CA   . ALA A 1 4  ? 12.82585  -1.42604  6.80934   1.000 21.20726 ? 4   ALA A CA   1 
ATOM   64  C C    . ALA A 1 4  ? 11.69638  -0.64059  7.47254   1.000 21.94125 ? 4   ALA A C    1 
ATOM   65  O O    . ALA A 1 4  ? 10.60331  -0.57370  6.92940   1.000 25.76739 ? 4   ALA A O    1 
ATOM   66  C CB   . ALA A 1 4  ? 12.55625  -2.91496  6.85151   1.000 23.31242 ? 4   ALA A CB   1 
ATOM   67  H H    . ALA A 1 4  ? 14.48202  -1.77176  7.83610   1.000 28.52373 ? 4   ALA A H    1 
ATOM   68  H HA   . ALA A 1 4  ? 12.84720  -1.16051  5.87706   1.000 25.57841 ? 4   ALA A HA   1 
ATOM   69  H HB1  . ALA A 1 4  ? 11.67434  -3.08658  6.48277   1.000 28.10460 ? 4   ALA A HB1  1 
ATOM   70  H HB2  . ALA A 1 4  ? 13.22959  -3.37347  6.32564   1.000 28.10460 ? 4   ALA A HB2  1 
ATOM   71  H HB3  . ALA A 1 4  ? 12.59327  -3.21618  7.77266   1.000 28.10460 ? 4   ALA A HB3  1 
HETATM 72  N N    . AIB A 1 5  ? 11.95388  -0.04191  8.63060   1.000 20.73505 ? 5   AIB A N    1 
HETATM 73  C CA   . AIB A 1 5  ? 10.99939  0.86435   9.26251   1.000 23.37363 ? 5   AIB A CA   1 
HETATM 74  C C    . AIB A 1 5  ? 10.59302  1.99433   8.30549   1.000 20.31511 ? 5   AIB A C    1 
HETATM 75  O O    . AIB A 1 5  ? 9.44377   2.41681   8.16839   1.000 19.33882 ? 5   AIB A O    1 
HETATM 76  C CB1  . AIB A 1 5  ? 9.70425   0.15663   9.68561   1.000 25.68548 ? 5   AIB A CB1  1 
HETATM 77  C CB2  . AIB A 1 5  ? 11.60823  1.52726   10.51844  1.000 24.23109 ? 5   AIB A CB2  1 
HETATM 78  H H    . AIB A 1 5  ? 12.87529  0.13001   8.98203   1.000 25.01176 ? 5   AIB A H    1 
HETATM 79  H HB11 . AIB A 1 5  ? 9.21920   -0.30592  8.79278   1.000 30.95228 ? 5   AIB A HB11 1 
HETATM 80  H HB12 . AIB A 1 5  ? 9.93569   -0.63955  10.43182  1.000 30.95228 ? 5   AIB A HB12 1 
HETATM 81  H HB13 . AIB A 1 5  ? 9.00349   0.89652   10.14218  1.000 30.95228 ? 5   AIB A HB13 1 
HETATM 82  H HB21 . AIB A 1 5  ? 12.29390  0.80160   11.01831  1.000 29.20702 ? 5   AIB A HB21 1 
HETATM 83  H HB22 . AIB A 1 5  ? 12.17607  2.43847   10.21048  1.000 29.20702 ? 5   AIB A HB22 1 
HETATM 84  H HB23 . AIB A 1 5  ? 10.78291  1.81199   11.21628  1.000 29.20702 ? 5   AIB A HB23 1 
ATOM   85  N N    . ILE A 1 6  ? 11.60873  2.47702   7.59975   1.000 21.14018 ? 6   ILE A N    1 
ATOM   86  C CA   . ILE A 1 6  ? 11.43459  3.57096   6.65200   1.000 24.64112 ? 6   ILE A CA   1 
ATOM   87  C C    . ILE A 1 6  ? 10.55677  3.10182   5.52646   1.000 22.86342 ? 6   ILE A C    1 
ATOM   88  O O    . ILE A 1 6  ? 9.59098   3.76178   5.16710   1.000 21.33228 ? 6   ILE A O    1 
ATOM   89  C CB   . ILE A 1 6  ? 12.77914  4.05101   6.10334   1.000 29.16662 ? 6   ILE A CB   1 
ATOM   90  C CG1  . ILE A 1 6  ? 13.59716  4.72444   7.19754   1.000 32.69841 ? 6   ILE A CG1  1 
ATOM   91  C CG2  . ILE A 1 6  ? 12.57269  5.02850   4.95176   1.000 31.65391 ? 6   ILE A CG2  1 
ATOM   92  C CD1  . ILE A 1 6  ? 15.04817  4.91876   6.80531   1.000 33.28341 ? 6   ILE A CD1  1 
ATOM   93  H H    . ILE A 1 6  ? 12.41597  2.18506   7.65085   1.000 25.49792 ? 6   ILE A H    1 
ATOM   94  H HA   . ILE A 1 6  ? 11.01620  4.32010   7.10461   1.000 29.69904 ? 6   ILE A HA   1 
ATOM   95  H HB   . ILE A 1 6  ? 13.25894  3.27243   5.78092   1.000 35.12965 ? 6   ILE A HB   1 
ATOM   96  H HG12 . ILE A 1 6  ? 13.21742  5.59720   7.38509   1.000 39.36779 ? 6   ILE A HG12 1 
ATOM   97  H HG13 . ILE A 1 6  ? 13.57282  4.17403   7.99572   1.000 39.36779 ? 6   ILE A HG13 1 
ATOM   98  H HG21 . ILE A 1 6  ? 13.43884  5.32802   4.63254   1.000 38.11440 ? 6   ILE A HG21 1 
ATOM   99  H HG22 . ILE A 1 6  ? 12.09439  4.57890   4.23711   1.000 38.11440 ? 6   ILE A HG22 1 
ATOM   100 H HG23 . ILE A 1 6  ? 12.05658  5.78645   5.26923   1.000 38.11440 ? 6   ILE A HG23 1 
ATOM   101 H HD11 . ILE A 1 6  ? 15.52349  5.32806   7.54571   1.000 40.06979 ? 6   ILE A HD11 1 
ATOM   102 H HD12 . ILE A 1 6  ? 15.43799  4.05510   6.59905   1.000 40.06979 ? 6   ILE A HD12 1 
ATOM   103 H HD13 . ILE A 1 6  ? 15.09034  5.49571   6.02648   1.000 40.06979 ? 6   ILE A HD13 1 
HETATM 104 N N    . AIB A 1 7  ? 10.91901  1.95682   4.97174   1.000 21.36087 ? 7   AIB A N    1 
HETATM 105 C CA   . AIB A 1 7  ? 10.22106  1.40079   3.85397   1.000 25.45203 ? 7   AIB A CA   1 
HETATM 106 C C    . AIB A 1 7  ? 8.74222   1.24558   4.16694   1.000 23.47042 ? 7   AIB A C    1 
HETATM 107 O O    . AIB A 1 7  ? 7.85743   1.58952   3.39054   1.000 25.23166 ? 7   AIB A O    1 
HETATM 108 C CB1  . AIB A 1 7  ? 10.34355  2.35024   2.65197   1.000 27.27292 ? 7   AIB A CB1  1 
HETATM 109 C CB2  . AIB A 1 7  ? 10.78057  0.01282   3.49457   1.000 27.23980 ? 7   AIB A CB2  1 
HETATM 110 H H    . AIB A 1 7  ? 11.43351  1.24119   5.44554   1.000 25.76275 ? 7   AIB A H    1 
HETATM 111 H HB11 . AIB A 1 7  ? 9.66707   3.22660   2.79478   1.000 32.85721 ? 7   AIB A HB11 1 
HETATM 112 H HB12 . AIB A 1 7  ? 11.39624  2.71008   2.56217   1.000 32.85721 ? 7   AIB A HB12 1 
HETATM 113 H HB13 . AIB A 1 7  ? 10.05746  1.81308   1.71751   1.000 32.85721 ? 7   AIB A HB13 1 
HETATM 114 H HB21 . AIB A 1 7  ? 11.88554  0.01193   3.65488   1.000 32.81746 ? 7   AIB A HB21 1 
HETATM 115 H HB22 . AIB A 1 7  ? 10.30034  -0.75406  4.15006   1.000 32.81746 ? 7   AIB A HB22 1 
HETATM 116 H HB23 . AIB A 1 7  ? 10.55145  -0.20654  2.42406   1.000 32.81746 ? 7   AIB A HB23 1 
ATOM   117 N N    A GLN A 1 8  ? 8.47138   0.71911   5.35270   0.675 24.54876 ? 8   GLN A N    1 
ATOM   118 N N    B GLN A 1 8  ? 8.46409   0.70838   5.34997   0.325 24.16790 ? 8   GLN A N    1 
ATOM   119 C CA   A GLN A 1 8  ? 7.09202   0.48042   5.74273   0.675 26.06446 ? 8   GLN A CA   1 
ATOM   120 C CA   B GLN A 1 8  ? 7.08100   0.48706   5.75628   0.325 26.18008 ? 8   GLN A CA   1 
ATOM   121 C C    A GLN A 1 8  ? 6.37277   1.81251   5.94765   0.675 23.10435 ? 8   GLN A C    1 
ATOM   122 C C    B GLN A 1 8  ? 6.37619   1.82402   5.93135   0.325 24.20127 ? 8   GLN A C    1 
ATOM   123 O O    A GLN A 1 8  ? 5.23825   1.98527   5.45761   0.675 25.58114 ? 8   GLN A O    1 
ATOM   124 O O    B GLN A 1 8  ? 5.25582   2.00905   5.43152   0.325 22.95986 ? 8   GLN A O    1 
ATOM   125 C CB   A GLN A 1 8  ? 6.99923   -0.42058  6.97659   0.675 32.32240 ? 8   GLN A CB   1 
ATOM   126 C CB   B GLN A 1 8  ? 7.00490   -0.31606  7.05267   0.325 30.66219 ? 8   GLN A CB   1 
ATOM   127 C CG   A GLN A 1 8  ? 7.74251   -1.75169  6.82072   0.675 33.28924 ? 8   GLN A CG   1 
ATOM   128 C CG   B GLN A 1 8  ? 5.59970   -0.79145  7.41576   0.325 30.63679 ? 8   GLN A CG   1 
ATOM   129 C CD   A GLN A 1 8  ? 6.88142   -2.86614  6.23309   0.675 38.31415 ? 8   GLN A CD   1 
ATOM   130 C CD   B GLN A 1 8  ? 5.27944   -2.14917  6.82810   0.325 32.18234 ? 8   GLN A CD   1 
ATOM   131 O OE1  A GLN A 1 8  ? 5.66651   -2.72525  6.08383   0.675 41.74926 ? 8   GLN A OE1  1 
ATOM   132 O OE1  B GLN A 1 8  ? 5.49572   -2.38965  5.64012   0.325 34.76959 ? 8   GLN A OE1  1 
ATOM   133 N NE2  A GLN A 1 8  ? 7.52094   -3.98290  5.89117   0.675 39.40223 ? 8   GLN A NE2  1 
ATOM   134 N NE2  B GLN A 1 8  ? 4.77425   -3.05313  7.66273   0.325 33.46886 ? 8   GLN A NE2  1 
ATOM   135 H H    A GLN A 1 8  ? 9.05955   0.49530   5.93953   0.675 29.58821 ? 8   GLN A H    1 
ATOM   136 H H    B GLN A 1 8  ? 9.05137   0.46614   5.92960   0.325 29.13118 ? 8   GLN A H    1 
ATOM   137 H HA   A GLN A 1 8  ? 6.63033   -0.00058  5.03839   0.675 31.40705 ? 8   GLN A HA   1 
ATOM   138 H HA   B GLN A 1 8  ? 6.62534   -0.02851  5.07356   0.325 31.54580 ? 8   GLN A HA   1 
ATOM   139 H HB2  A GLN A 1 8  ? 7.38365   0.04725   7.73394   0.675 38.91659 ? 8   GLN A HB2  1 
ATOM   140 H HB2  B GLN A 1 8  ? 7.56688   -1.10154  6.96365   0.325 36.92433 ? 8   GLN A HB2  1 
ATOM   141 H HB3  A GLN A 1 8  ? 6.06593   -0.62042  7.14792   0.675 38.91659 ? 8   GLN A HB3  1 
ATOM   142 H HB3  B GLN A 1 8  ? 7.32418   0.23917   7.78098   0.325 36.92433 ? 8   GLN A HB3  1 
ATOM   143 H HG2  A GLN A 1 8  ? 8.50090   -1.61971  6.23150   0.675 40.07679 ? 8   GLN A HG2  1 
ATOM   144 H HG2  B GLN A 1 8  ? 5.52571   -0.85596  8.38066   0.325 36.89385 ? 8   GLN A HG2  1 
ATOM   145 H HG3  A GLN A 1 8  ? 8.04839   -2.04278  7.69452   0.675 40.07679 ? 8   GLN A HG3  1 
ATOM   146 H HG3  B GLN A 1 8  ? 4.95183   -0.15537  7.07458   0.325 36.89385 ? 8   GLN A HG3  1 
ATOM   147 H HE21 A GLN A 1 8  ? 8.37121   -4.04376  6.00677   0.675 47.41238 ? 8   GLN A HE21 1 
ATOM   148 H HE21 B GLN A 1 8  ? 4.57564   -3.83980  7.37635   0.325 40.29233 ? 8   GLN A HE21 1 
ATOM   149 H HE22 A GLN A 1 8  ? 7.08441   -4.64297  5.55498   0.675 47.41238 ? 8   GLN A HE22 1 
ATOM   150 H HE22 B GLN A 1 8  ? 4.64566   -2.85110  8.48871   0.325 40.29233 ? 8   GLN A HE22 1 
HETATM 151 N N    . AIB A 1 9  ? 7.00963   2.74131   6.65701   1.000 24.67592 ? 9   AIB A N    1 
HETATM 152 C CA   . AIB A 1 9  ? 6.44306   4.05530   6.89144   1.000 26.42337 ? 9   AIB A CA   1 
HETATM 153 C C    . AIB A 1 9  ? 5.83410   4.73373   5.65621   1.000 23.98643 ? 9   AIB A C    1 
HETATM 154 O O    . AIB A 1 9  ? 4.76680   5.34541   5.65892   1.000 27.28445 ? 9   AIB A O    1 
HETATM 155 C CB1  . AIB A 1 9  ? 5.34428   3.97060   7.95242   1.000 28.19801 ? 9   AIB A CB1  1 
HETATM 156 C CB2  . AIB A 1 9  ? 7.50392   5.02232   7.45652   1.000 25.94097 ? 9   AIB A CB2  1 
HETATM 157 H H    . AIB A 1 9  ? 7.70816   2.54130   7.34448   1.000 29.74081 ? 9   AIB A H    1 
HETATM 158 H HB11 . AIB A 1 9  ? 4.51937   3.31382   7.58743   1.000 33.96732 ? 9   AIB A HB11 1 
HETATM 159 H HB12 . AIB A 1 9  ? 5.76319   3.54450   8.89542   1.000 33.96732 ? 9   AIB A HB12 1 
HETATM 160 H HB13 . AIB A 1 9  ? 4.94005   4.99026   8.15789   1.000 33.96732 ? 9   AIB A HB13 1 
HETATM 161 H HB21 . AIB A 1 9  ? 7.85540   4.64136   8.44597   1.000 31.25887 ? 9   AIB A HB21 1 
HETATM 162 H HB22 . AIB A 1 9  ? 8.36304   5.07800   6.74473   1.000 31.25887 ? 9   AIB A HB22 1 
HETATM 163 H HB23 . AIB A 1 9  ? 7.04730   6.03414   7.57950   1.000 31.25887 ? 9   AIB A HB23 1 
ATOM   164 N N    . LEU A 1 10 ? 6.58328   4.62516   4.57084   1.000 24.55239 ? 10  LEU A N    1 
ATOM   165 C CA   . LEU A 1 10 ? 6.24501   5.29489   3.32069   1.000 25.18554 ? 10  LEU A CA   1 
ATOM   166 C C    . LEU A 1 10 ? 5.48531   4.39457   2.38992   1.000 24.61944 ? 10  LEU A C    1 
ATOM   167 O O    . LEU A 1 10 ? 5.40006   4.66068   1.22784   1.000 24.77432 ? 10  LEU A O    1 
ATOM   168 C CB   . LEU A 1 10 ? 7.50406   5.82111   2.62726   1.000 28.91115 ? 10  LEU A CB   1 
ATOM   169 C CG   . LEU A 1 10 ? 8.40170   6.62226   3.55774   1.000 30.82101 ? 10  LEU A CG   1 
ATOM   170 C CD1  . LEU A 1 10 ? 9.76532   6.68466   2.94891   1.000 30.99399 ? 10  LEU A CD1  1 
ATOM   171 C CD2  . LEU A 1 10 ? 7.82532   7.98566   3.81090   1.000 30.25605 ? 10  LEU A CD2  1 
ATOM   172 H H    . LEU A 1 10 ? 7.30574   4.16081   4.52894   1.000 29.59257 ? 10  LEU A H    1 
ATOM   173 H HA   . LEU A 1 10 ? 5.67486   6.05129   3.52805   1.000 30.35235 ? 10  LEU A HA   1 
ATOM   174 H HB2  . LEU A 1 10 ? 8.01542   5.06957   2.29010   1.000 34.82309 ? 10  LEU A HB2  1 
ATOM   175 H HB3  . LEU A 1 10 ? 7.24115   6.39900   1.89318   1.000 34.82309 ? 10  LEU A HB3  1 
ATOM   176 H HG   . LEU A 1 10 ? 8.47156   6.19873   4.42867   1.000 37.11492 ? 10  LEU A HG   1 
ATOM   177 H HD11 . LEU A 1 10 ? 10.34938  7.19215   3.53301   1.000 37.32249 ? 10  LEU A HD11 1 
ATOM   178 H HD12 . LEU A 1 10 ? 10.10561  5.78169   2.84404   1.000 37.32249 ? 10  LEU A HD12 1 
ATOM   179 H HD13 . LEU A 1 10 ? 9.70529   7.11693   2.08357   1.000 37.32249 ? 10  LEU A HD13 1 
ATOM   180 H HD21 . LEU A 1 10 ? 8.41634   8.47347   4.40591   1.000 36.43697 ? 10  LEU A HD21 1 
ATOM   181 H HD22 . LEU A 1 10 ? 7.74467   8.45636   2.96709   1.000 36.43697 ? 10  LEU A HD22 1 
ATOM   182 H HD23 . LEU A 1 10 ? 6.95208   7.88767   4.22006   1.000 36.43697 ? 10  LEU A HD23 1 
HETATM 183 C C11  . I77 A 1 11 ? 0.69578   2.51150   0.68444   1.000 20.09846 ? 11  I77 A C11  1 
HETATM 184 C C12  . I77 A 1 11 ? 1.79413   2.05235   1.38905   1.000 20.25029 ? 11  I77 A C12  1 
HETATM 185 C C13  . I77 A 1 11 ? 2.71393   3.03772   2.09578   1.000 21.16468 ? 11  I77 A C13  1 
HETATM 186 C C17  . I77 A 1 11 ? 2.06323   0.68586   1.45034   1.000 20.69228 ? 11  I77 A C17  1 
HETATM 187 C C18  . I77 A 1 11 ? 1.20005   -0.18705  0.81058   1.000 18.23317 ? 11  I77 A C18  1 
HETATM 188 C C02  . I77 A 1 11 ? -3.44089  -3.07683  -2.79991  1.000 16.25562 ? 11  I77 A C02  1 
HETATM 189 C C03  . I77 A 1 11 ? -2.49900  -2.15277  -2.02248  1.000 14.53970 ? 11  I77 A C03  1 
HETATM 190 C C04  . I77 A 1 11 ? -2.83503  -0.82298  -1.86079  1.000 15.53381 ? 11  I77 A C04  1 
HETATM 191 C C05  . I77 A 1 11 ? -1.96269  -0.02270  -1.13730  1.000 15.54774 ? 11  I77 A C05  1 
HETATM 192 C C06  . I77 A 1 11 ? -1.33232  -2.66277  -1.48025  1.000 16.56606 ? 11  I77 A C06  1 
HETATM 193 C C08  . I77 A 1 11 ? -0.82807  -0.58425  -0.63618  1.000 14.54915 ? 11  I77 A C08  1 
HETATM 194 C C09  . I77 A 1 11 ? 0.10332   0.33037   0.10833   1.000 15.54771 ? 11  I77 A C09  1 
HETATM 195 N N01  . I77 A 1 11 ? -3.10528  -4.45882  -2.86090  1.000 18.40636 ? 11  I77 A N01  1 
HETATM 196 N N07  . I77 A 1 11 ? -0.51977  -1.85074  -0.81455  1.000 16.48915 ? 11  I77 A N07  1 
HETATM 197 N N10  . I77 A 1 11 ? -0.10988  1.65038   0.05411   1.000 20.13594 ? 11  I77 A N10  1 
HETATM 198 N N14  . I77 A 1 11 ? 4.01573   2.49963   2.41303   1.000 22.68715 ? 11  I77 A N14  1 
HETATM 199 N N15  . I77 A 1 11 ? 4.96989   3.27231   3.09401   1.000 24.43749 ? 11  I77 A N15  1 
HETATM 200 O O16  . I77 A 1 11 ? 2.39681   4.14793   2.32914   1.000 24.40806 ? 11  I77 A O16  1 
HETATM 201 O O19  . I77 A 1 11 ? -4.41412  -2.65584  -3.35788  1.000 17.94937 ? 11  I77 A O19  1 
HETATM 202 H H111 . I77 A 1 11 ? 0.48786   3.56963   0.64257   1.000 24.24785 ? 11  I77 A H111 1 
HETATM 203 H H171 . I77 A 1 11 ? 2.93385   0.31302   1.98906   1.000 24.96044 ? 11  I77 A H171 1 
HETATM 204 H H181 . I77 A 1 11 ? 1.37136   -1.26097  0.85263   1.000 22.00951 ? 11  I77 A H181 1 
HETATM 205 H H041 . I77 A 1 11 ? -3.73901  -0.42280  -2.28052  1.000 18.77028 ? 11  I77 A H041 1 
HETATM 206 H H051 . I77 A 1 11 ? -2.18007  1.02568   -0.97387  1.000 18.78699 ? 11  I77 A H051 1 
HETATM 207 H H061 . I77 A 1 11 ? -1.08460  -3.70906  -1.59822  1.000 20.00897 ? 11  I77 A H061 1 
HETATM 208 H H011 . I77 A 1 11 ? -2.29290  -4.79592  -2.39491  1.000 22.21734 ? 11  I77 A H011 1 
HETATM 209 H H012 . I77 A 1 11 ? -3.70332  -5.09511  -3.36860  1.000 22.21734 ? 11  I77 A H012 1 
HETATM 210 H H141 . I77 A 1 11 ? 4.24236   1.55718   2.14252   1.000 27.35429 ? 11  I77 A H141 1 
HETATM 211 H H1   . I77 A 1 11 ? 5.83194   2.74808   3.14750   1.000 29.45469 ? 11  I77 A H1   1 
HETATM 212 C C05  . I6W B 1 1  ? -0.07313  1.55755   4.26720   1.000 24.49372 ? 1   I6W B C05  1 
HETATM 213 C C08  . I6W B 1 1  ? 1.03469   0.91306   4.70766   1.000 25.84395 ? 1   I6W B C08  1 
HETATM 214 C C09  . I6W B 1 1  ? 1.03695   -0.60905  4.61454   1.000 25.69002 ? 1   I6W B C09  1 
HETATM 215 N N10  . I6W B 1 1  ? 0.14865   -1.25583  3.86762   1.000 33.41015 ? 1   I6W B N10  1 
HETATM 216 C C02  . I6W B 1 1  ? 0.91107   5.12755   4.88283   1.000 25.81015 ? 1   I6W B C02  1 
HETATM 217 C C03  . I6W B 1 1  ? 1.00085   3.60131   4.84013   1.000 25.58175 ? 1   I6W B C03  1 
HETATM 218 C C04  . I6W B 1 1  ? -0.10520  2.95007   4.33589   1.000 24.73784 ? 1   I6W B C04  1 
HETATM 219 C C06  . I6W B 1 1  ? 2.10633   2.91067   5.28817   1.000 28.12179 ? 1   I6W B C06  1 
HETATM 220 C C11  . I6W B 1 1  ? 0.14108   -2.57531  3.78019   1.000 27.23283 ? 1   I6W B C11  1 
HETATM 221 C C12  . I6W B 1 1  ? 1.09325   -3.31278  4.46836   1.000 32.52338 ? 1   I6W B C12  1 
HETATM 222 C C13  . I6W B 1 1  ? 1.12413   -4.86836  4.39516   1.000 36.68032 ? 1   I6W B C13  1 
HETATM 223 C C15  . I6W B 1 1  ? -0.02060  -6.96054  4.21980   1.000 41.88614 ? 1   I6W B C15  1 
HETATM 224 C C16  . I6W B 1 1  ? -0.92622  -7.73748  3.23030   1.000 43.04192 ? 1   I6W B C16  1 
HETATM 225 C C18  . I6W B 1 1  ? 2.02734   -2.67599  5.24496   1.000 30.65898 ? 1   I6W B C18  1 
HETATM 226 C C19  . I6W B 1 1  ? 2.00418   -1.28794  5.31622   1.000 29.11304 ? 1   I6W B C19  1 
HETATM 227 N N07  . I6W B 1 1  ? 2.09091   1.58257   5.21601   1.000 26.63776 ? 1   I6W B N07  1 
HETATM 228 O O01  . I6W B 1 1  ? -0.05555  5.65631   4.38276   1.000 28.04555 ? 1   I6W B O01  1 
HETATM 229 O O14  . I6W B 1 1  ? 0.02935   -5.57549  3.83024   1.000 39.70173 ? 1   I6W B O14  1 
HETATM 230 O O17  . I6W B 1 1  ? 2.05758   -5.44197  4.81757   1.000 42.16413 ? 1   I6W B O17  1 
HETATM 231 H H051 . I6W B 1 1  ? -0.90292  1.01096   3.87744   1.000 29.52217 ? 1   I6W B H051 1 
HETATM 232 H H041 . I6W B 1 1  ? -1.00294  3.52362   3.99099   1.000 29.81511 ? 1   I6W B H041 1 
HETATM 233 H H061 . I6W B 1 1  ? 2.96788   3.43763   5.68926   1.000 33.87585 ? 1   I6W B H061 1 
HETATM 234 H H111 . I6W B 1 1  ? -0.59149  -3.06798  3.18579   1.000 32.80910 ? 1   I6W B H111 1 
HETATM 235 H H152 . I6W B 1 1  ? -0.42765  -7.03950  5.21988   1.000 50.39308 ? 1   I6W B H152 1 
HETATM 236 H H151 . I6W B 1 1  ? 0.97874   -7.37807  4.19912   1.000 50.39308 ? 1   I6W B H151 1 
HETATM 237 H H162 . I6W B 1 1  ? -1.86532  -7.17569  3.07251   1.000 51.78000 ? 1   I6W B H162 1 
HETATM 238 H H163 . I6W B 1 1  ? -0.39946  -7.85550  2.26465   1.000 51.78000 ? 1   I6W B H163 1 
HETATM 239 H H161 . I6W B 1 1  ? -1.15840  -8.73472  3.64926   1.000 51.78000 ? 1   I6W B H161 1 
HETATM 240 H H181 . I6W B 1 1  ? 2.77416   -3.24640  5.79703   1.000 36.92048 ? 1   I6W B H181 1 
HETATM 241 H H191 . I6W B 1 1  ? 2.73693   -0.75080  5.91539   1.000 35.06536 ? 1   I6W B H191 1 
ATOM   242 N N    . LEU B 1 2  ? 2.05948   5.96351   5.04481   1.000 27.16327 ? 2   LEU B N    1 
ATOM   243 C CA   . LEU B 1 2  ? 1.92017   7.40807   4.94659   1.000 26.61939 ? 2   LEU B CA   1 
ATOM   244 C C    . LEU B 1 2  ? 1.68512   7.89574   3.52335   1.000 26.71040 ? 2   LEU B C    1 
ATOM   245 O O    . LEU B 1 2  ? 0.95237   8.85985   3.30801   1.000 26.98986 ? 2   LEU B O    1 
ATOM   246 C CB   . LEU B 1 2  ? 3.16694   8.09908   5.49128   1.000 27.97974 ? 2   LEU B CB   1 
ATOM   247 C CG   . LEU B 1 2  ? 3.37837   8.04784   7.00426   1.000 29.25754 ? 2   LEU B CG   1 
ATOM   248 C CD1  . LEU B 1 2  ? 4.78897   8.48101   7.32891   1.000 31.34407 ? 2   LEU B CD1  1 
ATOM   249 C CD2  . LEU B 1 2  ? 2.37407   8.93190   7.72451   1.000 31.67658 ? 2   LEU B CD2  1 
ATOM   250 H H    . LEU B 1 2  ? 2.87664   5.69064   5.07497   1.000 32.72563 ? 2   LEU B H    1 
ATOM   251 H HA   . LEU B 1 2  ? 1.14339   7.65316   5.47330   1.000 32.07297 ? 2   LEU B HA   1 
ATOM   252 H HB2  . LEU B 1 2  ? 3.94277   7.68486   5.08267   1.000 33.70539 ? 2   LEU B HB2  1 
ATOM   253 H HB3  . LEU B 1 2  ? 3.12264   9.03602   5.24334   1.000 33.70539 ? 2   LEU B HB3  1 
ATOM   254 H HG   . LEU B 1 2  ? 3.24416   7.13937   7.31804   1.000 35.23875 ? 2   LEU B HG   1 
ATOM   255 H HD11 . LEU B 1 2  ? 4.93706   8.38650   8.28301   1.000 37.74258 ? 2   LEU B HD11 1 
ATOM   256 H HD12 . LEU B 1 2  ? 5.41244   7.92042   6.84101   1.000 37.74258 ? 2   LEU B HD12 1 
ATOM   257 H HD13 . LEU B 1 2  ? 4.90309   9.40810   7.06726   1.000 37.74258 ? 2   LEU B HD13 1 
ATOM   258 H HD21 . LEU B 1 2  ? 2.55951   8.90949   8.67616   1.000 38.14159 ? 2   LEU B HD21 1 
ATOM   259 H HD22 . LEU B 1 2  ? 2.45804   9.83931   7.39239   1.000 38.14159 ? 2   LEU B HD22 1 
ATOM   260 H HD23 . LEU B 1 2  ? 1.47985   8.59883   7.55293   1.000 38.14159 ? 2   LEU B HD23 1 
HETATM 261 N N    . AIB B 1 3  ? 2.32063   7.24919   2.55720   1.000 25.26984 ? 3   AIB B N    1 
HETATM 262 C CA   . AIB B 1 3  ? 2.10118   7.60589   1.17365   1.000 26.50943 ? 3   AIB B CA   1 
HETATM 263 C C    . AIB B 1 3  ? 0.59852   7.61161   0.84546   1.000 24.66097 ? 3   AIB B C    1 
HETATM 264 O O    . AIB B 1 3  ? 0.06830   8.50742   0.18443   1.000 24.84317 ? 3   AIB B O    1 
HETATM 265 C CB1  . AIB B 1 3  ? 2.57931   9.02111   0.80207   1.000 26.56983 ? 3   AIB B CB1  1 
HETATM 266 C CB2  . AIB B 1 3  ? 2.73581   6.61538   0.19144   1.000 25.52833 ? 3   AIB B CB2  1 
HETATM 267 H H    . AIB B 1 3  ? 2.69262   6.32372   2.63807   1.000 30.45351 ? 3   AIB B H    1 
HETATM 268 H HB11 . AIB B 1 3  ? 2.20205   9.75557   1.55207   1.000 32.01350 ? 3   AIB B HB11 1 
HETATM 269 H HB12 . AIB B 1 3  ? 3.69537   9.05027   0.78863   1.000 32.01350 ? 3   AIB B HB12 1 
HETATM 270 H HB13 . AIB B 1 3  ? 2.19277   9.29627   -0.20788  1.000 32.01350 ? 3   AIB B HB13 1 
HETATM 271 H HB21 . AIB B 1 3  ? 3.77671   6.38746   0.52478   1.000 30.76370 ? 3   AIB B HB21 1 
HETATM 272 H HB22 . AIB B 1 3  ? 2.12854   5.67837   0.17512   1.000 30.76370 ? 3   AIB B HB22 1 
HETATM 273 H HB23 . AIB B 1 3  ? 2.75430   7.07369   -0.82757  1.000 30.76370 ? 3   AIB B HB23 1 
ATOM   274 N N    . ALA B 1 4  ? -0.10644  6.60280   1.36975   1.000 23.60812 ? 4   ALA B N    1 
ATOM   275 C CA   . ALA B 1 4  ? -1.53488  6.45220   1.11368   1.000 21.46472 ? 4   ALA B CA   1 
ATOM   276 C C    . ALA B 1 4  ? -2.33238  7.51985   1.85592   1.000 19.28874 ? 4   ALA B C    1 
ATOM   277 O O    . ALA B 1 4  ? -3.33369  8.02670   1.32088   1.000 20.72100 ? 4   ALA B O    1 
ATOM   278 C CB   . ALA B 1 4  ? -2.00478  5.06999   1.51063   1.000 27.81155 ? 4   ALA B CB   1 
ATOM   279 H H    . ALA B 1 4  ? 0.22480   5.99299   1.87727   1.000 28.45945 ? 4   ALA B H    1 
ATOM   280 H HA   . ALA B 1 4  ? -1.69612  6.55803   0.16335   1.000 25.88736 ? 4   ALA B HA   1 
ATOM   281 H HB1  . ALA B 1 4  ? -2.92572  4.95674   1.22879   1.000 33.50356 ? 4   ALA B HB1  1 
ATOM   282 H HB2  . ALA B 1 4  ? -1.44204  4.40901   1.07716   1.000 33.50356 ? 4   ALA B HB2  1 
ATOM   283 H HB3  . ALA B 1 4  ? -1.93931  4.97838   2.47331   1.000 33.50356 ? 4   ALA B HB3  1 
HETATM 284 N N    . AIB B 1 5  ? -1.92093  7.87221   3.07331   1.000 19.05434 ? 5   AIB B N    1 
HETATM 285 C CA   . AIB B 1 5  ? -2.54442  8.99152   3.77469   1.000 19.45244 ? 5   AIB B CA   1 
HETATM 286 C C    . AIB B 1 5  ? -2.62105  10.26772  2.90862   1.000 18.56487 ? 5   AIB B C    1 
HETATM 287 O O    . AIB B 1 5  ? -3.64857  10.93683  2.76123   1.000 18.96232 ? 5   AIB B O    1 
HETATM 288 C CB1  . AIB B 1 5  ? -3.97375  8.65959   4.28518   1.000 22.13434 ? 5   AIB B CB1  1 
HETATM 289 C CB2  . AIB B 1 5  ? -1.69666  9.43734   4.97536   1.000 22.52250 ? 5   AIB B CB2  1 
HETATM 290 H H    . AIB B 1 5  ? -1.45242  7.26280   3.71477   1.000 22.99491 ? 5   AIB B H    1 
HETATM 291 H HB11 . AIB B 1 5  ? -4.57000  8.19930   3.46060   1.000 26.69091 ? 5   AIB B HB11 1 
HETATM 292 H HB12 . AIB B 1 5  ? -3.91182  7.94322   5.13783   1.000 26.69091 ? 5   AIB B HB12 1 
HETATM 293 H HB13 . AIB B 1 5  ? -4.47835  9.59498   4.62550   1.000 26.69091 ? 5   AIB B HB13 1 
HETATM 294 H HB21 . AIB B 1 5  ? -1.41836  8.53943   5.57929   1.000 27.15671 ? 5   AIB B HB21 1 
HETATM 295 H HB22 . AIB B 1 5  ? -0.77336  9.94467   4.60335   1.000 27.15671 ? 5   AIB B HB22 1 
HETATM 296 H HB23 . AIB B 1 5  ? -2.29391  10.14507  5.60088   1.000 27.15671 ? 5   AIB B HB23 1 
ATOM   297 N N    . ILE B 1 6  ? -1.47861  10.60200  2.30279   1.000 18.26770 ? 6   ILE B N    1 
ATOM   298 C CA   . ILE B 1 6  ? -1.38183  11.75715  1.43354   1.000 19.79163 ? 6   ILE B CA   1 
ATOM   299 C C    . ILE B 1 6  ? -2.29800  11.57228  0.22874   1.000 19.97962 ? 6   ILE B C    1 
ATOM   300 O O    . ILE B 1 6  ? -3.00731  12.49243  -0.16887  1.000 18.70638 ? 6   ILE B O    1 
ATOM   301 C CB   . ILE B 1 6  ? 0.07870   11.94618  0.99140   1.000 21.70600 ? 6   ILE B CB   1 
ATOM   302 C CG1  . ILE B 1 6  ? 0.94217   12.38267  2.17510   1.000 26.32005 ? 6   ILE B CG1  1 
ATOM   303 C CG2  . ILE B 1 6  ? 0.21012   12.95964  -0.11871  1.000 23.73926 ? 6   ILE B CG2  1 
ATOM   304 C CD1  . ILE B 1 6  ? 0.39215   13.53384  2.97662   1.000 33.34499 ? 6   ILE B CD1  1 
ATOM   305 H H    . ILE B 1 6  ? -0.74192  10.16527  2.38504   1.000 22.05094 ? 6   ILE B H    1 
ATOM   306 H HA   . ILE B 1 6  ? -1.66808  12.55458  1.90583   1.000 23.87966 ? 6   ILE B HA   1 
ATOM   307 H HB   . ILE B 1 6  ? 0.38208   11.08743  0.65858   1.000 26.17691 ? 6   ILE B HB   1 
ATOM   308 H HG12 . ILE B 1 6  ? 1.03918   11.62881  2.77877   1.000 31.71376 ? 6   ILE B HG12 1 
ATOM   309 H HG13 . ILE B 1 6  ? 1.81053   12.65223  1.83892   1.000 31.71376 ? 6   ILE B HG13 1 
ATOM   310 H HG21 . ILE B 1 6  ? 1.15098   13.09693  -0.31177  1.000 28.61681 ? 6   ILE B HG21 1 
ATOM   311 H HG22 . ILE B 1 6  ? -0.24375  12.62526  -0.90771  1.000 28.61681 ? 6   ILE B HG22 1 
ATOM   312 H HG23 . ILE B 1 6  ? -0.19358  13.79483  0.16611   1.000 28.61681 ? 6   ILE B HG23 1 
ATOM   313 H HD11 . ILE B 1 6  ? 1.05719   13.81444  3.62432   1.000 40.14369 ? 6   ILE B HD11 1 
ATOM   314 H HD12 . ILE B 1 6  ? 0.18436   14.26617  2.37554   1.000 40.14369 ? 6   ILE B HD12 1 
ATOM   315 H HD13 . ILE B 1 6  ? -0.41333  13.24356  3.43406   1.000 40.14369 ? 6   ILE B HD13 1 
HETATM 316 N N    . AIB B 1 7  ? -2.21199  10.40755  -0.38941  1.000 18.55341 ? 7   AIB B N    1 
HETATM 317 C CA   . AIB B 1 7  ? -3.06424  10.09888  -1.53015  1.000 21.31380 ? 7   AIB B CA   1 
HETATM 318 C C    . AIB B 1 7  ? -4.53319  10.44027  -1.24101  1.000 18.07697 ? 7   AIB B C    1 
HETATM 319 O O    . AIB B 1 7  ? -5.23749  11.09555  -1.99242  1.000 18.91227 ? 7   AIB B O    1 
HETATM 320 C CB1  . AIB B 1 7  ? -2.68339  10.93505  -2.75986  1.000 21.27414 ? 7   AIB B CB1  1 
HETATM 321 C CB2  . AIB B 1 7  ? -3.00740  8.60888   -1.90507  1.000 20.36894 ? 7   AIB B CB2  1 
HETATM 322 H H    . AIB B 1 7  ? -1.85855  9.56793   0.02669   1.000 22.39380 ? 7   AIB B H    1 
HETATM 323 H HB11 . AIB B 1 7  ? -2.46202  11.98389  -2.44914  1.000 25.65867 ? 7   AIB B HB11 1 
HETATM 324 H HB12 . AIB B 1 7  ? -1.77952  10.49746  -3.24700  1.000 25.65867 ? 7   AIB B HB12 1 
HETATM 325 H HB13 . AIB B 1 7  ? -3.52860  10.93865  -3.48870  1.000 25.65867 ? 7   AIB B HB13 1 
HETATM 326 H HB21 . AIB B 1 7  ? -1.94533  8.31982   -2.09133  1.000 24.57243 ? 7   AIB B HB21 1 
HETATM 327 H HB22 . AIB B 1 7  ? -3.42365  8.00461   -1.06276  1.000 24.57243 ? 7   AIB B HB22 1 
HETATM 328 H HB23 . AIB B 1 7  ? -3.61380  8.44210   -2.82828  1.000 24.57243 ? 7   AIB B HB23 1 
ATOM   329 N N    . GLN B 1 8  ? -4.96665  10.03944  -0.05344  1.000 15.21861 ? 8   GLN B N    1 
ATOM   330 C CA   . GLN B 1 8  ? -6.37188  10.16059  0.24906   1.000 17.77685 ? 8   GLN B CA   1 
ATOM   331 C C    . GLN B 1 8  ? -6.72298  11.62443  0.55780   1.000 17.06122 ? 8   GLN B C    1 
ATOM   332 O O    . GLN B 1 8  ? -7.76155  12.13149  0.11246   1.000 15.78760 ? 8   GLN B O    1 
ATOM   333 C CB   . GLN B 1 8  ? -6.77487  9.21339   1.35519   1.000 22.50695 ? 8   GLN B CB   1 
ATOM   334 C CG   . GLN B 1 8  ? -8.10327  9.56926   1.95404   1.000 24.53161 ? 8   GLN B CG   1 
ATOM   335 C CD   . GLN B 1 8  ? -8.64343  8.47728   2.84059   1.000 31.22694 ? 8   GLN B CD   1 
ATOM   336 O OE1  . GLN B 1 8  ? -8.29113  7.30707   2.69045   1.000 33.25295 ? 8   GLN B OE1  1 
ATOM   337 N NE2  . GLN B 1 8  ? -9.53686  8.84725   3.74503   1.000 37.03486 ? 8   GLN B NE2  1 
ATOM   338 H H    . GLN B 1 8  ? -4.47740  9.70455   0.56931   1.000 18.39203 ? 8   GLN B H    1 
ATOM   339 H HA   . GLN B 1 8  ? -6.90319  9.89901   -0.51838  1.000 21.46192 ? 8   GLN B HA   1 
ATOM   340 H HB2  . GLN B 1 8  ? -6.83501  8.31393   0.99617   1.000 27.13805 ? 8   GLN B HB2  1 
ATOM   341 H HB3  . GLN B 1 8  ? -6.10745  9.24508   2.05829   1.000 27.13805 ? 8   GLN B HB3  1 
ATOM   342 H HG2  . GLN B 1 8  ? -8.00531  10.37157  2.49114   1.000 29.56764 ? 8   GLN B HG2  1 
ATOM   343 H HG3  . GLN B 1 8  ? -8.74237  9.72299   1.24156   1.000 29.56764 ? 8   GLN B HG3  1 
ATOM   344 H HE21 . GLN B 1 8  ? -9.77713  9.67129   3.79884   1.000 44.57153 ? 8   GLN B HE21 1 
ATOM   345 H HE22 . GLN B 1 8  ? -9.87689  8.26403   4.27674   1.000 44.57153 ? 8   GLN B HE22 1 
HETATM 346 N N    . AIB B 1 9  ? -5.84808  12.31524  1.28892   1.000 15.40846 ? 9   AIB B N    1 
HETATM 347 C CA   . AIB B 1 9  ? -6.02238  13.73408  1.51211   1.000 18.58517 ? 9   AIB B CA   1 
HETATM 348 C C    . AIB B 1 9  ? -6.22332  14.61190  0.24141   1.000 17.85808 ? 9   AIB B C    1 
HETATM 349 O O    . AIB B 1 9  ? -6.97198  15.58657  0.21711   1.000 23.26956 ? 9   AIB B O    1 
HETATM 350 C CB1  . AIB B 1 9  ? -7.23548  13.97207  2.43586   1.000 19.10091 ? 9   AIB B CB1  1 
HETATM 351 C CB2  . AIB B 1 9  ? -4.77857  14.30384  2.24518   1.000 19.52019 ? 9   AIB B CB2  1 
HETATM 352 H H    . AIB B 1 9  ? -5.24937  11.91730  1.98579   1.000 18.61985 ? 9   AIB B H    1 
HETATM 353 H HB11 . AIB B 1 9  ? -8.13801  13.47403  2.00851   1.000 23.05080 ? 9   AIB B HB11 1 
HETATM 354 H HB12 . AIB B 1 9  ? -7.02736  13.55059  3.44746   1.000 23.05080 ? 9   AIB B HB12 1 
HETATM 355 H HB13 . AIB B 1 9  ? -7.42934  15.06781  2.52756   1.000 23.05080 ? 9   AIB B HB13 1 
HETATM 356 H HB21 . AIB B 1 9  ? -4.91138  14.17090  3.34596   1.000 23.55393 ? 9   AIB B HB21 1 
HETATM 357 H HB22 . AIB B 1 9  ? -3.86981  13.75362  1.90201   1.000 23.55393 ? 9   AIB B HB22 1 
HETATM 358 H HB23 . AIB B 1 9  ? -4.67908  15.39057  2.00263   1.000 23.55393 ? 9   AIB B HB23 1 
ATOM   359 N N    . LEU B 1 10 ? -5.54532  14.23138  -0.84703  1.000 17.34161 ? 10  LEU B N    1 
ATOM   360 C CA   . LEU B 1 10 ? -5.61432  14.96605  -2.11370  1.000 19.73471 ? 10  LEU B CA   1 
ATOM   361 C C    . LEU B 1 10 ? -6.65656  14.42490  -3.09873  1.000 21.16590 ? 10  LEU B C    1 
ATOM   362 O O    . LEU B 1 10 ? -6.62918  14.66960  -4.31911  1.000 22.75606 ? 10  LEU B O    1 
ATOM   363 C CB   . LEU B 1 10 ? -4.23406  14.97093  -2.77111  1.000 21.68689 ? 10  LEU B CB   1 
ATOM   364 C CG   . LEU B 1 10 ? -3.25264  15.83073  -1.98575  1.000 25.45055 ? 10  LEU B CG   1 
ATOM   365 C CD1  . LEU B 1 10 ? -1.83176  15.77225  -2.54810  1.000 26.17585 ? 10  LEU B CD1  1 
ATOM   366 C CD2  . LEU B 1 10 ? -3.75919  17.25206  -1.94810  1.000 26.74632 ? 10  LEU B CD2  1 
ATOM   367 H H    . LEU B 1 10 ? -5.03046  13.54231  -0.87745  1.000 20.93963 ? 10  LEU B H    1 
ATOM   368 H HA   . LEU B 1 10 ? -5.89629  15.87176  -1.90971  1.000 23.81136 ? 10  LEU B HA   1 
ATOM   369 H HB2  . LEU B 1 10 ? -3.89099  14.06469  -2.80412  1.000 26.15397 ? 10  LEU B HB2  1 
ATOM   370 H HB3  . LEU B 1 10 ? -4.30775  15.33105  -3.66932  1.000 26.15397 ? 10  LEU B HB3  1 
ATOM   371 H HG   . LEU B 1 10 ? -3.19148  15.48113  -1.08377  1.000 30.67036 ? 10  LEU B HG   1 
ATOM   372 H HD11 . LEU B 1 10 ? -1.25593  16.33682  -2.00966  1.000 31.54072 ? 10  LEU B HD11 1 
ATOM   373 H HD12 . LEU B 1 10 ? -1.51818  14.85453  -2.51885  1.000 31.54072 ? 10  LEU B HD12 1 
ATOM   374 H HD13 . LEU B 1 10 ? -1.84250  16.08884  -3.46515  1.000 31.54072 ? 10  LEU B HD13 1 
ATOM   375 H HD21 . LEU B 1 10 ? -3.00199  17.85600  -1.89109  1.000 32.22529 ? 10  LEU B HD21 1 
ATOM   376 H HD22 . LEU B 1 10 ? -4.26397  17.42909  -2.75631  1.000 32.22529 ? 10  LEU B HD22 1 
ATOM   377 H HD23 . LEU B 1 10 ? -4.32918  17.36296  -1.17110  1.000 32.22529 ? 10  LEU B HD23 1 
HETATM 378 C C11  . I77 B 1 11 ? -10.12668 10.98617  -4.77096  1.000 18.61226 ? 11  I77 B C11  1 
HETATM 379 C C12  . I77 B 1 11 ? -10.51940 12.26190  -4.39366  1.000 18.69465 ? 11  I77 B C12  1 
HETATM 380 C C13  . I77 B 1 11 ? -9.60280  13.15871  -3.59974  1.000 20.25125 ? 11  I77 B C13  1 
HETATM 381 C C17  . I77 B 1 11 ? -11.78932 12.73361  -4.65375  1.000 20.26808 ? 11  I77 B C17  1 
HETATM 382 C C18  . I77 B 1 11 ? -12.63075 11.90925  -5.34464  1.000 22.01523 ? 11  I77 B C18  1 
HETATM 383 C C02  . I77 B 1 11 ? -15.94748 7.43864   -8.54647  1.000 22.30155 ? 11  I77 B C02  1 
HETATM 384 C C03  . I77 B 1 11 ? -14.88675 8.27268   -7.79831  1.000 22.23674 ? 11  I77 B C03  1 
HETATM 385 C C04  . I77 B 1 11 ? -13.56149 7.85396   -7.77818  1.000 20.36056 ? 11  I77 B C04  1 
HETATM 386 C C05  . I77 B 1 11 ? -12.67001 8.65391   -7.08538  1.000 20.31142 ? 11  I77 B C05  1 
HETATM 387 C C06  . I77 B 1 11 ? -15.29899 9.42953   -7.15681  1.000 20.10801 ? 11  I77 B C06  1 
HETATM 388 C C08  . I77 B 1 11 ? -13.15482 9.78980   -6.47079  1.000 20.34757 ? 11  I77 B C08  1 
HETATM 389 C C09  . I77 B 1 11 ? -12.19496 10.66195  -5.70859  1.000 18.41914 ? 11  I77 B C09  1 
HETATM 390 N N01  . I77 B 1 11 ? -17.31227 7.94061   -8.58037  1.000 25.70188 ? 11  I77 B N01  1 
HETATM 391 N N07  . I77 B 1 11 ? -14.41708 10.15235  -6.50855  1.000 19.43352 ? 11  I77 B N07  1 
HETATM 392 N N10  . I77 B 1 11 ? -10.99871 10.21404  -5.42450  1.000 19.23394 ? 11  I77 B N10  1 
HETATM 393 N N14  . I77 B 1 11 ? -8.29992  12.59989  -3.34439  1.000 19.21889 ? 11  I77 B N14  1 
HETATM 394 N N15  . I77 B 1 11 ? -7.36515  13.31321  -2.56733  1.000 18.86435 ? 11  I77 B N15  1 
HETATM 395 O O16  . I77 B 1 11 ? -9.93450  14.22858  -3.16193  1.000 24.36814 ? 11  I77 B O16  1 
HETATM 396 O O19  . I77 B 1 11 ? -15.64379 6.41535   -9.05736  1.000 25.94365 ? 11  I77 B O19  1 
HETATM 397 H H111 . I77 B 1 11 ? -9.13718  10.62449  -4.54026  1.000 22.46441 ? 11  I77 B H111 1 
HETATM 398 H H171 . I77 B 1 11 ? -12.10824 13.72215  -4.32256  1.000 24.45140 ? 11  I77 B H171 1 
HETATM 399 H H181 . I77 B 1 11 ? -13.63562 12.23870  -5.60379  1.000 26.54798 ? 11  I77 B H181 1 
HETATM 400 H H041 . I77 B 1 11 ? -13.24603 6.95637   -8.27578  1.000 24.56238 ? 11  I77 B H041 1 
HETATM 401 H H051 . I77 B 1 11 ? -11.62020 8.39474   -7.02745  1.000 24.50341 ? 11  I77 B H051 1 
HETATM 402 H H061 . I77 B 1 11 ? -16.33491 9.73372   -7.19162  1.000 24.25931 ? 11  I77 B H061 1 
HETATM 403 H H011 . I77 B 1 11 ? -18.01704 7.42150   -9.05590  1.000 30.97196 ? 11  I77 B H011 1 
HETATM 404 H H012 . I77 B 1 11 ? -17.54910 8.81192   -8.13214  1.000 30.97196 ? 11  I77 B H012 1 
HETATM 405 H H141 . I77 B 1 11 ? -8.05721  11.69900  -3.72143  1.000 23.19237 ? 11  I77 B H141 1 
HETATM 406 H H1   . I77 B 1 11 ? -6.91203  12.65762  -1.95363  1.000 22.76692 ? 11  I77 B H1   1 
HETATM 407 C C05  . I6W C 1 1  ? -2.84860  -2.62871  1.57075   1.000 24.02189 ? 1   I6W C C05  1 
HETATM 408 C C08  . I6W C 1 1  ? -4.02484  -2.08172  1.18215   1.000 22.03102 ? 1   I6W C C08  1 
HETATM 409 C C09  . I6W C 1 1  ? -4.27862  -0.62959  1.53034   1.000 25.97867 ? 1   I6W C C09  1 
HETATM 410 N N10  . I6W C 1 1  ? -5.32738  -0.00634  1.05525   1.000 33.60885 ? 1   I6W C N10  1 
HETATM 411 C C02  . I6W C 1 1  ? -3.16081  -6.15041  0.30474   1.000 19.34038 ? 1   I6W C C02  1 
HETATM 412 C C03  . I6W C 1 1  ? -3.50957  -4.69490  0.60337   1.000 23.22571 ? 1   I6W C C03  1 
HETATM 413 C C04  . I6W C 1 1  ? -2.55934  -3.96075  1.28232   1.000 23.99933 ? 1   I6W C C04  1 
HETATM 414 C C06  . I6W C 1 1  ? -4.70096  -4.10773  0.23635   1.000 22.82561 ? 1   I6W C C06  1 
HETATM 415 C C11  . I6W C 1 1  ? -5.57532  1.25523   1.35367   1.000 36.05946 ? 1   I6W C C11  1 
HETATM 416 C C12  . I6W C 1 1  ? -4.72026  1.95349   2.18888   1.000 35.77908 ? 1   I6W C C12  1 
HETATM 417 C C13  . I6W C 1 1  ? -4.92548  3.43710   2.62178   1.000 42.31418 ? 1   I6W C C13  1 
HETATM 418 C C15  . I6W C 1 1  ? -4.14413  5.18179   4.18789   1.000 44.14280 ? 1   I6W C C15  1 
HETATM 419 C C16  . I6W C 1 1  ? -3.14840  5.25371   5.37835   1.000 44.68490 ? 1   I6W C C16  1 
HETATM 420 C C18  . I6W C 1 1  ? -3.62201  1.32948   2.71045   1.000 28.76224 ? 1   I6W C C18  1 
HETATM 421 C C19  . I6W C 1 1  ? -3.39279  0.00646   2.37125   1.000 23.67487 ? 1   I6W C C19  1 
HETATM 422 N N07  . I6W C 1 1  ? -4.92257  -2.82443  0.52841   1.000 25.88984 ? 1   I6W C N07  1 
HETATM 423 O O01  . I6W C 1 1  ? -2.13283  -6.60111  0.74130   1.000 22.56167 ? 1   I6W C O01  1 
HETATM 424 O O14  . I6W C 1 1  ? -4.08053  3.83251   3.69883   1.000 41.31931 ? 1   I6W C O14  1 
HETATM 425 O O17  . I6W C 1 1  ? -5.71613  4.15333   2.12586   1.000 47.50838 ? 1   I6W C O17  1 
HETATM 426 H H051 . I6W C 1 1  ? -2.13798  -2.03409  2.10128   1.000 28.95597 ? 1   I6W C H051 1 
HETATM 427 H H041 . I6W C 1 1  ? -1.58672  -4.42164  1.59215   1.000 28.92890 ? 1   I6W C H041 1 
HETATM 428 H H061 . I6W C 1 1  ? -5.45562  -4.68593  -0.28801  1.000 27.52043 ? 1   I6W C H061 1 
HETATM 429 H H111 . I6W C 1 1  ? -6.43533  1.73775   0.95121   1.000 43.40105 ? 1   I6W C H111 1 
HETATM 430 H H152 . I6W C 1 1  ? -5.14760  5.41264   4.52391   1.000 53.10106 ? 1   I6W C H152 1 
HETATM 431 H H151 . I6W C 1 1  ? -3.85135  5.87758   3.41052   1.000 53.10106 ? 1   I6W C H151 1 
HETATM 432 H H162 . I6W C 1 1  ? -3.69423  5.08582   6.32550   1.000 53.75159 ? 1   I6W C H162 1 
HETATM 433 H H163 . I6W C 1 1  ? -2.37220  4.47515   5.25692   1.000 53.75159 ? 1   I6W C H163 1 
HETATM 434 H H161 . I6W C 1 1  ? -2.67107  6.25057   5.39944   1.000 53.75159 ? 1   I6W C H161 1 
HETATM 435 H H181 . I6W C 1 1  ? -2.94293  1.85914   3.37822   1.000 34.64439 ? 1   I6W C H181 1 
HETATM 436 H H191 . I6W C 1 1  ? -2.52597  -0.52143  2.76260   1.000 28.53955 ? 1   I6W C H191 1 
ATOM   437 N N    . LEU C 1 2  ? -4.18770  -6.99093  -0.22459  1.000 21.94870 ? 2   LEU C N    1 
ATOM   438 C CA   . LEU C 1 2  ? -3.83529  -8.40294  -0.31197  1.000 25.14652 ? 2   LEU C CA   1 
ATOM   439 C C    . LEU C 1 2  ? -2.53579  -8.65218  -1.06953  1.000 24.09113 ? 2   LEU C C    1 
ATOM   440 O O    . LEU C 1 2  ? -1.68876  -9.43230  -0.61936  1.000 24.77142 ? 2   LEU C O    1 
ATOM   441 C CB   . LEU C 1 2  ? -4.96302  -9.18008  -0.97767  1.000 27.45719 ? 2   LEU C CB   1 
ATOM   442 C CG   . LEU C 1 2  ? -4.99876  -10.66557 -0.61480  1.000 29.86734 ? 2   LEU C CG   1 
ATOM   443 C CD1  . LEU C 1 2  ? -4.88813  -10.92693 0.87466   1.000 31.26072 ? 2   LEU C CD1  1 
ATOM   444 C CD2  . LEU C 1 2  ? -6.27917  -11.25100 -1.16110  1.000 31.54400 ? 2   LEU C CD2  1 
ATOM   445 H H    . LEU C 1 2  ? -5.01114  -6.82438  -0.40406  1.000 26.46815 ? 2   LEU C H    1 
ATOM   446 H HA   . LEU C 1 2  ? -3.70130  -8.72885  0.59239   1.000 30.30552 ? 2   LEU C HA   1 
ATOM   447 H HB2  . LEU C 1 2  ? -5.80896  -8.79006  -0.70677  1.000 33.07833 ? 2   LEU C HB2  1 
ATOM   448 H HB3  . LEU C 1 2  ? -4.85855  -9.11342  -1.94017  1.000 33.07833 ? 2   LEU C HB3  1 
ATOM   449 H HG   . LEU C 1 2  ? -4.22409  -11.09841 -1.00864  1.000 35.97051 ? 2   LEU C HG   1 
ATOM   450 H HD11 . LEU C 1 2  ? -4.91729  -11.88430 1.03017   1.000 37.64257 ? 2   LEU C HD11 1 
ATOM   451 H HD12 . LEU C 1 2  ? -4.04655  -10.56629 1.19818   1.000 37.64257 ? 2   LEU C HD12 1 
ATOM   452 H HD13 . LEU C 1 2  ? -5.62825  -10.49631 1.32835   1.000 37.64257 ? 2   LEU C HD13 1 
ATOM   453 H HD21 . LEU C 1 2  ? -6.31624  -12.19422 -0.93768  1.000 37.98250 ? 2   LEU C HD21 1 
ATOM   454 H HD22 . LEU C 1 2  ? -7.03345  -10.78710 -0.76368  1.000 37.98250 ? 2   LEU C HD22 1 
ATOM   455 H HD23 . LEU C 1 2  ? -6.29359  -11.13871 -2.12465  1.000 37.98250 ? 2   LEU C HD23 1 
HETATM 456 N N    . AIB C 1 3  ? -2.35817  -7.97141  -2.19142  1.000 24.38918 ? 3   AIB C N    1 
HETATM 457 C CA   . AIB C 1 3  ? -1.13461  -8.05678  -2.97018  1.000 24.39522 ? 3   AIB C CA   1 
HETATM 458 C C    . AIB C 1 3  ? 0.19002   -7.87510  -2.21439  1.000 24.00647 ? 3   AIB C C    1 
HETATM 459 O O    . AIB C 1 3  ? 1.24892   -8.38208  -2.57783  1.000 23.99615 ? 3   AIB C O    1 
HETATM 460 C CB1  . AIB C 1 3  ? -1.01488  -9.42587  -3.65680  1.000 26.92034 ? 3   AIB C CB1  1 
HETATM 461 C CB2  . AIB C 1 3  ? -1.05487  -6.96061  -4.04640  1.000 27.34510 ? 3   AIB C CB2  1 
HETATM 462 H H    . AIB C 1 3  ? -3.10529  -7.64065  -2.76991  1.000 29.39672 ? 3   AIB C H    1 
HETATM 463 H HB11 . AIB C 1 3  ? -0.92373  -10.22598 -2.88520  1.000 32.43411 ? 3   AIB C HB11 1 
HETATM 464 H HB12 . AIB C 1 3  ? -1.92198  -9.61472  -4.27815  1.000 32.43411 ? 3   AIB C HB12 1 
HETATM 465 H HB13 . AIB C 1 3  ? -0.11076  -9.44031  -4.31126  1.000 32.43411 ? 3   AIB C HB13 1 
HETATM 466 H HB21 . AIB C 1 3  ? -1.84047  -7.14882  -4.81867  1.000 32.94382 ? 3   AIB C HB21 1 
HETATM 467 H HB22 . AIB C 1 3  ? -1.22452  -5.96613  -3.56773  1.000 32.94382 ? 3   AIB C HB22 1 
HETATM 468 H HB23 . AIB C 1 3  ? -0.04311  -6.98624  -4.51992  1.000 32.94382 ? 3   AIB C HB23 1 
ATOM   469 N N    . ALA C 1 4  ? 0.12667   -7.12058  -1.13000  1.000 21.74542 ? 4   ALA C N    1 
ATOM   470 C CA   . ALA C 1 4  ? 1.34433   -6.82954  -0.38816  1.000 21.86281 ? 4   ALA C CA   1 
ATOM   471 C C    . ALA C 1 4  ? 1.90389   -8.08888  0.27208   1.000 21.31349 ? 4   ALA C C    1 
ATOM   472 O O    . ALA C 1 4  ? 3.06965   -8.13482  0.67080   1.000 22.07441 ? 4   ALA C O    1 
ATOM   473 C CB   . ALA C 1 4  ? 1.10505   -5.72165  0.62620   1.000 25.45913 ? 4   ALA C CB   1 
ATOM   474 H H    . ALA C 1 4  ? -0.59230  -6.77368  -0.80899  1.000 26.22421 ? 4   ALA C H    1 
ATOM   475 H HA   . ALA C 1 4  ? 2.01935   -6.50654  -1.00494  1.000 26.36508 ? 4   ALA C HA   1 
ATOM   476 H HB1  . ALA C 1 4  ? 1.92193   -5.57136  1.12770   1.000 30.68066 ? 4   ALA C HB1  1 
ATOM   477 H HB2  . ALA C 1 4  ? 0.85170   -4.91192  0.15558   1.000 30.68066 ? 4   ALA C HB2  1 
ATOM   478 H HB3  . ALA C 1 4  ? 0.39277   -5.99256  1.22699   1.000 30.68066 ? 4   ALA C HB3  1 
HETATM 479 N N    . AIB C 1 5  ? 1.08169   -9.11817  0.39989   1.000 21.22495 ? 5   AIB C N    1 
HETATM 480 C CA   . AIB C 1 5  ? 1.54911   -10.43412 0.77651   1.000 22.60830 ? 5   AIB C CA   1 
HETATM 481 C C    . AIB C 1 5  ? 2.77372   -10.90755 -0.01262  1.000 22.34019 ? 5   AIB C C    1 
HETATM 482 O O    . AIB C 1 5  ? 3.71871   -11.47973 0.49040   1.000 22.49369 ? 5   AIB C O    1 
HETATM 483 C CB1  . AIB C 1 5  ? 1.95945   -10.48528 2.25897   1.000 25.92143 ? 5   AIB C CB1  1 
HETATM 484 C CB2  . AIB C 1 5  ? 0.44927   -11.48823 0.54454   1.000 23.43250 ? 5   AIB C CB2  1 
HETATM 485 H H    . AIB C 1 5  ? 0.10324   -9.03389  0.59246   1.000 25.59964 ? 5   AIB C H    1 
HETATM 486 H HB11 . AIB C 1 5  ? 2.61326   -9.61327  2.49845   1.000 31.23542 ? 5   AIB C HB11 1 
HETATM 487 H HB12 . AIB C 1 5  ? 1.04840   -10.44964 2.90278   1.000 31.23542 ? 5   AIB C HB12 1 
HETATM 488 H HB13 . AIB C 1 5  ? 2.51718   -11.42966 2.46281   1.000 31.23542 ? 5   AIB C HB13 1 
HETATM 489 H HB21 . AIB C 1 5  ? -0.34956  -11.35766 1.31486   1.000 28.24871 ? 5   AIB C HB21 1 
HETATM 490 H HB22 . AIB C 1 5  ? 0.01854   -11.34624 -0.47698  1.000 28.24871 ? 5   AIB C HB22 1 
HETATM 491 H HB23 . AIB C 1 5  ? 0.89743   -12.50775 0.62925   1.000 28.24871 ? 5   AIB C HB23 1 
ATOM   492 N N    . ILE C 1 6  ? 2.74547   -10.61369 -1.30540  1.000 19.99444 ? 6   ILE C N    1 
ATOM   493 C CA   . ILE C 1 6  ? 3.81162   -11.02924 -2.21359  1.000 20.86016 ? 6   ILE C CA   1 
ATOM   494 C C    . ILE C 1 6  ? 5.06613   -10.26399 -1.92826  1.000 19.43734 ? 6   ILE C C    1 
ATOM   495 O O    . ILE C 1 6  ? 6.13170   -10.84653 -1.79517  1.000 20.06810 ? 6   ILE C O    1 
ATOM   496 C CB   . ILE C 1 6  ? 3.35938   -10.81939 -3.67505  1.000 27.20104 ? 6   ILE C CB   1 
ATOM   497 C CG1  . ILE C 1 6  ? 2.14668   -11.69403 -3.98895  1.000 29.81357 ? 6   ILE C CG1  1 
ATOM   498 C CG2  . ILE C 1 6  ? 4.46563   -11.13289 -4.65499  1.000 26.58892 ? 6   ILE C CG2  1 
ATOM   499 C CD1  . ILE C 1 6  ? 1.60533   -11.52684 -5.41968  1.000 31.09196 ? 6   ILE C CD1  1 
ATOM   500 H H    . ILE C 1 6  ? 2.11539   -10.17153 -1.68726  1.000 24.12303 ? 6   ILE C H    1 
ATOM   501 H HA   . ILE C 1 6  ? 4.00541   -11.96910 -2.07782  1.000 25.16190 ? 6   ILE C HA   1 
ATOM   502 H HB   . ILE C 1 6  ? 3.12332   -9.88324  -3.76691  1.000 32.77095 ? 6   ILE C HB   1 
ATOM   503 H HG12 . ILE C 1 6  ? 2.39698   -12.62416 -3.87531  1.000 35.90599 ? 6   ILE C HG12 1 
ATOM   504 H HG13 . ILE C 1 6  ? 1.43167   -11.46546 -3.37494  1.000 35.90599 ? 6   ILE C HG13 1 
ATOM   505 H HG21 . ILE C 1 6  ? 4.15953   -10.93066 -5.55223  1.000 32.03641 ? 6   ILE C HG21 1 
ATOM   506 H HG22 . ILE C 1 6  ? 5.24085   -10.59085 -4.43964  1.000 32.03641 ? 6   ILE C HG22 1 
ATOM   507 H HG23 . ILE C 1 6  ? 4.69132   -12.07332 -4.58594  1.000 32.03641 ? 6   ILE C HG23 1 
ATOM   508 H HD11 . ILE C 1 6  ? 0.79400   -12.05002 -5.51345  1.000 37.44006 ? 6   ILE C HD11 1 
ATOM   509 H HD12 . ILE C 1 6  ? 1.41365   -10.58916 -5.57740  1.000 37.44006 ? 6   ILE C HD12 1 
ATOM   510 H HD13 . ILE C 1 6  ? 2.27386   -11.83842 -6.04889  1.000 37.44006 ? 6   ILE C HD13 1 
HETATM 511 N N    . AIB C 1 7  ? 4.91141   -8.95289  -1.86363  1.000 21.37388 ? 7   AIB C N    1 
HETATM 512 C CA   . AIB C 1 7  ? 6.00115   -8.07128  -1.58558  1.000 23.66455 ? 7   AIB C CA   1 
HETATM 513 C C    . AIB C 1 7  ? 6.76634   -8.56871  -0.36026  1.000 22.84925 ? 7   AIB C C    1 
HETATM 514 O O    . AIB C 1 7  ? 7.98966   -8.67273  -0.31821  1.000 24.12780 ? 7   AIB C O    1 
HETATM 515 C CB1  . AIB C 1 7  ? 6.97706   -8.02645  -2.77653  1.000 26.84204 ? 7   AIB C CB1  1 
HETATM 516 C CB2  . AIB C 1 7  ? 5.44775   -6.66467  -1.29805  1.000 24.90710 ? 7   AIB C CB2  1 
HETATM 517 H H    . AIB C 1 7  ? 4.04305   -8.50055  -1.65622  1.000 25.77836 ? 7   AIB C H    1 
HETATM 518 H HB11 . AIB C 1 7  ? 7.48233   -9.01563  -2.88564  1.000 32.34015 ? 7   AIB C HB11 1 
HETATM 519 H HB12 . AIB C 1 7  ? 6.41757   -7.79451  -3.71288  1.000 32.34015 ? 7   AIB C HB12 1 
HETATM 520 H HB13 . AIB C 1 7  ? 7.74691   -7.23780  -2.60251  1.000 32.34015 ? 7   AIB C HB13 1 
HETATM 521 H HB21 . AIB C 1 7  ? 4.44071   -6.56504  -1.77211  1.000 30.01823 ? 7   AIB C HB21 1 
HETATM 522 H HB22 . AIB C 1 7  ? 5.36271   -6.52487  -0.19335  1.000 30.01823 ? 7   AIB C HB22 1 
HETATM 523 H HB23 . AIB C 1 7  ? 6.14470   -5.90395  -1.72494  1.000 30.01823 ? 7   AIB C HB23 1 
ATOM   524 N N    . GLN C 1 8  ? 6.00401   -8.86685  0.67668   1.000 24.24545 ? 8   GLN C N    1 
ATOM   525 C CA   . GLN C 1 8  ? 6.58191   -9.25020  1.95201   1.000 23.35801 ? 8   GLN C CA   1 
ATOM   526 C C    . GLN C 1 8  ? 7.24433   -10.61755 1.81331   1.000 20.05559 ? 8   GLN C C    1 
ATOM   527 O O    . GLN C 1 8  ? 8.39454   -10.79462 2.25208   1.000 21.48962 ? 8   GLN C O    1 
ATOM   528 C CB   . GLN C 1 8  ? 5.49023   -9.23059  3.01739   1.000 34.08014 ? 8   GLN C CB   1 
ATOM   529 C CG   . GLN C 1 8  ? 5.93006   -9.04731  4.43674   1.000 44.60535 ? 8   GLN C CG   1 
ATOM   530 C CD   . GLN C 1 8  ? 6.04881   -10.37735 5.10447   1.000 53.94578 ? 8   GLN C CD   1 
ATOM   531 O OE1  . GLN C 1 8  ? 6.44800   -11.36429 4.47947   1.000 57.29499 ? 8   GLN C OE1  1 
ATOM   532 N NE2  . GLN C 1 8  ? 5.71133   -10.42596 6.38255   1.000 57.03153 ? 8   GLN C NE2  1 
ATOM   533 H H    . GLN C 1 8  ? 5.14407   -8.85523  0.66899   1.000 29.22425 ? 8   GLN C H    1 
ATOM   534 H HA   . GLN C 1 8  ? 7.26798   -8.62921  2.24277   1.000 28.15931 ? 8   GLN C HA   1 
ATOM   535 H HB2  . GLN C 1 8  ? 4.88492   -8.50052  2.81369   1.000 41.02587 ? 8   GLN C HB2  1 
ATOM   536 H HB3  . GLN C 1 8  ? 5.01663   -10.07636 2.97665   1.000 41.02587 ? 8   GLN C HB3  1 
ATOM   537 H HG2  . GLN C 1 8  ? 6.79466   -8.60911  4.45803   1.000 53.65612 ? 8   GLN C HG2  1 
ATOM   538 H HG3  . GLN C 1 8  ? 5.27683   -8.51506  4.91667   1.000 53.65612 ? 8   GLN C HG3  1 
ATOM   539 H HE21 . GLN C 1 8  ? 5.44047   -9.71429  6.78353   1.000 68.56754 ? 8   GLN C HE21 1 
ATOM   540 H HE22 . GLN C 1 8  ? 5.76202   -11.16867 6.81273   1.000 68.56754 ? 8   GLN C HE22 1 
HETATM 541 N N    . AIB C 1 9  ? 6.54936   -11.58133 1.21632   1.000 21.97523 ? 9   AIB C N    1 
HETATM 542 C CA   . AIB C 1 9  ? 7.11798   -12.89879 1.00024   1.000 23.15951 ? 9   AIB C CA   1 
HETATM 543 C C    . AIB C 1 9  ? 8.55775   -12.86531 0.45497   1.000 23.54386 ? 9   AIB C C    1 
HETATM 544 O O    . AIB C 1 9  ? 9.46808   -13.58103 0.86085   1.000 27.19630 ? 9   AIB C O    1 
HETATM 545 C CB1  . AIB C 1 9  ? 7.18562   -13.65094 2.33329   1.000 25.41269 ? 9   AIB C CB1  1 
HETATM 546 C CB2  . AIB C 1 9  ? 6.26884   -13.73441 0.01009   1.000 24.33584 ? 9   AIB C CB2  1 
HETATM 547 H H    . AIB C 1 9  ? 5.55010   -11.62104 1.18208   1.000 26.49998 ? 9   AIB C H    1 
HETATM 548 H HB11 . AIB C 1 9  ? 7.82119   -13.08287 3.05404   1.000 30.62493 ? 9   AIB C HB11 1 
HETATM 549 H HB12 . AIB C 1 9  ? 6.15825   -13.76034 2.75563   1.000 30.62493 ? 9   AIB C HB12 1 
HETATM 550 H HB13 . AIB C 1 9  ? 7.62696   -14.66326 2.17258   1.000 30.62493 ? 9   AIB C HB13 1 
HETATM 551 H HB21 . AIB C 1 9  ? 5.35311   -14.10022 0.53447   1.000 29.33271 ? 9   AIB C HB21 1 
HETATM 552 H HB22 . AIB C 1 9  ? 5.97860   -13.09042 -0.85486  1.000 29.33271 ? 9   AIB C HB22 1 
HETATM 553 H HB23 . AIB C 1 9  ? 6.87326   -14.60233 -0.34795  1.000 29.33271 ? 9   AIB C HB23 1 
ATOM   554 N N    . LEU C 1 10 ? 8.75477   -11.97048 -0.49746  1.000 22.71163 ? 10  LEU C N    1 
ATOM   555 C CA   . LEU C 1 10 ? 10.01495  -11.91208 -1.24219  1.000 24.52103 ? 10  LEU C CA   1 
ATOM   556 C C    . LEU C 1 10 ? 11.06234  -10.99477 -0.63763  1.000 22.75823 ? 10  LEU C C    1 
ATOM   557 O O    . LEU C 1 10 ? 11.82828  -10.41242 -1.36555  1.000 22.38797 ? 10  LEU C O    1 
ATOM   558 C CB   . LEU C 1 10 ? 9.71561   -11.50100 -2.68322  1.000 28.51334 ? 10  LEU C CB   1 
ATOM   559 C CG   . LEU C 1 10 ? 8.66850   -12.40417 -3.31625  1.000 33.05774 ? 10  LEU C CG   1 
ATOM   560 C CD1  . LEU C 1 10 ? 8.11957   -11.78677 -4.58163  1.000 34.25345 ? 10  LEU C CD1  1 
ATOM   561 C CD2  . LEU C 1 10 ? 9.25517   -13.75576 -3.56781  1.000 32.26955 ? 10  LEU C CD2  1 
ATOM   562 H H    . LEU C 1 10 ? 8.17712   -11.38106 -0.73742  1.000 27.38366 ? 10  LEU C H    1 
ATOM   563 H HA   . LEU C 1 10 ? 10.41557  -12.79506 -1.21725  1.000 29.55494 ? 10  LEU C HA   1 
ATOM   564 H HB2  . LEU C 1 10 ? 9.38053   -10.59112 -2.69171  1.000 34.34572 ? 10  LEU C HB2  1 
ATOM   565 H HB3  . LEU C 1 10 ? 10.52845  -11.55972 -3.20713  1.000 34.34572 ? 10  LEU C HB3  1 
ATOM   566 H HG   . LEU C 1 10 ? 7.91940   -12.51372 -2.70973  1.000 39.79899 ? 10  LEU C HG   1 
ATOM   567 H HD11 . LEU C 1 10 ? 7.45540   -12.38319 -4.96141  1.000 41.23384 ? 10  LEU C HD11 1 
ATOM   568 H HD12 . LEU C 1 10 ? 7.71274   -10.93252 -4.36473  1.000 41.23384 ? 10  LEU C HD12 1 
ATOM   569 H HD13 . LEU C 1 10 ? 8.84660   -11.65640 -5.20960  1.000 41.23384 ? 10  LEU C HD13 1 
ATOM   570 H HD21 . LEU C 1 10 ? 8.57772   -14.32199 -3.97076  1.000 38.85316 ? 10  LEU C HD21 1 
ATOM   571 H HD22 . LEU C 1 10 ? 10.01093  -13.66511 -4.16763  1.000 38.85316 ? 10  LEU C HD22 1 
ATOM   572 H HD23 . LEU C 1 10 ? 9.54480   -14.13551 -2.72379  1.000 38.85316 ? 10  LEU C HD23 1 
HETATM 573 C C11  . I77 C 1 11 ? 13.08200  -8.22506  3.20199   1.000 18.98785 ? 11  I77 C C11  1 
HETATM 574 C C12  . I77 C 1 11 ? 13.62098  -9.36188  2.61039   1.000 17.62021 ? 11  I77 C C12  1 
HETATM 575 C C13  . I77 C 1 11 ? 12.73954  -10.27570 1.78956   1.000 19.77928 ? 11  I77 C C13  1 
HETATM 576 C C17  . I77 C 1 11 ? 14.96231  -9.68188  2.75719   1.000 17.06158 ? 11  I77 C C17  1 
HETATM 577 C C18  . I77 C 1 11 ? 15.75143  -8.82847  3.50860   1.000 14.40290 ? 11  I77 C C18  1 
HETATM 578 C C02  . I77 C 1 11 ? 18.60265  -4.19395  6.97461   1.000 14.20613 ? 11  I77 C C02  1 
HETATM 579 C C03  . I77 C 1 11 ? 17.69839  -5.16220  6.22791   1.000 13.82402 ? 11  I77 C C03  1 
HETATM 580 C C04  . I77 C 1 11 ? 16.43013  -4.71834  5.93971   1.000 14.95264 ? 11  I77 C C04  1 
HETATM 581 C C05  . I77 C 1 11 ? 15.60469  -5.57081  5.25655   1.000 15.02019 ? 11  I77 C C05  1 
HETATM 582 C C06  . I77 C 1 11 ? 18.12541  -6.42393  5.84750   1.000 14.89185 ? 11  I77 C C06  1 
HETATM 583 C C08  . I77 C 1 11 ? 16.07879  -6.80730  4.91471   1.000 14.20206 ? 11  I77 C C08  1 
HETATM 584 C C09  . I77 C 1 11 ? 15.17431  -7.71243  4.11532   1.000 14.43819 ? 11  I77 C C09  1 
HETATM 585 N N01  . I77 C 1 11 ? 19.94973  -4.62217  7.17996   1.000 15.45535 ? 11  I77 C N01  1 
HETATM 586 N N07  . I77 C 1 11 ? 17.28827  -7.21327  5.19483   1.000 16.51136 ? 11  I77 C N07  1 
HETATM 587 N N10  . I77 C 1 11 ? 13.87984  -7.43709  3.93116   1.000 17.87522 ? 11  I77 C N10  1 
HETATM 588 N N14  . I77 C 1 11 ? 11.52417  -9.64773  1.28394   1.000 21.59229 ? 11  I77 C N14  1 
HETATM 589 N N15  . I77 C 1 11 ? 10.56191  -10.37734 0.54617   1.000 21.11624 ? 11  I77 C N15  1 
HETATM 590 O O16  . I77 C 1 11 ? 13.02011  -11.41683 1.60099   1.000 22.18832 ? 11  I77 C O16  1 
HETATM 591 O O19  . I77 C 1 11 ? 18.22695  -3.14187  7.32909   1.000 18.68256 ? 11  I77 C O19  1 
HETATM 592 H H111 . I77 C 1 11 ? 12.03869  -7.98241  3.07462   1.000 22.91513 ? 11  I77 C H111 1 
HETATM 593 H H171 . I77 C 1 11 ? 15.38210  -10.57561 2.29524   1.000 20.60360 ? 11  I77 C H171 1 
HETATM 594 H H181 . I77 C 1 11 ? 16.81448  -9.02665  3.62669   1.000 17.41318 ? 11  I77 C H181 1 
HETATM 595 H H041 . I77 C 1 11 ? 16.10025  -3.74088  6.23832   1.000 18.07288 ? 11  I77 C H041 1 
HETATM 596 H H051 . I77 C 1 11 ? 14.59688  -5.27278  4.99262   1.000 18.15393 ? 11  I77 C H051 1 
HETATM 597 H H061 . I77 C 1 11 ? 19.12642  -6.75766  6.08110   1.000 17.99993 ? 11  I77 C H061 1 
HETATM 598 H H011 . I77 C 1 11 ? 20.59103  -4.02447  7.66248   1.000 18.67612 ? 11  I77 C H011 1 
HETATM 599 H H012 . I77 C 1 11 ? 20.24989  -5.52902  6.85592   1.000 18.67612 ? 11  I77 C H012 1 
HETATM 600 H H141 . I77 C 1 11 ? 11.36604  -8.67108  1.46422   1.000 26.04045 ? 11  I77 C H141 1 
HETATM 601 H H1   . I77 C 1 11 ? 10.01354  -9.74003  -0.00509  1.000 25.46919 ? 11  I77 C H1   1 
HETATM 602 C C05  . I6W D 1 1  ? -19.35332 4.20353   -3.78387  1.000 25.59124 ? 1   I6W D C05  1 
HETATM 603 C C08  . I6W D 1 1  ? -18.43454 4.73855   -2.91202  1.000 22.95730 ? 1   I6W D C08  1 
HETATM 604 C C09  . I6W D 1 1  ? -18.76290 6.03543   -2.14903  1.000 22.57663 ? 1   I6W D C09  1 
HETATM 605 N N10  . I6W D 1 1  ? -19.99645 6.51535   -2.10558  1.000 26.25343 ? 1   I6W D N10  1 
HETATM 606 C C02  . I6W D 1 1  ? -17.39023 1.15631   -4.98031  1.000 24.48980 ? 1   I6W D C02  1 
HETATM 607 C C03  . I6W D 1 1  ? -17.82161 2.44653   -4.26156  1.000 24.14647 ? 1   I6W D C03  1 
HETATM 608 C C04  . I6W D 1 1  ? -19.05593 3.02447   -4.49257  1.000 26.50392 ? 1   I6W D C04  1 
HETATM 609 C C06  . I6W D 1 1  ? -16.93665 3.02114   -3.37018  1.000 25.12695 ? 1   I6W D C06  1 
HETATM 610 C C11  . I6W D 1 1  ? -20.31470 7.62368   -1.45839  1.000 28.67068 ? 1   I6W D C11  1 
HETATM 611 C C12  . I6W D 1 1  ? -19.34105 8.34057   -0.77704  1.000 28.21706 ? 1   I6W D C12  1 
HETATM 612 C C13  . I6W D 1 1  ? -19.70613 9.65451   -0.00068  1.000 32.82582 ? 1   I6W D C13  1 
HETATM 613 C C15  . I6W D 1 1  ? -19.51306 11.11558  1.89150   1.000 40.60084 ? 1   I6W D C15  1 
HETATM 614 C C16  . I6W D 1 1  ? -18.48883 11.96561  2.70053   1.000 41.55128 ? 1   I6W D C16  1 
HETATM 615 C C18  . I6W D 1 1  ? -18.04410 7.88083   -0.79238  1.000 25.90150 ? 1   I6W D C18  1 
HETATM 616 C C19  . I6W D 1 1  ? -17.74536 6.70283   -1.48839  1.000 26.25513 ? 1   I6W D C19  1 
HETATM 617 N N07  . I6W D 1 1  ? -17.26373 4.13273   -2.72832  1.000 22.22791 ? 1   I6W D N07  1 
HETATM 618 O O01  . I6W D 1 1  ? -16.22151 0.81097   -4.95371  1.000 26.32687 ? 1   I6W D O01  1 
HETATM 619 O O14  . I6W D 1 1  ? -18.84834 10.17894  1.01095   1.000 36.75146 ? 1   I6W D O14  1 
HETATM 620 O O17  . I6W D 1 1  ? -20.70143 10.21561  -0.24129  1.000 39.24932 ? 1   I6W D O17  1 
HETATM 621 H H051 . I6W D 1 1  ? -20.29641 4.68496   -3.92410  1.000 30.83919 ? 1   I6W D H051 1 
HETATM 622 H H041 . I6W D 1 1  ? -19.78635 2.57393   -5.21270  1.000 31.93441 ? 1   I6W D H041 1 
HETATM 623 H H061 . I6W D 1 1  ? -15.96940 2.55979   -3.19481  1.000 30.28205 ? 1   I6W D H061 1 
HETATM 624 H H111 . I6W D 1 1  ? -21.32226 7.96767   -1.46048  1.000 34.53452 ? 1   I6W D H111 1 
HETATM 625 H H152 . I6W D 1 1  ? -20.13600 10.56331  2.58509   1.000 48.85071 ? 1   I6W D H152 1 
HETATM 626 H H151 . I6W D 1 1  ? -20.12913 11.77876  1.29786   1.000 48.85071 ? 1   I6W D H151 1 
HETATM 627 H H162 . I6W D 1 1  ? -17.62517 11.33385  2.97875   1.000 49.99124 ? 1   I6W D H162 1 
HETATM 628 H H163 . I6W D 1 1  ? -18.14316 12.81282  2.07963   1.000 49.99124 ? 1   I6W D H163 1 
HETATM 629 H H161 . I6W D 1 1  ? -18.97440 12.35249  3.61660   1.000 49.99124 ? 1   I6W D H161 1 
HETATM 630 H H181 . I6W D 1 1  ? -17.25775 8.42666   -0.27073  1.000 31.21150 ? 1   I6W D H181 1 
HETATM 631 H H191 . I6W D 1 1  ? -16.72829 6.31808   -1.50960  1.000 31.63586 ? 1   I6W D H191 1 
ATOM   632 N N    . LEU D 1 2  ? -17.98547 0.73327   -6.20810  1.000 28.82066 ? 2   LEU D N    1 
ATOM   633 C CA   . LEU D 1 2  ? -17.50768 -0.41829  -6.94718  1.000 26.93532 ? 2   LEU D CA   1 
ATOM   634 C C    . LEU D 1 2  ? -16.27881 -0.08914  -7.75881  1.000 25.83475 ? 2   LEU D C    1 
ATOM   635 O O    . LEU D 1 2  ? -15.43173 -0.94945  -7.97932  1.000 22.41754 ? 2   LEU D O    1 
ATOM   636 C CB   . LEU D 1 2  ? -18.58944 -0.91667  -7.89674  1.000 27.38591 ? 2   LEU D CB   1 
ATOM   637 C CG   . LEU D 1 2  ? -19.74653 -1.67272  -7.25581  1.000 30.68587 ? 2   LEU D CG   1 
ATOM   638 C CD1  . LEU D 1 2  ? -20.85417 -1.84420  -8.27470  1.000 32.46206 ? 2   LEU D CD1  1 
ATOM   639 C CD2  . LEU D 1 2  ? -19.26454 -3.01399  -6.73236  1.000 31.20596 ? 2   LEU D CD2  1 
ATOM   640 H H    . LEU D 1 2  ? -18.54030 1.22502   -6.64454  1.000 34.71450 ? 2   LEU D H    1 
ATOM   641 H HA   . LEU D 1 2  ? -17.28270 -1.11570  -6.31115  1.000 32.45209 ? 2   LEU D HA   1 
ATOM   642 H HB2  . LEU D 1 2  ? -18.96836 -0.14882  -8.35360  1.000 32.99280 ? 2   LEU D HB2  1 
ATOM   643 H HB3  . LEU D 1 2  ? -18.17696 -1.51473  -8.53913  1.000 32.99280 ? 2   LEU D HB3  1 
ATOM   644 H HG   . LEU D 1 2  ? -20.10073 -1.17747  -6.50120  1.000 36.95275 ? 2   LEU D HG   1 
ATOM   645 H HD11 . LEU D 1 2  ? -21.59987 -2.30082  -7.85591  1.000 39.08418 ? 2   LEU D HD11 1 
ATOM   646 H HD12 . LEU D 1 2  ? -21.13408 -0.96889  -8.58689  1.000 39.08418 ? 2   LEU D HD12 1 
ATOM   647 H HD13 . LEU D 1 2  ? -20.52003 -2.36897  -9.01935  1.000 39.08418 ? 2   LEU D HD13 1 
ATOM   648 H HD21 . LEU D 1 2  ? -20.02261 -3.50560  -6.38009  1.000 37.57686 ? 2   LEU D HD21 1 
ATOM   649 H HD22 . LEU D 1 2  ? -18.85902 -3.50985  -7.46057  1.000 37.57686 ? 2   LEU D HD22 1 
ATOM   650 H HD23 . LEU D 1 2  ? -18.61343 -2.86325  -6.03055  1.000 37.57686 ? 2   LEU D HD23 1 
HETATM 651 N N    . AIB D 1 3  ? -16.19690 1.14464   -8.23196  1.000 24.31623 ? 3   AIB D N    1 
HETATM 652 C CA   . AIB D 1 3  ? -15.00688 1.61214   -8.90270  1.000 25.50259 ? 3   AIB D CA   1 
HETATM 653 C C    . AIB D 1 3  ? -13.73882 1.36481   -8.07253  1.000 22.31596 ? 3   AIB D C    1 
HETATM 654 O O    . AIB D 1 3  ? -12.72818 0.83797   -8.54657  1.000 23.49420 ? 3   AIB D O    1 
HETATM 655 C CB1  . AIB D 1 3  ? -14.79799 0.87560   -10.24385 1.000 27.74877 ? 3   AIB D CB1  1 
HETATM 656 C CB2  . AIB D 1 3  ? -15.06571 3.12041   -9.19939  1.000 23.69400 ? 3   AIB D CB2  1 
HETATM 657 H H    . AIB D 1 3  ? -16.98429 1.71158   -8.47807  1.000 29.30918 ? 3   AIB D H    1 
HETATM 658 H HB11 . AIB D 1 3  ? -14.84258 -0.22676  -10.07898 1.000 33.42822 ? 3   AIB D HB11 1 
HETATM 659 H HB12 . AIB D 1 3  ? -15.59761 1.17180   -10.96483 1.000 33.42822 ? 3   AIB D HB12 1 
HETATM 660 H HB13 . AIB D 1 3  ? -13.80167 1.14453   -10.67007 1.000 33.42822 ? 3   AIB D HB13 1 
HETATM 661 H HB21 . AIB D 1 3  ? -16.04066 3.35897   -9.68880  1.000 28.56250 ? 3   AIB D HB21 1 
HETATM 662 H HB22 . AIB D 1 3  ? -14.97333 3.68433   -8.23955  1.000 28.56250 ? 3   AIB D HB22 1 
HETATM 663 H HB23 . AIB D 1 3  ? -14.22235 3.39059   -9.88062  1.000 28.56250 ? 3   AIB D HB23 1 
ATOM   664 N N    . ALA D 1 4  ? -13.82411 1.72747   -6.78928  1.000 23.36751 ? 4   ALA D N    1 
ATOM   665 C CA   . ALA D 1 4  ? -12.72039 1.61085   -5.84548  1.000 21.00750 ? 4   ALA D CA   1 
ATOM   666 C C    . ALA D 1 4  ? -12.46674 0.14512   -5.53186  1.000 19.47066 ? 4   ALA D C    1 
ATOM   667 O O    . ALA D 1 4  ? -11.32320 -0.25768  -5.32377  1.000 20.96725 ? 4   ALA D O    1 
ATOM   668 C CB   . ALA D 1 4  ? -13.07663 2.35690   -4.60792  1.000 27.16954 ? 4   ALA D CB   1 
ATOM   669 H H    . ALA D 1 4  ? -14.53548 2.05371   -6.43378  1.000 28.17071 ? 4   ALA D H    1 
ATOM   670 H HA   . ALA D 1 4  ? -11.90592 1.98798   -6.21311  1.000 25.33870 ? 4   ALA D HA   1 
ATOM   671 H HB1  . ALA D 1 4  ? -12.34678 2.28254   -3.97370  1.000 32.73315 ? 4   ALA D HB1  1 
ATOM   672 H HB2  . ALA D 1 4  ? -13.22572 3.28838   -4.83287  1.000 32.73315 ? 4   ALA D HB2  1 
ATOM   673 H HB3  . ALA D 1 4  ? -13.88368 1.97415   -4.23068  1.000 32.73315 ? 4   ALA D HB3  1 
HETATM 674 N N    . AIB D 1 5  ? -13.52253 -0.65922  -5.48445  1.000 19.30849 ? 5   AIB D N    1 
HETATM 675 C CA   . AIB D 1 5  ? -13.37781 -2.09699  -5.29141  1.000 18.53254 ? 5   AIB D CA   1 
HETATM 676 C C    . AIB D 1 5  ? -12.39244 -2.72109  -6.31332  1.000 18.03283 ? 5   AIB D C    1 
HETATM 677 O O    . AIB D 1 5  ? -11.46767 -3.48645  -5.98648  1.000 19.98075 ? 5   AIB D O    1 
HETATM 678 C CB1  . AIB D 1 5  ? -12.83386 -2.41925  -3.89195  1.000 22.66557 ? 5   AIB D CB1  1 
HETATM 679 C CB2  . AIB D 1 5  ? -14.72617 -2.83003  -5.49975  1.000 20.42399 ? 5   AIB D CB2  1 
HETATM 680 H H    . AIB D 1 5  ? -14.44504 -0.36548  -5.23389  1.000 23.29989 ? 5   AIB D H    1 
HETATM 681 H HB11 . AIB D 1 5  ? -11.84335 -1.92646  -3.75015  1.000 27.32838 ? 5   AIB D HB11 1 
HETATM 682 H HB12 . AIB D 1 5  ? -13.54490 -2.04562  -3.11666  1.000 27.32838 ? 5   AIB D HB12 1 
HETATM 683 H HB13 . AIB D 1 5  ? -12.71498 -3.52375  -3.77871  1.000 27.32838 ? 5   AIB D HB13 1 
HETATM 684 H HB21 . AIB D 1 5  ? -15.55988 -2.15814  -5.18359  1.000 24.63849 ? 5   AIB D HB21 1 
HETATM 685 H HB22 . AIB D 1 5  ? -14.83708 -3.09050  -6.58070  1.000 24.63849 ? 5   AIB D HB22 1 
HETATM 686 H HB23 . AIB D 1 5  ? -14.73415 -3.76177  -4.88292  1.000 24.63849 ? 5   AIB D HB23 1 
ATOM   687 N N    A ILE D 1 6  ? -12.62620 -2.36405  -7.57527  0.366 17.07708 ? 6   ILE D N    1 
ATOM   688 N N    B ILE D 1 6  ? -12.59245 -2.36695  -7.57784  0.634 21.43144 ? 6   ILE D N    1 
ATOM   689 C CA   A ILE D 1 6  ? -11.80505 -2.79797  -8.69832  0.366 16.52549 ? 6   ILE D CA   1 
ATOM   690 C CA   B ILE D 1 6  ? -11.75966 -2.86526  -8.66192  0.634 23.68800 ? 6   ILE D CA   1 
ATOM   691 C C    A ILE D 1 6  ? -10.39569 -2.26579  -8.52792  0.366 17.39111 ? 6   ILE D C    1 
ATOM   692 C C    B ILE D 1 6  ? -10.36190 -2.25981  -8.54937  0.634 24.33292 ? 6   ILE D C    1 
ATOM   693 O O    A ILE D 1 6  ? -9.42519  -3.01232  -8.61903  0.366 17.72804 ? 6   ILE D O    1 
ATOM   694 O O    B ILE D 1 6  ? -9.36051  -2.95197  -8.72129  0.634 25.68225 ? 6   ILE D O    1 
ATOM   695 C CB   A ILE D 1 6  ? -12.41475 -2.31145  -10.02775 0.366 19.14798 ? 6   ILE D CB   1 
ATOM   696 C CB   B ILE D 1 6  ? -12.45455 -2.58939  -10.01349 0.634 25.61593 ? 6   ILE D CB   1 
ATOM   697 C CG1  A ILE D 1 6  ? -13.80546 -2.91655  -10.23943 0.366 21.57961 ? 6   ILE D CG1  1 
ATOM   698 C CG1  B ILE D 1 6  ? -13.64579 -3.54351  -10.18671 0.634 27.49446 ? 6   ILE D CG1  1 
ATOM   699 C CG2  A ILE D 1 6  ? -11.50706 -2.64771  -11.20335 0.366 18.40009 ? 6   ILE D CG2  1 
ATOM   700 C CG2  B ILE D 1 6  ? -11.49186 -2.72201  -11.17448 0.634 26.63971 ? 6   ILE D CG2  1 
ATOM   701 C CD1  A ILE D 1 6  ? -13.82583 -4.43216  -10.29191 0.366 21.82297 ? 6   ILE D CD1  1 
ATOM   702 C CD1  B ILE D 1 6  ? -14.54172 -3.25538  -11.39113 0.634 30.74350 ? 6   ILE D CD1  1 
ATOM   703 H H    A ILE D 1 6  ? -13.27579 -1.85338  -7.81295  0.366 20.62220 ? 6   ILE D H    1 
ATOM   704 H H    B ILE D 1 6  ? -13.21335 -1.83144  -7.83595  0.634 25.84743 ? 6   ILE D H    1 
ATOM   705 H HA   A ILE D 1 6  ? -11.76791 -3.76725  -8.72099  0.366 19.96029 ? 6   ILE D HA   1 
ATOM   706 H HA   B ILE D 1 6  ? -11.63987 -3.82596  -8.60383  0.634 28.55531 ? 6   ILE D HA   1 
ATOM   707 H HB   A ILE D 1 6  ? -12.50217 -1.34705  -9.97472  0.366 23.10728 ? 6   ILE D HB   1 
ATOM   708 H HB   B ILE D 1 6  ? -12.77411 -1.67375  -10.00553 0.634 30.86882 ? 6   ILE D HB   1 
ATOM   709 H HG12 A ILE D 1 6  ? -14.37834 -2.64074  -9.50695  0.366 26.02523 ? 6   ILE D HG12 1 
ATOM   710 H HG12 B ILE D 1 6  ? -13.30341 -4.44526  -10.28952 0.634 33.12306 ? 6   ILE D HG12 1 
ATOM   711 H HG13 A ILE D 1 6  ? -14.16054 -2.58896  -11.07998 0.366 26.02523 ? 6   ILE D HG13 1 
ATOM   712 H HG13 B ILE D 1 6  ? -14.20057 -3.48792  -9.39251  0.634 33.12306 ? 6   ILE D HG13 1 
ATOM   713 H HG21 A ILE D 1 6  ? -12.01011 -2.55422  -12.02744 0.366 22.20981 ? 6   ILE D HG21 1 
ATOM   714 H HG21 B ILE D 1 6  ? -11.99281 -2.68515  -12.00557 0.634 32.09736 ? 6   ILE D HG21 1 
ATOM   715 H HG22 A ILE D 1 6  ? -10.75307 -2.03745  -11.20499 0.366 22.20981 ? 6   ILE D HG22 1 
ATOM   716 H HG22 B ILE D 1 6  ? -10.85425 -1.99193  -11.14173 0.634 32.09736 ? 6   ILE D HG22 1 
ATOM   717 H HG23 A ILE D 1 6  ? -11.19287 -3.56112  -11.10927 0.366 22.20981 ? 6   ILE D HG23 1 
ATOM   718 H HG23 B ILE D 1 6  ? -11.02740 -3.57054  -11.10550 0.634 32.09736 ? 6   ILE D HG23 1 
ATOM   719 H HD11 A ILE D 1 6  ? -14.70485 -4.72563  -10.58049 0.366 26.31727 ? 6   ILE D HD11 1 
ATOM   720 H HD11 B ILE D 1 6  ? -15.32811 -3.82114  -11.34184 0.634 37.02190 ? 6   ILE D HD11 1 
ATOM   721 H HD12 A ILE D 1 6  ? -13.15339 -4.73564  -10.92096 0.366 26.31727 ? 6   ILE D HD12 1 
ATOM   722 H HD12 B ILE D 1 6  ? -14.80540 -2.32163  -11.37220 0.634 37.02190 ? 6   ILE D HD12 1 
ATOM   723 H HD13 A ILE D 1 6  ? -13.63447 -4.78188  -9.40761  0.366 26.31727 ? 6   ILE D HD13 1 
ATOM   724 H HD13 B ILE D 1 6  ? -14.04844 -3.44367  -12.20375 0.634 37.02190 ? 6   ILE D HD13 1 
HETATM 725 N N    . AIB D 1 7  ? -10.29847 -0.95761  -8.33690  1.000 18.73141 ? 7   AIB D N    1 
HETATM 726 C CA   . AIB D 1 7  ? -9.03703  -0.30858  -8.07002  1.000 21.57469 ? 7   AIB D CA   1 
HETATM 727 C C    . AIB D 1 7  ? -8.17574  -1.10639  -7.08563  1.000 19.06262 ? 7   AIB D C    1 
HETATM 728 O O    . AIB D 1 7  ? -7.00285  -1.40559  -7.31407  1.000 20.94129 ? 7   AIB D O    1 
HETATM 729 C CB1  . AIB D 1 7  ? -8.26309  -0.24353  -9.39698  1.000 23.19066 ? 7   AIB D CB1  1 
HETATM 730 C CB2  . AIB D 1 7  ? -9.18247  1.10886   -7.49440  1.000 21.72751 ? 7   AIB D CB2  1 
HETATM 731 H H    . AIB D 1 7  ? -10.97494 -0.29562  -8.66112  1.000 22.60739 ? 7   AIB D H    1 
HETATM 732 H HB11 . AIB D 1 7  ? -7.81807  -1.24163  -9.62184  1.000 27.95849 ? 7   AIB D HB11 1 
HETATM 733 H HB12 . AIB D 1 7  ? -8.95583  0.04449   -10.22309 1.000 27.95849 ? 7   AIB D HB12 1 
HETATM 734 H HB13 . AIB D 1 7  ? -7.44704  0.51384   -9.31983  1.000 27.95849 ? 7   AIB D HB13 1 
HETATM 735 H HB21 . AIB D 1 7  ? -9.82971  1.71482   -8.17512  1.000 26.20271 ? 7   AIB D HB21 1 
HETATM 736 H HB22 . AIB D 1 7  ? -9.65000  1.04623   -6.48198  1.000 26.20271 ? 7   AIB D HB22 1 
HETATM 737 H HB23 . AIB D 1 7  ? -8.17123  1.57718   -7.41706  1.000 26.20271 ? 7   AIB D HB23 1 
ATOM   738 N N    . GLN D 1 8  ? -8.80553  -1.50538  -5.99152  1.000 17.18940 ? 8   GLN D N    1 
ATOM   739 C CA   . GLN D 1 8  ? -8.09005  -2.20752  -4.95590  1.000 18.28265 ? 8   GLN D CA   1 
ATOM   740 C C    . GLN D 1 8  ? -7.65098  -3.59547  -5.42711  1.000 15.61013 ? 8   GLN D C    1 
ATOM   741 O O    . GLN D 1 8  ? -6.49060  -3.97884  -5.20858  1.000 16.17113 ? 8   GLN D O    1 
ATOM   742 C CB   . GLN D 1 8  ? -8.90322  -2.31324  -3.68345  1.000 23.65421 ? 8   GLN D CB   1 
ATOM   743 C CG   . GLN D 1 8  ? -8.17340  -3.13694  -2.64456  1.000 29.21800 ? 8   GLN D CG   1 
ATOM   744 C CD   . GLN D 1 8  ? -8.63913  -2.84772  -1.24346  1.000 36.09651 ? 8   GLN D CD   1 
ATOM   745 O OE1  . GLN D 1 8  ? -9.15013  -1.75584  -0.95400  1.000 38.46271 ? 8   GLN D OE1  1 
ATOM   746 N NE2  . GLN D 1 8  ? -8.44514  -3.81171  -0.34834  1.000 42.69211 ? 8   GLN D NE2  1 
ATOM   747 H H    . GLN D 1 8  ? -9.64157  -1.37881  -5.83139  1.000 20.75698 ? 8   GLN D H    1 
ATOM   748 H HA   . GLN D 1 8  ? -7.29293  -1.69785  -4.74207  1.000 22.06888 ? 8   GLN D HA   1 
ATOM   749 H HB2  . GLN D 1 8  ? -9.05423  -1.42620  -3.32232  1.000 28.51476 ? 8   GLN D HB2  1 
ATOM   750 H HB3  . GLN D 1 8  ? -9.75152  -2.74165  -3.87555  1.000 28.51476 ? 8   GLN D HB3  1 
ATOM   751 H HG2  . GLN D 1 8  ? -8.32665  -4.07836  -2.82369  1.000 35.19131 ? 8   GLN D HG2  1 
ATOM   752 H HG3  . GLN D 1 8  ? -7.22541  -2.93929  -2.69359  1.000 35.19131 ? 8   GLN D HG3  1 
ATOM   753 H HE21 . GLN D 1 8  ? -8.07256  -4.54912  -0.58571  1.000 51.36024 ? 8   GLN D HE21 1 
ATOM   754 H HE22 . GLN D 1 8  ? -8.69301  -3.69717  0.46734   1.000 51.36024 ? 8   GLN D HE22 1 
HETATM 755 N N    . AIB D 1 9  ? -8.55538  -4.33070  -6.07193  1.000 16.34669 ? 9   AIB D N    1 
HETATM 756 C CA   . AIB D 1 9  ? -8.22858  -5.64632  -6.52776  1.000 21.01642 ? 9   AIB D CA   1 
HETATM 757 C C    . AIB D 1 9  ? -6.97460  -5.71698  -7.42778  1.000 19.56612 ? 9   AIB D C    1 
HETATM 758 O O    . AIB D 1 9  ? -6.16858  -6.65086  -7.40797  1.000 21.95207 ? 9   AIB D O    1 
HETATM 759 C CB1  . AIB D 1 9  ? -7.99313  -6.57082  -5.31499  1.000 19.58123 ? 9   AIB D CB1  1 
HETATM 760 C CB2  . AIB D 1 9  ? -9.39635  -6.22036  -7.35463  1.000 22.67163 ? 9   AIB D CB2  1 
HETATM 761 H H    . AIB D 1 9  ? -9.54570  -4.21139  -5.99686  1.000 19.74573 ? 9   AIB D H    1 
HETATM 762 H HB11 . AIB D 1 9  ? -7.16289  -6.16686  -4.68829  1.000 23.62718 ? 9   AIB D HB11 1 
HETATM 763 H HB12 . AIB D 1 9  ? -8.92257  -6.63057  -4.70095  1.000 23.62718 ? 9   AIB D HB12 1 
HETATM 764 H HB13 . AIB D 1 9  ? -7.72086  -7.59437  -5.66948  1.000 23.62718 ? 9   AIB D HB13 1 
HETATM 765 H HB21 . AIB D 1 9  ? -10.13573 -6.69216  -6.66212  1.000 27.33566 ? 9   AIB D HB21 1 
HETATM 766 H HB22 . AIB D 1 9  ? -9.88336  -5.39096  -7.92284  1.000 27.33566 ? 9   AIB D HB22 1 
HETATM 767 H HB23 . AIB D 1 9  ? -8.99943  -6.98511  -8.06448  1.000 27.33566 ? 9   AIB D HB23 1 
ATOM   768 N N    . LEU D 1 10 ? -6.81451  -4.68486  -8.25631  1.000 19.69618 ? 10  LEU D N    1 
ATOM   769 C CA   . LEU D 1 10 ? -5.71799  -4.65251  -9.22568  1.000 21.73711 ? 10  LEU D CA   1 
ATOM   770 C C    . LEU D 1 10 ? -4.46777  -3.94110  -8.71034  1.000 20.17440 ? 10  LEU D C    1 
ATOM   771 O O    . LEU D 1 10 ? -3.70789  -3.35461  -9.47341  1.000 24.12774 ? 10  LEU D O    1 
ATOM   772 C CB   . LEU D 1 10 ? -6.18279  -4.04193  -10.55399 1.000 24.01114 ? 10  LEU D CB   1 
ATOM   773 C CG   . LEU D 1 10 ? -7.12172  -4.97511  -11.34736 1.000 26.11542 ? 10  LEU D CG   1 
ATOM   774 C CD1  . LEU D 1 10 ? -7.70943  -4.33716  -12.59439 1.000 28.16381 ? 10  LEU D CD1  1 
ATOM   775 C CD2  . LEU D 1 10 ? -6.41519  -6.26527  -11.74576 1.000 29.19259 ? 10  LEU D CD2  1 
ATOM   776 H H    . LEU D 1 10 ? -7.32497  -3.99366  -8.27665  1.000 23.76512 ? 10  LEU D H    1 
ATOM   777 H HA   . LEU D 1 10 ? -5.45118  -5.56998  -9.38988  1.000 26.21423 ? 10  LEU D HA   1 
ATOM   778 H HB2  . LEU D 1 10 ? -6.66147  -3.21823  -10.37068 1.000 28.94308 ? 10  LEU D HB2  1 
ATOM   779 H HB3  . LEU D 1 10 ? -5.40524  -3.85830  -11.10465 1.000 28.94308 ? 10  LEU D HB3  1 
ATOM   780 H HG   . LEU D 1 10 ? -7.85837  -5.16997  -10.74764 1.000 31.46821 ? 10  LEU D HG   1 
ATOM   781 H HD11 . LEU D 1 10 ? -8.45663  -4.87395  -12.90064 1.000 33.92628 ? 10  LEU D HD11 1 
ATOM   782 H HD12 . LEU D 1 10 ? -8.01220  -3.44128  -12.37822 1.000 33.92628 ? 10  LEU D HD12 1 
ATOM   783 H HD13 . LEU D 1 10 ? -7.02565  -4.29873  -13.28130 1.000 33.92628 ? 10  LEU D HD13 1 
ATOM   784 H HD21 . LEU D 1 10 ? -6.88790  -6.66620  -12.49235 1.000 35.16081 ? 10  LEU D HD21 1 
ATOM   785 H HD22 . LEU D 1 10 ? -5.50343  -6.06070  -12.00250 1.000 35.16081 ? 10  LEU D HD22 1 
ATOM   786 H HD23 . LEU D 1 10 ? -6.41842  -6.87276  -10.98887 1.000 35.16081 ? 10  LEU D HD23 1 
HETATM 787 C C11  . I77 D 1 11 ? -1.66924  -1.08800  -5.31652  1.000 19.32865 ? 11  I77 D C11  1 
HETATM 788 C C12  . I77 D 1 11 ? -1.38597  -2.43348  -5.48798  1.000 20.67766 ? 11  I77 D C12  1 
HETATM 789 C C13  . I77 D 1 11 ? -2.36023  -3.32061  -6.22170  1.000 23.09943 ? 11  I77 D C13  1 
HETATM 790 C C17  . I77 D 1 11 ? -0.23751  -2.99185  -4.94999  1.000 22.74135 ? 11  I77 D C17  1 
HETATM 791 C C18  . I77 D 1 11 ? 0.60029   -2.15891  -4.26699  1.000 22.54212 ? 11  I77 D C18  1 
HETATM 792 C C02  . I77 D 1 11 ? 3.87126   2.40653   -1.15459  1.000 24.71035 ? 11  I77 D C02  1 
HETATM 793 C C03  . I77 D 1 11 ? 2.86472   1.58544   -1.97959  1.000 22.56131 ? 11  I77 D C03  1 
HETATM 794 C C04  . I77 D 1 11 ? 1.84851   2.21610   -2.70353  1.000 20.99883 ? 11  I77 D C04  1 
HETATM 795 C C05  . I77 D 1 11 ? 0.98285   1.40836   -3.41262  1.000 20.43575 ? 11  I77 D C05  1 
HETATM 796 C C06  . I77 D 1 11 ? 3.01361   0.21286   -1.98913  1.000 22.26069 ? 11  I77 D C06  1 
HETATM 797 C C08  . I77 D 1 11 ? 1.20216   0.05001   -3.38358  1.000 20.68710 ? 11  I77 D C08  1 
HETATM 798 C C09  . I77 D 1 11 ? 0.26867   -0.82951  -4.14766  1.000 19.05579 ? 11  I77 D C09  1 
HETATM 799 N N01  . I77 D 1 11 ? 3.68066   3.84428   -1.05574  1.000 25.56416 ? 11  I77 D N01  1 
HETATM 800 N N07  . I77 D 1 11 ? 2.17032   -0.50909  -2.67940  1.000 21.94360 ? 11  I77 D N07  1 
HETATM 801 N N10  . I77 D 1 11 ? -0.83838  -0.32885  -4.64411  1.000 19.75925 ? 11  I77 D N10  1 
HETATM 802 N N14  . I77 D 1 11 ? -3.52268  -2.62745  -6.75292  1.000 20.32438 ? 11  I77 D N14  1 
HETATM 803 N N15  . I77 D 1 11 ? -4.54649  -3.34659  -7.41455  1.000 20.48909 ? 11  I77 D N15  1 
HETATM 804 O O16  . I77 D 1 11 ? -2.21889  -4.50024  -6.29448  1.000 22.33842 ? 11  I77 D O16  1 
HETATM 805 O O19  . I77 D 1 11 ? 4.77099   1.84731   -0.62860  1.000 27.90784 ? 11  I77 D O19  1 
HETATM 806 H H111 . I77 D 1 11 ? -2.57011  -0.66639  -5.73506  1.000 23.32408 ? 11  I77 D H111 1 
HETATM 807 H H171 . I77 D 1 11 ? -0.01222  -4.05177  -5.06728  1.000 27.41933 ? 11  I77 D H171 1 
HETATM 808 H H181 . I77 D 1 11 ? 1.51751   -2.54118  -3.82276  1.000 27.18025 ? 11  I77 D H181 1 
HETATM 809 H H041 . I77 D 1 11 ? 1.74591   3.28521   -2.70665  1.000 25.32830 ? 11  I77 D H041 1 
HETATM 810 H H051 . I77 D 1 11 ? 0.15849   1.82981   -3.97453  1.000 24.65261 ? 11  I77 D H051 1 
HETATM 811 H H061 . I77 D 1 11 ? 3.81452   -0.25724  -1.43404  1.000 26.84253 ? 11  I77 D H061 1 
HETATM 812 H H011 . I77 D 1 11 ? 4.32068   4.39922   -0.52775  1.000 30.80669 ? 11  I77 D H011 1 
HETATM 813 H H012 . I77 D 1 11 ? 2.90186   4.28349   -1.52077  1.000 30.80669 ? 11  I77 D H012 1 
HETATM 814 H H141 . I77 D 1 11 ? -3.60031  -1.63007  -6.64932  1.000 24.51896 ? 11  I77 D H141 1 
HETATM 815 H H1   . I77 D 1 11 ? -5.40225  -3.22373  -6.90954  1.000 24.71662 ? 11  I77 D H1   1 
HETATM 816 O O    . HOH E 2 .  ? 4.73660   -2.02629  3.30512   1.000 53.79896 ? 101 HOH A O    1 
HETATM 817 O O    . HOH E 2 .  ? -4.51235  -6.54756  -3.55212  1.000 23.80233 ? 102 HOH A O    1 
HETATM 818 O O    . HOH E 2 .  ? 19.21012  -2.77799  10.87454  1.000 40.87600 ? 103 HOH A O    1 
HETATM 819 O O    . HOH E 2 .  ? 5.52234   0.01644   2.12294   1.000 51.33971 ? 104 HOH A O    1 
HETATM 820 O O    . HOH E 2 .  ? -5.24658  0.27618   -3.93487  1.000 46.76012 ? 105 HOH A O    1 
HETATM 821 O O    . HOH F 2 .  ? -6.84641  10.47916  -4.11870  1.000 31.90936 ? 101 HOH B O    1 
HETATM 822 O O    . HOH F 2 .  ? -10.00966 6.86229   -5.76355  1.000 60.24520 ? 102 HOH B O    1 
HETATM 823 O O    . HOH F 2 .  ? 3.78465   -3.53999  1.88651   1.000 56.83517 ? 103 HOH B O    1 
HETATM 824 O O    . HOH F 2 .  ? -10.45333 5.24974   -3.31345  1.000 52.39466 ? 104 HOH B O    1 
HETATM 825 O O    . HOH G 2 .  ? 19.11854  -1.44934  9.19055   1.000 20.16624 ? 101 HOH C O    1 
HETATM 826 O O    . HOH G 2 .  ? -5.99627  -6.41216  -2.17057  1.000 45.43969 ? 102 HOH C O    1 
HETATM 827 O O    . HOH G 2 .  ? 21.41875  -6.78910  6.42867   1.000 45.33057 ? 103 HOH C O    1 
HETATM 828 O O    . HOH G 2 .  ? 9.98066   -7.34923  1.26135   1.000 39.04473 ? 104 HOH C O    1 
HETATM 829 O O    . HOH G 2 .  ? 9.48674   -7.17443  3.53772   1.000 61.21795 ? 105 HOH C O    1 
HETATM 830 O O    . HOH G 2 .  ? 20.37012  0.16999   7.64781   1.000 29.25974 ? 106 HOH C O    1 
HETATM 831 O O    . HOH G 2 .  ? 13.07280  -3.16675  3.25877   1.000 52.00615 ? 107 HOH C O    1 
HETATM 832 O O    . HOH H 2 .  ? -3.90920  -6.70604  -6.13686  1.000 27.53271 ? 101 HOH D O    1 
HETATM 833 O O    . HOH H 2 .  ? -4.61268  -0.18662  -6.75796  1.000 34.06294 ? 102 HOH D O    1 
HETATM 834 O O    . HOH H 2 .  ? 2.85490   -3.04656  -1.58441  1.000 49.11980 ? 103 HOH D O    1 
HETATM 835 O O    . HOH H 2 .  ? -2.31178  2.09672   -4.09364  1.000 38.42782 ? 104 HOH D O    1 
HETATM 836 O O    . HOH H 2 .  ? 7.50491   2.41043   0.37625   1.000 42.94997 ? 105 HOH D O    1 
HETATM 837 O O    . HOH H 2 .  ? -9.38813  2.37649   -3.61081  1.000 58.67712 ? 106 HOH D O    1 
HETATM 838 O O    . HOH H 2 .  ? 4.71968   -2.21282  -0.36003  1.000 52.29976 ? 107 HOH D O    1 
# 
loop_
_atom_site_anisotrop.id 
_atom_site_anisotrop.type_symbol 
_atom_site_anisotrop.pdbx_label_atom_id 
_atom_site_anisotrop.pdbx_label_alt_id 
_atom_site_anisotrop.pdbx_label_comp_id 
_atom_site_anisotrop.pdbx_label_asym_id 
_atom_site_anisotrop.pdbx_label_seq_id 
_atom_site_anisotrop.pdbx_PDB_ins_code 
_atom_site_anisotrop.U[1][1] 
_atom_site_anisotrop.U[2][2] 
_atom_site_anisotrop.U[3][3] 
_atom_site_anisotrop.U[1][2] 
_atom_site_anisotrop.U[1][3] 
_atom_site_anisotrop.U[2][3] 
_atom_site_anisotrop.pdbx_auth_seq_id 
_atom_site_anisotrop.pdbx_auth_comp_id 
_atom_site_anisotrop.pdbx_auth_asym_id 
_atom_site_anisotrop.pdbx_auth_atom_id 
1   C C05 . I6W A 1  ? 0.25673 0.42249 0.13717 -0.13365 0.03772  -0.02594 1   I6W A C05 
2   C C08 . I6W A 1  ? 0.26694 0.38638 0.14107 -0.13200 0.04857  -0.01286 1   I6W A C08 
3   C C09 . I6W A 1  ? 0.30419 0.46424 0.24643 -0.11510 -0.02738 -0.03864 1   I6W A C09 
4   N N10 . I6W A 1  ? 0.32021 0.44742 0.29507 -0.10728 -0.00590 -0.05881 1   I6W A N10 
5   C C02 . I6W A 1  ? 0.24856 0.40177 0.12950 -0.17245 0.00899  -0.01500 1   I6W A C02 
6   C C03 . I6W A 1  ? 0.26602 0.40926 0.13626 -0.14362 0.03516  -0.01887 1   I6W A C03 
7   C C04 . I6W A 1  ? 0.30304 0.41869 0.13814 -0.18241 -0.00221 0.00423  1   I6W A C04 
8   C C06 . I6W A 1  ? 0.28450 0.38875 0.12957 -0.15209 0.02590  -0.01749 1   I6W A C06 
9   C C11 . I6W A 1  ? 0.35284 0.46117 0.32344 -0.08726 -0.02775 -0.06461 1   I6W A C11 
10  C C12 . I6W A 1  ? 0.36520 0.47664 0.31938 -0.06820 -0.07755 -0.04198 1   I6W A C12 
11  C C13 . I6W A 1  ? 0.48976 0.47314 0.44370 -0.06459 -0.14394 -0.04651 1   I6W A C13 
12  C C15 . I6W A 1  ? 0.56894 0.37605 0.54043 -0.14611 -0.18167 0.02476  1   I6W A C15 
13  C C16 . I6W A 1  ? 0.59608 0.36921 0.40104 -0.12772 -0.22298 0.07641  1   I6W A C16 
14  C C18 . I6W A 1  ? 0.37648 0.46841 0.41016 -0.06260 -0.07571 -0.08718 1   I6W A C18 
15  C C19 . I6W A 1  ? 0.29511 0.47972 0.30630 -0.05307 -0.09409 -0.04228 1   I6W A C19 
16  N N07 . I6W A 1  ? 0.35095 0.39786 0.13492 -0.14588 0.02804  -0.01083 1   I6W A N07 
17  O O01 . I6W A 1  ? 0.24567 0.45843 0.19009 -0.14725 -0.00601 -0.07342 1   I6W A O01 
18  O O14 . I6W A 1  ? 0.52997 0.39450 0.52704 -0.13639 -0.15319 -0.00501 1   I6W A O14 
19  O O17 . I6W A 1  ? 0.49997 0.51244 0.56826 -0.04397 -0.12607 -0.10318 1   I6W A O17 
30  N N   . LEU A 2  ? 0.22137 0.41989 0.19020 -0.13084 0.01712  -0.10268 2   LEU A N   
31  C CA  . LEU A 2  ? 0.17901 0.40728 0.38165 -0.07468 -0.00890 -0.15705 2   LEU A CA  
32  C C   . LEU A 2  ? 0.16012 0.39574 0.41918 -0.05671 -0.02612 -0.12915 2   LEU A C   
33  O O   . LEU A 2  ? 0.17831 0.40347 0.51041 -0.03973 -0.01559 -0.18264 2   LEU A O   
34  C CB  . LEU A 2  ? 0.25686 0.36195 0.34531 -0.08549 -0.09903 -0.11400 2   LEU A CB  
35  C CG  . LEU A 2  ? 0.32851 0.32393 0.44522 -0.11142 -0.07216 -0.14555 2   LEU A CG  
36  C CD1 . LEU A 2  ? 0.30586 0.36733 0.47708 -0.08258 -0.04751 -0.19768 2   LEU A CD1 
37  C CD2 . LEU A 2  ? 0.38902 0.36794 0.44675 -0.10697 -0.06322 -0.18912 2   LEU A CD2 
49  N N   . AIB A 3  ? 0.15995 0.33328 0.44611 -0.07757 -0.02890 -0.05760 3   AIB A N   
50  C CA  . AIB A 3  ? 0.14225 0.31474 0.49844 -0.05072 -0.01805 -0.03685 3   AIB A CA  
51  C C   . AIB A 3  ? 0.15503 0.29427 0.53460 -0.00866 -0.00370 -0.07895 3   AIB A C   
52  O O   . AIB A 3  ? 0.17891 0.28310 0.47705 0.00384  0.02158  -0.03438 3   AIB A O   
53  C CB1 . AIB A 3  ? 0.20434 0.32819 0.49504 -0.03987 -0.07973 -0.03845 3   AIB A CB1 
54  C CB2 . AIB A 3  ? 0.18409 0.30222 0.55961 -0.04040 -0.10234 -0.00139 3   AIB A CB2 
62  N N   . ALA A 4  ? 0.19676 0.29575 0.40653 -0.04945 0.00312  -0.05701 4   ALA A N   
63  C CA  . ALA A 4  ? 0.22628 0.30328 0.27622 -0.06397 0.02370  -0.07706 4   ALA A CA  
64  C C   . ALA A 4  ? 0.22013 0.32222 0.29132 -0.08681 0.01287  -0.12791 4   ALA A C   
65  O O   . ALA A 4  ? 0.18902 0.38306 0.40696 -0.05912 -0.05071 -0.14608 4   ALA A O   
66  C CB  . ALA A 4  ? 0.27266 0.30656 0.30653 -0.07662 0.00630  -0.10678 4   ALA A CB  
72  N N   . AIB A 5  ? 0.18585 0.35051 0.25148 -0.04029 -0.01477 -0.10350 5   AIB A N   
73  C CA  . AIB A 5  ? 0.17431 0.41124 0.30254 -0.04115 -0.04534 -0.14135 5   AIB A CA  
74  C C   . AIB A 5  ? 0.18490 0.37626 0.21072 -0.03377 -0.01172 -0.12289 5   AIB A C   
75  O O   . AIB A 5  ? 0.14225 0.38063 0.21191 -0.01253 -0.03151 -0.09212 5   AIB A O   
76  C CB1 . AIB A 5  ? 0.22261 0.43213 0.32120 -0.04789 -0.04045 -0.15930 5   AIB A CB1 
77  C CB2 . AIB A 5  ? 0.20697 0.43815 0.27555 -0.06861 -0.05694 -0.11820 5   AIB A CB2 
85  N N   . ILE A 6  ? 0.17176 0.32138 0.31008 -0.02917 -0.03688 -0.10538 6   ILE A N   
86  C CA  . ILE A 6  ? 0.16373 0.35221 0.42031 -0.01456 -0.06495 -0.13878 6   ILE A CA  
87  C C   . ILE A 6  ? 0.16115 0.35576 0.35180 -0.03663 -0.01532 -0.15801 6   ILE A C   
88  O O   . ILE A 6  ? 0.17085 0.34355 0.29613 -0.03913 -0.04661 -0.13204 6   ILE A O   
89  C CB  . ILE A 6  ? 0.19970 0.35981 0.54868 -0.05923 -0.09583 -0.07412 6   ILE A CB  
90  C CG1 . ILE A 6  ? 0.22226 0.37772 0.64242 -0.05695 -0.11047 -0.06760 6   ILE A CG1 
91  C CG2 . ILE A 6  ? 0.24307 0.36367 0.59597 -0.06125 -0.04610 -0.11487 6   ILE A CG2 
92  C CD1 . ILE A 6  ? 0.23599 0.38595 0.64268 -0.04698 -0.13730 -0.06918 6   ILE A CD1 
104 N N   . AIB A 7  ? 0.14767 0.35028 0.31367 -0.05641 0.00069  -0.14619 7   AIB A N   
105 C CA  . AIB A 7  ? 0.20495 0.42208 0.34003 -0.09132 0.01501  -0.14868 7   AIB A CA  
106 C C   . AIB A 7  ? 0.17425 0.51534 0.20218 -0.08481 0.02751  -0.13929 7   AIB A C   
107 O O   . AIB A 7  ? 0.23587 0.50498 0.21783 -0.11033 -0.01306 -0.11329 7   AIB A O   
108 C CB1 . AIB A 7  ? 0.25360 0.44618 0.33647 -0.07013 0.01623  -0.12784 7   AIB A CB1 
109 C CB2 . AIB A 7  ? 0.29027 0.40983 0.33488 -0.09278 0.04769  -0.17258 7   AIB A CB2 
117 N N   A GLN A 8  ? 0.19146 0.52580 0.21548 -0.08202 -0.00024 -0.12567 8   GLN A N   
118 N N   B GLN A 8  ? 0.19247 0.52156 0.20424 -0.09868 0.03660  -0.14106 8   GLN A N   
119 C CA  A GLN A 8  ? 0.18989 0.53563 0.26481 -0.08006 -0.04282 -0.07672 8   GLN A CA  
120 C CA  B GLN A 8  ? 0.21794 0.54937 0.22742 -0.09083 -0.00224 -0.12095 8   GLN A CA  
121 C C   A GLN A 8  ? 0.17166 0.55429 0.15191 -0.09187 0.00934  -0.04971 8   GLN A C   
122 C C   B GLN A 8  ? 0.20889 0.54485 0.16580 -0.06998 0.00250  -0.08642 8   GLN A C   
123 O O   A GLN A 8  ? 0.18054 0.57992 0.21151 -0.05958 -0.01887 -0.08335 8   GLN A O   
124 O O   B GLN A 8  ? 0.17587 0.53712 0.15939 -0.05295 -0.00151 -0.07683 8   GLN A O   
125 C CB  A GLN A 8  ? 0.23589 0.53981 0.45240 -0.08810 -0.12095 -0.08398 8   GLN A CB  
126 C CB  B GLN A 8  ? 0.27693 0.55507 0.33302 -0.07450 -0.04474 -0.12130 8   GLN A CB  
127 C CG  A GLN A 8  ? 0.29330 0.51384 0.45771 -0.12269 -0.12616 -0.11420 8   GLN A CG  
128 C CG  B GLN A 8  ? 0.28511 0.55693 0.32202 -0.06117 -0.02223 -0.11057 8   GLN A CG  
129 C CD  A GLN A 8  ? 0.44911 0.49565 0.51100 -0.10547 -0.20106 -0.15222 8   GLN A CD  
130 C CD  B GLN A 8  ? 0.30443 0.57464 0.34371 -0.05122 -0.03204 -0.11870 8   GLN A CD  
131 O OE1 A GLN A 8  ? 0.46805 0.53261 0.58562 -0.07829 -0.22661 -0.17819 8   GLN A OE1 
132 O OE1 B GLN A 8  ? 0.36233 0.57291 0.38584 -0.03467 -0.08664 -0.10510 8   GLN A OE1 
133 N NE2 A GLN A 8  ? 0.52745 0.45309 0.51655 -0.10763 -0.20805 -0.15561 8   GLN A NE2 
134 N NE2 B GLN A 8  ? 0.33470 0.57013 0.36684 -0.04981 -0.03663 -0.12269 8   GLN A NE2 
151 N N   . AIB A 9  ? 0.20628 0.55466 0.17663 -0.03958 -0.00644 -0.10265 9   AIB A N   
152 C CA  . AIB A 9  ? 0.18092 0.60104 0.22201 -0.01584 0.00001  -0.15592 9   AIB A CA  
153 C C   . AIB A 9  ? 0.17596 0.54050 0.19491 -0.01296 -0.01132 -0.12755 9   AIB A C   
154 O O   . AIB A 9  ? 0.18086 0.59291 0.26292 0.04502  -0.02607 -0.18926 9   AIB A O   
155 C CB1 . AIB A 9  ? 0.18053 0.63957 0.25129 0.00494  -0.01922 -0.14315 9   AIB A CB1 
156 C CB2 . AIB A 9  ? 0.18745 0.59286 0.20533 -0.03633 -0.00642 -0.12565 9   AIB A CB2 
164 N N   . LEU A 10 ? 0.17282 0.53365 0.22641 -0.01351 -0.00606 -0.16244 10  LEU A N   
165 C CA  . LEU A 10 ? 0.20035 0.51875 0.23784 -0.06048 -0.01511 -0.14540 10  LEU A CA  
166 C C   . LEU A 10 ? 0.22171 0.51964 0.19407 -0.11096 0.02761  -0.12525 10  LEU A C   
167 O O   . LEU A 10 ? 0.23293 0.51455 0.19383 -0.12405 0.01866  -0.11451 10  LEU A O   
168 C CB  . LEU A 10 ? 0.29855 0.50297 0.29697 -0.10072 -0.05874 -0.14961 10  LEU A CB  
169 C CG  . LEU A 10 ? 0.36151 0.44449 0.36505 -0.12405 -0.11759 -0.13265 10  LEU A CG  
170 C CD1 . LEU A 10 ? 0.30332 0.46469 0.40962 -0.12297 -0.11229 -0.12298 10  LEU A CD1 
171 C CD2 . LEU A 10 ? 0.39970 0.38241 0.36749 -0.13955 -0.13348 -0.09845 10  LEU A CD2 
183 C C11 . I77 A 11 ? 0.24932 0.38567 0.12866 -0.11958 0.02177  -0.05692 11  I77 A C11 
184 C C12 . I77 A 11 ? 0.25849 0.38534 0.12558 -0.13219 0.02613  -0.04097 11  I77 A C12 
185 C C13 . I77 A 11 ? 0.25681 0.41470 0.13266 -0.13406 0.00850  -0.04394 11  I77 A C13 
186 C C17 . I77 A 11 ? 0.18736 0.43186 0.16699 -0.11912 -0.01900 -0.03018 11  I77 A C17 
187 C C18 . I77 A 11 ? 0.19751 0.37785 0.11741 -0.09018 -0.02291 -0.01658 11  I77 A C18 
188 C C02 . I77 A 11 ? 0.13510 0.32634 0.15620 -0.07879 -0.02238 -0.03611 11  I77 A C02 
189 C C03 . I77 A 11 ? 0.14885 0.29931 0.10429 -0.08498 -0.00397 -0.03764 11  I77 A C03 
190 C C04 . I77 A 11 ? 0.18910 0.27152 0.12960 -0.07407 0.02027  -0.08574 11  I77 A C04 
191 C C05 . I77 A 11 ? 0.17894 0.29604 0.11576 -0.08386 0.03363  -0.06877 11  I77 A C05 
192 C C06 . I77 A 11 ? 0.20786 0.26453 0.15705 -0.08016 -0.03523 -0.06064 11  I77 A C06 
193 C C08 . I77 A 11 ? 0.18647 0.27193 0.09439 -0.08555 0.03105  -0.03826 11  I77 A C08 
194 C C09 . I77 A 11 ? 0.16962 0.31726 0.10386 -0.12270 0.01993  -0.03553 11  I77 A C09 
195 N N01 . I77 A 11 ? 0.19585 0.31684 0.18666 -0.04980 -0.05515 -0.08949 11  I77 A N01 
196 N N07 . I77 A 11 ? 0.21529 0.29189 0.11934 -0.06461 -0.02122 -0.06354 11  I77 A N07 
197 N N10 . I77 A 11 ? 0.22698 0.38054 0.15756 -0.11320 0.00715  -0.08639 11  I77 A N10 
198 N N14 . I77 A 11 ? 0.24017 0.46935 0.15249 -0.10951 0.00593  -0.07414 11  I77 A N14 
199 N N15 . I77 A 11 ? 0.24390 0.49461 0.19000 -0.07280 -0.04090 -0.08829 11  I77 A N15 
200 O O16 . I77 A 11 ? 0.24241 0.44844 0.23654 -0.11244 -0.01137 -0.12785 11  I77 A O16 
201 O O19 . I77 A 11 ? 0.17961 0.34933 0.15304 -0.06031 -0.02765 -0.07845 11  I77 A O19 
212 C C05 . I6W B 1  ? 0.15519 0.59512 0.18034 -0.00784 -0.01360 0.02591  1   I6W B C05 
213 C C08 . I6W B 1  ? 0.20956 0.61233 0.16007 -0.03979 0.01093  0.03021  1   I6W B C08 
214 C C09 . I6W B 1  ? 0.17998 0.61528 0.18085 -0.03984 0.01303  0.05924  1   I6W B C09 
215 N N10 . I6W B 1  ? 0.27655 0.69772 0.29515 -0.01525 0.02924  -0.04668 1   I6W B N10 
216 C C02 . I6W B 1  ? 0.16954 0.58581 0.22530 0.02733  -0.03437 -0.09096 1   I6W B C02 
217 C C03 . I6W B 1  ? 0.16573 0.63557 0.17069 0.02161  -0.00388 -0.06551 1   I6W B C03 
218 C C04 . I6W B 1  ? 0.17908 0.60820 0.15263 -0.01957 0.00059  0.01087  1   I6W B C04 
219 C C06 . I6W B 1  ? 0.19498 0.66641 0.20711 0.04071  -0.02690 -0.08895 1   I6W B C06 
220 C C11 . I6W B 1  ? 0.23168 0.63885 0.16419 0.00838  0.01562  -0.01852 1   I6W B C11 
221 C C12 . I6W B 1  ? 0.26485 0.69599 0.27490 0.00590  0.00444  -0.02574 1   I6W B C12 
222 C C13 . I6W B 1  ? 0.26617 0.76491 0.36260 0.03617  0.01274  -0.10353 1   I6W B C13 
223 C C15 . I6W B 1  ? 0.43013 0.77493 0.38642 0.07350  -0.05334 -0.17797 1   I6W B C15 
224 C C16 . I6W B 1  ? 0.42808 0.76938 0.43794 0.07974  -0.04818 -0.22561 1   I6W B C16 
225 C C18 . I6W B 1  ? 0.16517 0.64463 0.35510 -0.02685 -0.01591 0.03548  1   I6W B C18 
226 C C19 . I6W B 1  ? 0.19095 0.63323 0.28199 -0.00661 -0.02634 0.06276  1   I6W B C19 
227 N N07 . I6W B 1  ? 0.18887 0.65472 0.16853 -0.00387 0.00820  -0.02989 1   I6W B N07 
228 O O01 . I6W B 1  ? 0.20745 0.58838 0.26977 0.05637  -0.07021 -0.12126 1   I6W B O01 
229 O O14 . I6W B 1  ? 0.38948 0.80171 0.31730 0.06157  -0.00396 -0.18712 1   I6W B O14 
230 O O17 . I6W B 1  ? 0.31159 0.76755 0.52291 0.03544  -0.02558 -0.11421 1   I6W B O17 
242 N N   . LEU B 2  ? 0.19110 0.57053 0.27045 0.04953  -0.05545 -0.14784 2   LEU B N   
243 C CA  . LEU B 2  ? 0.19107 0.56344 0.25691 0.01315  -0.04554 -0.14654 2   LEU B CA  
244 C C   . LEU B 2  ? 0.17211 0.52772 0.31504 -0.01403 -0.04442 -0.14157 2   LEU B C   
245 O O   . LEU B 2  ? 0.20773 0.47931 0.33847 -0.01745 -0.10914 -0.09797 2   LEU B O   
246 C CB  . LEU B 2  ? 0.21465 0.56994 0.27851 0.02123  -0.06407 -0.15528 2   LEU B CB  
247 C CG  . LEU B 2  ? 0.24933 0.59103 0.27130 0.04985  -0.06124 -0.18139 2   LEU B CG  
248 C CD1 . LEU B 2  ? 0.27873 0.57905 0.33315 0.03058  -0.11773 -0.15831 2   LEU B CD1 
249 C CD2 . LEU B 2  ? 0.28091 0.63140 0.29126 0.08306  -0.07595 -0.19485 2   LEU B CD2 
261 N N   . AIB B 3  ? 0.17722 0.47458 0.30833 -0.01373 -0.07620 -0.10553 3   AIB B N   
262 C CA  . AIB B 3  ? 0.16813 0.46282 0.37629 -0.03198 -0.07796 -0.09285 3   AIB B CA  
263 C C   . AIB B 3  ? 0.14458 0.42198 0.37044 -0.03351 -0.05503 -0.08783 3   AIB B C   
264 O O   . AIB B 3  ? 0.14965 0.39737 0.39691 -0.05533 -0.05785 -0.07550 3   AIB B O   
265 C CB1 . AIB B 3  ? 0.17860 0.42999 0.40094 -0.08650 -0.08986 -0.04686 3   AIB B CB1 
266 C CB2 . AIB B 3  ? 0.14796 0.50088 0.32112 0.01404  -0.04171 -0.10622 3   AIB B CB2 
274 N N   . ALA B 4  ? 0.16941 0.39940 0.32820 -0.03019 -0.03130 -0.11565 4   ALA B N   
275 C CA  . ALA B 4  ? 0.12872 0.36766 0.31918 -0.02605 -0.06463 -0.05864 4   ALA B CA  
276 C C   . ALA B 4  ? 0.14536 0.33419 0.25333 -0.04849 -0.07339 -0.05125 4   ALA B C   
277 O O   . ALA B 4  ? 0.12252 0.34284 0.32194 -0.03273 -0.06422 -0.04697 4   ALA B O   
278 C CB  . ALA B 4  ? 0.17593 0.39595 0.48483 -0.02070 -0.09096 -0.10467 4   ALA B CB  
284 N N   . AIB B 5  ? 0.17220 0.31895 0.23283 -0.05596 -0.07315 -0.01640 5   AIB B N   
285 C CA  . AIB B 5  ? 0.19986 0.34905 0.19020 -0.07178 -0.03615 -0.02193 5   AIB B CA  
286 C C   . AIB B 5  ? 0.18792 0.37159 0.14587 -0.09161 -0.02643 -0.02539 5   AIB B C   
287 O O   . AIB B 5  ? 0.15067 0.37185 0.19797 -0.07692 -0.04142 -0.03357 5   AIB B O   
288 C CB1 . AIB B 5  ? 0.17694 0.33773 0.32634 -0.07796 -0.00600 -0.01913 5   AIB B CB1 
289 C CB2 . AIB B 5  ? 0.23756 0.36589 0.25231 -0.03483 -0.07108 -0.06742 5   AIB B CB2 
297 N N   . ILE B 6  ? 0.14247 0.39178 0.15984 -0.07403 -0.02463 -0.03062 6   ILE B N   
298 C CA  . ILE B 6  ? 0.16440 0.39475 0.19285 -0.08325 -0.04588 -0.02884 6   ILE B CA  
299 C C   . ILE B 6  ? 0.18782 0.39343 0.17789 -0.08892 -0.05269 -0.02595 6   ILE B C   
300 O O   . ILE B 6  ? 0.16660 0.36801 0.17615 -0.09987 -0.03574 -0.02167 6   ILE B O   
301 C CB  . ILE B 6  ? 0.17955 0.41208 0.23310 -0.10838 -0.05484 -0.00238 6   ILE B CB  
302 C CG1 . ILE B 6  ? 0.19673 0.43709 0.36622 -0.08691 -0.10538 -0.04386 6   ILE B CG1 
303 C CG2 . ILE B 6  ? 0.19348 0.42768 0.28082 -0.10611 -0.08038 0.00454  6   ILE B CG2 
304 C CD1 . ILE B 6  ? 0.27865 0.49904 0.48926 -0.08536 -0.11410 -0.12252 6   ILE B CD1 
316 N N   . AIB B 7  ? 0.13971 0.37501 0.19022 -0.07710 -0.03746 -0.01258 7   AIB B N   
317 C CA  . AIB B 7  ? 0.15415 0.43943 0.21625 -0.06185 -0.01297 -0.10617 7   AIB B CA  
318 C C   . AIB B 7  ? 0.18465 0.31303 0.18917 -0.04619 -0.08599 -0.04513 7   AIB B C   
319 O O   . AIB B 7  ? 0.19372 0.32191 0.20296 -0.09448 -0.05100 -0.05827 7   AIB B O   
320 C CB1 . AIB B 7  ? 0.22368 0.44443 0.14021 -0.05005 -0.02279 -0.06513 7   AIB B CB1 
321 C CB2 . AIB B 7  ? 0.19184 0.43324 0.14885 -0.06870 -0.01333 -0.07486 7   AIB B CB2 
329 N N   . GLN B 8  ? 0.17463 0.26136 0.14224 -0.04579 -0.04940 -0.06387 8   GLN B N   
330 C CA  . GLN B 8  ? 0.12059 0.27237 0.28248 -0.03914 -0.05129 -0.06906 8   GLN B CA  
331 C C   . GLN B 8  ? 0.13369 0.27364 0.24092 -0.04638 -0.05331 -0.07356 8   GLN B C   
332 O O   . GLN B 8  ? 0.13876 0.25591 0.20518 -0.04026 -0.03816 -0.02795 8   GLN B O   
333 C CB  . GLN B 8  ? 0.17678 0.35950 0.31888 0.00452  -0.04613 -0.05787 8   GLN B CB  
334 C CG  . GLN B 8  ? 0.22228 0.34144 0.36837 -0.01404 0.04320  -0.01433 8   GLN B CG  
335 C CD  . GLN B 8  ? 0.33549 0.34584 0.50516 -0.02092 0.07741  -0.04686 8   GLN B CD  
336 O OE1 . GLN B 8  ? 0.33588 0.33197 0.59561 -0.05759 0.10204  -0.03135 8   GLN B OE1 
337 N NE2 . GLN B 8  ? 0.42862 0.38540 0.59313 -0.01154 0.07735  -0.07326 8   GLN B NE2 
346 N N   . AIB B 9  ? 0.13090 0.26789 0.18664 -0.05846 -0.03396 -0.06648 9   AIB B N   
347 C CA  . AIB B 9  ? 0.17510 0.31086 0.22021 -0.07874 -0.04208 -0.08217 9   AIB B CA  
348 C C   . AIB B 9  ? 0.22506 0.29550 0.15797 -0.11875 -0.03573 -0.03551 9   AIB B C   
349 O O   . AIB B 9  ? 0.29353 0.27788 0.31273 -0.09172 -0.09301 -0.05610 9   AIB B O   
350 C CB1 . AIB B 9  ? 0.23273 0.30805 0.18496 -0.05231 -0.02057 -0.06303 9   AIB B CB1 
351 C CB2 . AIB B 9  ? 0.20903 0.31418 0.21847 -0.08309 -0.07346 -0.06419 9   AIB B CB2 
359 N N   . LEU B 10 ? 0.17148 0.32772 0.15972 -0.11856 -0.01354 -0.02535 10  LEU B N   
360 C CA  . LEU B 10 ? 0.23834 0.34379 0.16770 -0.14465 -0.04077 -0.00731 10  LEU B CA  
361 C C   . LEU B 10 ? 0.24295 0.37874 0.18252 -0.13056 -0.04685 -0.03418 10  LEU B C   
362 O O   . LEU B 10 ? 0.25968 0.35362 0.25132 -0.15091 -0.05672 -0.03448 10  LEU B O   
363 C CB  . LEU B 10 ? 0.28086 0.33492 0.20823 -0.17946 -0.02600 0.00296  10  LEU B CB  
364 C CG  . LEU B 10 ? 0.31877 0.37534 0.27289 -0.19760 -0.05745 0.01564  10  LEU B CG  
365 C CD1 . LEU B 10 ? 0.24319 0.43344 0.31794 -0.16378 -0.06330 0.00348  10  LEU B CD1 
366 C CD2 . LEU B 10 ? 0.35313 0.36208 0.30102 -0.20155 -0.04207 -0.00136 10  LEU B CD2 
378 C C11 . I77 B 11 ? 0.20006 0.39139 0.11573 -0.14945 0.00610  -0.00989 11  I77 B C11 
379 C C12 . I77 B 11 ? 0.20206 0.39331 0.11494 -0.15094 -0.00498 0.01100  11  I77 B C12 
380 C C13 . I77 B 11 ? 0.28818 0.34885 0.13242 -0.16201 -0.03759 0.04377  11  I77 B C13 
381 C C17 . I77 B 11 ? 0.20188 0.43593 0.13228 -0.14941 -0.01708 0.03544  11  I77 B C17 
382 C C18 . I77 B 11 ? 0.22693 0.44889 0.16066 -0.14616 -0.03281 0.00725  11  I77 B C18 
383 C C02 . I77 B 11 ? 0.25294 0.40177 0.19264 -0.16634 -0.05705 0.03695  11  I77 B C02 
384 C C03 . I77 B 11 ? 0.26612 0.37679 0.20198 -0.14561 -0.08682 0.04125  11  I77 B C03 
385 C C04 . I77 B 11 ? 0.28061 0.34488 0.14812 -0.15257 -0.05880 0.03333  11  I77 B C04 
386 C C05 . I77 B 11 ? 0.26081 0.35623 0.15470 -0.15821 -0.04702 0.01932  11  I77 B C05 
387 C C06 . I77 B 11 ? 0.18440 0.40955 0.17006 -0.11844 -0.04288 0.02731  11  I77 B C06 
388 C C08 . I77 B 11 ? 0.20715 0.39031 0.17566 -0.13528 -0.05102 0.03365  11  I77 B C08 
389 C C09 . I77 B 11 ? 0.17732 0.40331 0.11922 -0.12784 -0.01407 0.02857  11  I77 B C09 
390 N N01 . I77 B 11 ? 0.23019 0.45503 0.29134 -0.07600 -0.12446 0.00255  11  I77 B N01 
391 N N07 . I77 B 11 ? 0.20409 0.40222 0.13208 -0.14027 -0.02619 0.02924  11  I77 B N07 
392 N N10 . I77 B 11 ? 0.20634 0.40490 0.11956 -0.15417 -0.00045 0.00086  11  I77 B N10 
393 N N14 . I77 B 11 ? 0.18905 0.35539 0.18579 -0.11414 -0.05510 0.00815  11  I77 B N14 
394 N N15 . I77 B 11 ? 0.21526 0.33090 0.17060 -0.11403 -0.06341 0.00131  11  I77 B N15 
395 O O16 . I77 B 11 ? 0.23847 0.37251 0.31489 -0.15769 -0.06044 0.00050  11  I77 B O16 
396 O O19 . I77 B 11 ? 0.38482 0.37567 0.22525 -0.18616 -0.03765 -0.02509 11  I77 B O19 
407 C C05 . I6W C 1  ? 0.29045 0.42866 0.19361 -0.07709 0.06263  -0.07375 1   I6W C C05 
408 C C08 . I6W C 1  ? 0.30240 0.37608 0.15860 -0.11653 0.07871  -0.01433 1   I6W C C08 
409 C C09 . I6W C 1  ? 0.42222 0.37144 0.19341 -0.08536 0.04465  -0.03568 1   I6W C C09 
410 N N10 . I6W C 1  ? 0.44228 0.40275 0.43195 -0.06811 0.02990  -0.13771 1   I6W C N10 
411 C C02 . I6W C 1  ? 0.25442 0.36990 0.11053 -0.09827 0.00067  -0.02692 1   I6W C C02 
412 C C03 . I6W C 1  ? 0.34454 0.39509 0.14285 -0.10495 0.01387  -0.03958 1   I6W C C03 
413 C C04 . I6W C 1  ? 0.33031 0.43844 0.14311 -0.04945 0.00380  -0.08605 1   I6W C C04 
414 C C06 . I6W C 1  ? 0.33615 0.38811 0.14300 -0.12571 0.06070  -0.02737 1   I6W C C06 
415 C C11 . I6W C 1  ? 0.49040 0.38307 0.49662 -0.09197 0.04988  -0.16723 1   I6W C C11 
416 C C12 . I6W C 1  ? 0.42505 0.44090 0.49349 -0.09575 0.06796  -0.15675 1   I6W C C12 
417 C C13 . I6W C 1  ? 0.45819 0.48758 0.66197 -0.10029 0.05879  -0.20017 1   I6W C C13 
418 C C15 . I6W C 1  ? 0.45147 0.52557 0.70018 -0.08831 0.02632  -0.29807 1   I6W C C15 
419 C C16 . I6W C 1  ? 0.38908 0.54776 0.76097 -0.07958 0.02254  -0.29418 1   I6W C C16 
420 C C18 . I6W C 1  ? 0.44625 0.39635 0.25023 -0.08329 0.07215  -0.07707 1   I6W C C18 
421 C C19 . I6W C 1  ? 0.38586 0.37717 0.13651 -0.07181 0.06529  -0.04252 1   I6W C C19 
422 N N07 . I6W C 1  ? 0.36433 0.42118 0.19819 -0.12987 0.09941  -0.05579 1   I6W C N07 
423 O O01 . I6W C 1  ? 0.25225 0.42428 0.18072 -0.11662 -0.03659 -0.04010 1   I6W C O01 
424 O O14 . I6W C 1  ? 0.46944 0.50115 0.59935 -0.10527 0.06458  -0.24368 1   I6W C O14 
425 O O17 . I6W C 1  ? 0.45624 0.54408 0.80478 -0.08155 0.01667  -0.20843 1   I6W C O17 
437 N N   . LEU C 2  ? 0.32585 0.34841 0.15969 -0.11180 -0.05188 -0.00626 2   LEU C N   
438 C CA  . LEU C 2  ? 0.35316 0.32127 0.28102 -0.05822 -0.13557 -0.03881 2   LEU C CA  
439 C C   . LEU C 2  ? 0.31912 0.32831 0.26791 -0.04205 -0.13869 -0.03544 2   LEU C C   
440 O O   . LEU C 2  ? 0.29444 0.30533 0.34143 -0.04479 -0.17885 -0.02152 2   LEU C O   
441 C CB  . LEU C 2  ? 0.30642 0.37444 0.36237 -0.06919 -0.16402 -0.07689 2   LEU C CB  
442 C CG  . LEU C 2  ? 0.30411 0.41293 0.41779 -0.09327 -0.14532 -0.10978 2   LEU C CG  
443 C CD1 . LEU C 2  ? 0.32711 0.44224 0.41841 -0.05579 -0.15015 -0.10834 2   LEU C CD1 
444 C CD2 . LEU C 2  ? 0.30376 0.44437 0.45040 -0.09885 -0.12793 -0.12434 2   LEU C CD2 
456 N N   . AIB C 3  ? 0.34751 0.35686 0.22231 0.02073  -0.12933 -0.09665 3   AIB C N   
457 C CA  . AIB C 3  ? 0.32062 0.37370 0.23259 0.06722  -0.11757 -0.07377 3   AIB C CA  
458 C C   . AIB C 3  ? 0.32675 0.34769 0.23769 0.06030  -0.07946 -0.08329 3   AIB C C   
459 O O   . AIB C 3  ? 0.32308 0.35657 0.23209 0.10136  -0.06652 -0.06849 3   AIB C O   
460 C CB1 . AIB C 3  ? 0.35803 0.39545 0.26936 0.10016  -0.13261 -0.10342 3   AIB C CB1 
461 C CB2 . AIB C 3  ? 0.28725 0.40532 0.34643 0.07211  -0.05641 -0.12015 3   AIB C CB2 
469 N N   . ALA C 4  ? 0.28055 0.36080 0.18488 0.01702  -0.04149 -0.06024 4   ALA C N   
470 C CA  . ALA C 4  ? 0.29145 0.35174 0.18749 0.00566  -0.05295 -0.06583 4   ALA C CA  
471 C C   . ALA C 4  ? 0.23693 0.37349 0.19939 -0.01121 -0.03557 -0.07243 4   ALA C C   
472 O O   . ALA C 4  ? 0.22027 0.38747 0.23099 -0.03730 -0.09413 -0.07410 4   ALA C O   
473 C CB  . ALA C 4  ? 0.26817 0.36876 0.33040 -0.02466 -0.06003 -0.11275 4   ALA C CB  
479 N N   . AIB C 5  ? 0.24109 0.34142 0.22395 0.00622  -0.05921 0.00045  5   AIB C N   
480 C CA  . AIB C 5  ? 0.21281 0.35566 0.29054 -0.01760 -0.07652 -0.02404 5   AIB C CA  
481 C C   . AIB C 5  ? 0.23217 0.29850 0.31816 -0.04604 -0.10610 -0.01140 5   AIB C C   
482 O O   . AIB C 5  ? 0.18070 0.29621 0.37775 -0.06648 -0.09949 0.04686  5   AIB C O   
483 C CB1 . AIB C 5  ? 0.31849 0.40448 0.26193 0.01098  -0.06855 -0.07223 5   AIB C CB1 
484 C CB2 . AIB C 5  ? 0.16472 0.36116 0.36444 -0.07552 -0.03807 -0.02468 5   AIB C CB2 
492 N N   . ILE C 6  ? 0.19238 0.29614 0.27117 -0.03185 -0.07837 -0.07883 6   ILE C N   
493 C CA  . ILE C 6  ? 0.23659 0.29674 0.25926 -0.02460 -0.13168 -0.06155 6   ILE C CA  
494 C C   . ILE C 6  ? 0.28765 0.25516 0.19573 -0.06048 -0.10975 -0.02037 6   ILE C C   
495 O O   . ILE C 6  ? 0.24000 0.27759 0.24490 -0.03553 -0.12467 -0.03767 6   ILE C O   
496 C CB  . ILE C 6  ? 0.25478 0.38678 0.39197 -0.00440 -0.14901 -0.12056 6   ILE C CB  
497 C CG1 . ILE C 6  ? 0.27314 0.46276 0.39689 0.02095  -0.14397 -0.16123 6   ILE C CG1 
498 C CG2 . ILE C 6  ? 0.26577 0.31202 0.43246 -0.07448 -0.10103 -0.07285 6   ILE C CG2 
499 C CD1 . ILE C 6  ? 0.28498 0.48553 0.41083 0.03100  -0.16270 -0.14593 6   ILE C CD1 
511 N N   . AIB C 7  ? 0.30943 0.25955 0.24313 -0.07351 -0.13100 -0.00529 7   AIB C N   
512 C CA  . AIB C 7  ? 0.32136 0.31329 0.26449 -0.10052 -0.08797 -0.01837 7   AIB C CA  
513 C C   . AIB C 7  ? 0.30755 0.28461 0.27601 -0.15760 -0.10187 0.06547  7   AIB C C   
514 O O   . AIB C 7  ? 0.27822 0.35458 0.28394 -0.14038 -0.05742 0.02034  7   AIB C O   
515 C CB1 . AIB C 7  ? 0.37032 0.36486 0.28470 -0.08782 -0.10498 -0.00685 7   AIB C CB1 
516 C CB2 . AIB C 7  ? 0.36238 0.33148 0.25249 -0.12767 -0.05925 -0.04746 7   AIB C CB2 
524 N N   . GLN C 8  ? 0.26490 0.32622 0.33011 -0.13566 -0.12044 0.03322  8   GLN C N   
525 C CA  . GLN C 8  ? 0.22391 0.40485 0.25873 -0.12363 -0.09378 0.03600  8   GLN C CA  
526 C C   . GLN C 8  ? 0.21009 0.40395 0.14798 -0.12643 -0.04844 0.06642  8   GLN C C   
527 O O   . GLN C 8  ? 0.18547 0.41740 0.21363 -0.09842 -0.07208 0.06335  8   GLN C O   
528 C CB  . GLN C 8  ? 0.40582 0.53043 0.35864 -0.07548 -0.19235 -0.04474 8   GLN C CB  
529 C CG  . GLN C 8  ? 0.63563 0.56088 0.49829 -0.05167 -0.18169 -0.11303 8   GLN C CG  
530 C CD  . GLN C 8  ? 0.82488 0.58936 0.63546 -0.00912 -0.16998 -0.21308 8   GLN C CD  
531 O OE1 . GLN C 8  ? 0.90376 0.59167 0.68152 0.01737  -0.16453 -0.25395 8   GLN C OE1 
532 N NE2 . GLN C 8  ? 0.88450 0.59978 0.68266 0.00010  -0.15285 -0.25488 8   GLN C NE2 
541 N N   . AIB C 9  ? 0.22005 0.34929 0.26561 -0.14488 -0.07174 0.06785  9   AIB C N   
542 C CA  . AIB C 9  ? 0.23252 0.32201 0.32541 -0.13414 -0.10387 0.11114  9   AIB C CA  
543 C C   . AIB C 9  ? 0.23482 0.31226 0.34747 -0.13085 -0.10793 0.08949  9   AIB C C   
544 O O   . AIB C 9  ? 0.23092 0.34257 0.45984 -0.07979 -0.15362 0.07175  9   AIB C O   
545 C CB1 . AIB C 9  ? 0.23020 0.39458 0.34078 -0.11769 -0.12291 0.11113  9   AIB C CB1 
546 C CB2 . AIB C 9  ? 0.21211 0.33217 0.38037 -0.11601 -0.10514 0.09381  9   AIB C CB2 
554 N N   . LEU C 10 ? 0.20561 0.31108 0.34625 -0.11148 -0.09844 0.01795  10  LEU C N   
555 C CA  . LEU C 10 ? 0.22964 0.35739 0.34466 -0.13110 -0.08156 -0.04727 10  LEU C CA  
556 C C   . LEU C 10 ? 0.29109 0.34716 0.22646 -0.15235 -0.05928 -0.03835 10  LEU C C   
557 O O   . LEU C 10 ? 0.26537 0.37340 0.21187 -0.16589 -0.03140 -0.03074 10  LEU C O   
558 C CB  . LEU C 10 ? 0.28757 0.40730 0.38851 -0.14909 -0.09335 -0.08279 10  LEU C CB  
559 C CG  . LEU C 10 ? 0.32814 0.45690 0.47102 -0.14068 -0.09603 -0.14661 10  LEU C CG  
560 C CD1 . LEU C 10 ? 0.37211 0.49072 0.43864 -0.12337 -0.09622 -0.18479 10  LEU C CD1 
561 C CD2 . LEU C 10 ? 0.26725 0.46116 0.49768 -0.12828 -0.03432 -0.16694 10  LEU C CD2 
573 C C11 . I77 C 11 ? 0.20157 0.30868 0.21121 -0.12837 -0.02912 -0.03545 11  I77 C C11 
574 C C12 . I77 C 11 ? 0.22357 0.27636 0.16956 -0.12783 -0.03582 -0.02331 11  I77 C C12 
575 C C13 . I77 C 11 ? 0.25514 0.30574 0.19065 -0.14938 -0.04311 -0.01236 11  I77 C C13 
576 C C17 . I77 C 11 ? 0.21898 0.28527 0.14400 -0.11189 -0.03440 -0.02285 11  I77 C C17 
577 C C18 . I77 C 11 ? 0.16350 0.24886 0.13489 -0.09647 -0.03726 -0.00773 11  I77 C C18 
578 C C02 . I77 C 11 ? 0.19601 0.26034 0.08342 -0.09908 0.00394  0.00075  11  I77 C C02 
579 C C03 . I77 C 11 ? 0.18945 0.24875 0.08704 -0.09583 0.02351  -0.00885 11  I77 C C03 
580 C C04 . I77 C 11 ? 0.17585 0.28225 0.11004 -0.07971 0.01302  -0.04981 11  I77 C C04 
581 C C05 . I77 C 11 ? 0.16982 0.25994 0.14095 -0.10358 -0.02422 -0.02531 11  I77 C C05 
582 C C06 . I77 C 11 ? 0.14940 0.29138 0.12504 -0.07993 -0.03329 -0.00315 11  I77 C C06 
583 C C08 . I77 C 11 ? 0.16540 0.25908 0.11513 -0.10188 -0.01701 -0.02029 11  I77 C C08 
584 C C09 . I77 C 11 ? 0.14628 0.27743 0.12487 -0.09296 -0.02569 -0.00888 11  I77 C C09 
585 N N01 . I77 C 11 ? 0.16849 0.31264 0.10609 -0.09525 -0.01922 -0.00613 11  I77 C N01 
586 N N07 . I77 C 11 ? 0.17458 0.29999 0.15278 -0.09497 -0.03045 -0.00974 11  I77 C N07 
587 N N10 . I77 C 11 ? 0.18828 0.33445 0.15645 -0.10728 -0.00856 -0.05039 11  I77 C N10 
588 N N14 . I77 C 11 ? 0.21911 0.34984 0.25145 -0.13898 -0.05183 -0.02060 11  I77 C N14 
589 N N15 . I77 C 11 ? 0.21818 0.35805 0.22609 -0.13792 -0.04830 -0.01898 11  I77 C N15 
590 O O16 . I77 C 11 ? 0.27532 0.30864 0.25909 -0.12718 -0.08734 -0.04128 11  I77 C O16 
591 O O19 . I77 C 11 ? 0.21348 0.26694 0.22943 -0.11010 -0.02651 -0.05590 11  I77 C O19 
602 C C05 . I6W D 1  ? 0.18282 0.53001 0.25953 -0.02082 -0.06420 -0.01400 1   I6W D C05 
603 C C08 . I6W D 1  ? 0.17703 0.53333 0.16191 -0.05360 -0.00269 0.01152  1   I6W D C08 
604 C C09 . I6W D 1  ? 0.19489 0.50262 0.16030 -0.08143 -0.02042 0.09316  1   I6W D C09 
605 N N10 . I6W D 1  ? 0.22535 0.54657 0.22558 -0.02705 -0.03714 0.06994  1   I6W D N10 
606 C C02 . I6W D 1  ? 0.20478 0.39988 0.32585 -0.04382 -0.13584 0.03648  1   I6W D C02 
607 C C03 . I6W D 1  ? 0.16064 0.42768 0.32913 -0.06042 -0.08791 0.04711  1   I6W D C03 
608 C C04 . I6W D 1  ? 0.19400 0.48074 0.33229 -0.01987 -0.12247 0.01972  1   I6W D C04 
609 C C06 . I6W D 1  ? 0.15488 0.46169 0.33813 -0.07489 -0.05858 0.02355  1   I6W D C06 
610 C C11 . I6W D 1  ? 0.25141 0.55072 0.28722 -0.03761 -0.11401 0.07521  1   I6W D C11 
611 C C12 . I6W D 1  ? 0.29585 0.53018 0.24608 -0.08969 -0.08559 0.11459  1   I6W D C12 
612 C C13 . I6W D 1  ? 0.34428 0.51050 0.39246 -0.10196 -0.13148 0.13695  1   I6W D C13 
613 C C15 . I6W D 1  ? 0.44713 0.55507 0.54045 -0.04505 -0.14743 0.07001  1   I6W D C15 
614 C C16 . I6W D 1  ? 0.45176 0.56802 0.55898 -0.00854 -0.16533 0.04414  1   I6W D C16 
615 C C18 . I6W D 1  ? 0.21419 0.56676 0.20318 -0.11298 -0.03405 0.09350  1   I6W D C18 
616 C C19 . I6W D 1  ? 0.28174 0.54473 0.17110 -0.11792 0.00384  0.07413  1   I6W D C19 
617 N N07 . I6W D 1  ? 0.16633 0.45737 0.22086 -0.05023 -0.06620 0.06487  1   I6W D N07 
618 O O01 . I6W D 1  ? 0.19480 0.41173 0.39378 -0.01540 -0.14381 0.01794  1   I6W D O01 
619 O O14 . I6W D 1  ? 0.41579 0.48330 0.49730 -0.12517 -0.11027 0.14659  1   I6W D O14 
620 O O17 . I6W D 1  ? 0.39470 0.55945 0.53714 -0.08022 -0.19968 0.06512  1   I6W D O17 
632 N N   . LEU D 2  ? 0.22690 0.40958 0.45857 -0.02667 -0.16628 -0.01776 2   LEU D N   
633 C CA  . LEU D 2  ? 0.20607 0.39643 0.42092 -0.04577 -0.13569 -0.03132 2   LEU D CA  
634 C C   . LEU D 2  ? 0.23706 0.41241 0.33214 -0.00101 -0.15874 -0.03880 2   LEU D C   
635 O O   . LEU D 2  ? 0.20629 0.41874 0.22674 -0.00878 -0.08723 -0.06494 2   LEU D O   
636 C CB  . LEU D 2  ? 0.17481 0.42691 0.43882 -0.06599 -0.10632 -0.03369 2   LEU D CB  
637 C CG  . LEU D 2  ? 0.21141 0.42073 0.53379 -0.06714 -0.09991 -0.03412 2   LEU D CG  
638 C CD1 . LEU D 2  ? 0.19089 0.48105 0.56147 -0.04022 -0.10458 -0.06866 2   LEU D CD1 
639 C CD2 . LEU D 2  ? 0.28278 0.37328 0.52962 -0.09402 -0.13375 0.04731  2   LEU D CD2 
651 N N   . AIB D 3  ? 0.19632 0.42073 0.30686 -0.00228 -0.12030 -0.06262 3   AIB D N   
652 C CA  . AIB D 3  ? 0.23014 0.44115 0.29770 0.02948  -0.12420 -0.10071 3   AIB D CA  
653 C C   . AIB D 3  ? 0.21141 0.39144 0.24505 0.01721  -0.08837 -0.05779 3   AIB D C   
654 O O   . AIB D 3  ? 0.24120 0.38437 0.26710 -0.01030 -0.09078 -0.01626 3   AIB D O   
655 C CB1 . AIB D 3  ? 0.32288 0.46283 0.26861 0.04776  -0.12310 -0.14164 3   AIB D CB1 
656 C CB2 . AIB D 3  ? 0.25045 0.42517 0.22464 0.03801  -0.09035 -0.04678 3   AIB D CB2 
664 N N   . ALA D 4  ? 0.25330 0.35157 0.28298 -0.00920 -0.09756 -0.07280 4   ALA D N   
665 C CA  . ALA D 4  ? 0.18824 0.37507 0.23489 -0.00279 -0.09868 -0.06864 4   ALA D CA  
666 C C   . ALA D 4  ? 0.22740 0.33360 0.17879 -0.01493 -0.08817 -0.07465 4   ALA D C   
667 O O   . ALA D 4  ? 0.20528 0.38295 0.20843 0.01131  -0.09638 -0.06905 4   ALA D O   
668 C CB  . ALA D 4  ? 0.28082 0.41862 0.33287 0.04282  -0.15667 -0.11565 4   ALA D CB  
674 N N   . AIB D 5  ? 0.19487 0.31337 0.22539 -0.05949 -0.05501 -0.03195 5   AIB D N   
675 C CA  . AIB D 5  ? 0.24432 0.34496 0.11487 -0.05664 -0.02193 -0.05485 5   AIB D CA  
676 C C   . AIB D 5  ? 0.17985 0.38768 0.11764 -0.07000 -0.02046 -0.02758 5   AIB D C   
677 O O   . AIB D 5  ? 0.17491 0.37809 0.20618 -0.03586 -0.05353 -0.06175 5   AIB D O   
678 C CB1 . AIB D 5  ? 0.28426 0.39141 0.18551 -0.02891 -0.04653 -0.09734 5   AIB D CB1 
679 C CB2 . AIB D 5  ? 0.22480 0.34381 0.20741 -0.07591 -0.01639 -0.03687 5   AIB D CB2 
687 N N   A ILE D 6  ? 0.19978 0.35431 0.09476 -0.06240 -0.00557 -0.00568 6   ILE D N   
688 N N   B ILE D 6  ? 0.20708 0.38849 0.21872 -0.07813 -0.08490 -0.03497 6   ILE D N   
689 C CA  A ILE D 6  ? 0.21980 0.32060 0.08749 -0.05018 -0.01439 0.01345  6   ILE D CA  
690 C CA  B ILE D 6  ? 0.20003 0.40616 0.29386 -0.06809 -0.10004 -0.06090 6   ILE D CA  
691 C C   A ILE D 6  ? 0.22528 0.33402 0.10148 -0.06626 -0.02921 0.03460  6   ILE D C   
692 C C   B ILE D 6  ? 0.19638 0.40478 0.32339 -0.07739 -0.10374 -0.05272 6   ILE D C   
693 O O   A ILE D 6  ? 0.22801 0.34171 0.10387 -0.06176 -0.02705 0.04197  6   ILE D O   
694 O O   B ILE D 6  ? 0.20710 0.43186 0.33684 -0.06699 -0.10015 -0.08446 6   ILE D O   
695 C CB  A ILE D 6  ? 0.26223 0.36528 0.10003 -0.05349 -0.01503 -0.01510 6   ILE D CB  
696 C CB  B ILE D 6  ? 0.24017 0.45748 0.27564 -0.05809 -0.08994 -0.10643 6   ILE D CB  
697 C CG1 A ILE D 6  ? 0.26091 0.34473 0.21429 -0.07941 -0.00901 -0.04228 6   ILE D CG1 
698 C CG1 B ILE D 6  ? 0.24521 0.47951 0.31994 -0.05060 -0.10898 -0.11024 6   ILE D CG1 
699 C CG2 A ILE D 6  ? 0.25664 0.35158 0.09090 -0.03146 0.00028  -0.01159 6   ILE D CG2 
700 C CG2 B ILE D 6  ? 0.28616 0.46349 0.26253 -0.06716 -0.11018 -0.09176 6   ILE D CG2 
701 C CD1 A ILE D 6  ? 0.25028 0.30522 0.27368 -0.08842 -0.00488 -0.02762 6   ILE D CD1 
702 C CD1 B ILE D 6  ? 0.29056 0.50794 0.36961 -0.05562 -0.13813 -0.12409 6   ILE D CD1 
725 N N   . AIB D 7  ? 0.17439 0.38538 0.15193 -0.08742 -0.04143 -0.01164 7   AIB D N   
726 C CA  . AIB D 7  ? 0.27261 0.38677 0.16037 -0.06289 -0.08383 -0.03136 7   AIB D CA  
727 C C   . AIB D 7  ? 0.15987 0.39351 0.17090 -0.07190 -0.03736 -0.04159 7   AIB D C   
728 O O   . AIB D 7  ? 0.21008 0.38541 0.20018 -0.09225 -0.07223 -0.02864 7   AIB D O   
729 C CB1 . AIB D 7  ? 0.22353 0.41285 0.24475 -0.10029 -0.04096 -0.03995 7   AIB D CB1 
730 C CB2 . AIB D 7  ? 0.21328 0.43626 0.17600 -0.10282 -0.04596 -0.03341 7   AIB D CB2 
738 N N   . GLN D 8  ? 0.16704 0.31199 0.17409 -0.04430 -0.05836 -0.02565 8   GLN D N   
739 C CA  . GLN D 8  ? 0.15449 0.32237 0.21780 -0.03691 -0.04361 -0.03539 8   GLN D CA  
740 C C   . GLN D 8  ? 0.13955 0.31093 0.14264 -0.01701 -0.04064 -0.00047 8   GLN D C   
741 O O   . GLN D 8  ? 0.18511 0.30518 0.12414 -0.04257 -0.03702 -0.05364 8   GLN D O   
742 C CB  . GLN D 8  ? 0.22066 0.36698 0.31111 0.04520  -0.07860 0.00569  8   GLN D CB  
743 C CG  . GLN D 8  ? 0.33775 0.41256 0.35984 0.11897  -0.03815 -0.02321 8   GLN D CG  
744 C CD  . GLN D 8  ? 0.51813 0.46377 0.38961 0.19206  -0.01339 -0.09570 8   GLN D CD  
745 O OE1 . GLN D 8  ? 0.62281 0.50230 0.33629 0.20179  0.00253  -0.14802 8   GLN D OE1 
746 N NE2 . GLN D 8  ? 0.59053 0.49584 0.53572 0.20948  0.02069  -0.13644 8   GLN D NE2 
755 N N   . AIB D 9  ? 0.14303 0.32235 0.15573 -0.06170 -0.04029 -0.03923 9   AIB D N   
756 C CA  . AIB D 9  ? 0.17346 0.35703 0.26805 -0.08212 -0.06476 -0.06276 9   AIB D CA  
757 C C   . AIB D 9  ? 0.18253 0.37490 0.18600 -0.08638 -0.04380 -0.05386 9   AIB D C   
758 O O   . AIB D 9  ? 0.20685 0.37100 0.25623 -0.03824 -0.00837 -0.07975 9   AIB D O   
759 C CB1 . AIB D 9  ? 0.22259 0.31950 0.20190 -0.08235 -0.01562 -0.00696 9   AIB D CB1 
760 C CB2 . AIB D 9  ? 0.19749 0.38120 0.28273 -0.07075 -0.08115 -0.08414 9   AIB D CB2 
768 N N   . LEU D 10 ? 0.21831 0.38401 0.14604 -0.06655 -0.03038 -0.07107 10  LEU D N   
769 C CA  . LEU D 10 ? 0.27879 0.40495 0.14218 -0.06153 -0.00179 -0.08810 10  LEU D CA  
770 C C   . LEU D 10 ? 0.24900 0.40082 0.11672 -0.07978 -0.01967 -0.02403 10  LEU D C   
771 O O   . LEU D 10 ? 0.29984 0.43389 0.18301 -0.10297 -0.00982 -0.07282 10  LEU D O   
772 C CB  . LEU D 10 ? 0.32900 0.43614 0.14718 -0.08555 -0.00628 -0.07722 10  LEU D CB  
773 C CG  . LEU D 10 ? 0.35342 0.47997 0.15887 -0.09328 -0.03101 -0.06665 10  LEU D CG  
774 C CD1 . LEU D 10 ? 0.38246 0.51333 0.17431 -0.07843 -0.05396 -0.07323 10  LEU D CD1 
775 C CD2 . LEU D 10 ? 0.34598 0.51436 0.24884 -0.11952 -0.02988 -0.14271 10  LEU D CD2 
787 C C11 . I77 D 11 ? 0.20993 0.39991 0.12456 -0.12275 -0.00862 -0.02161 11  I77 D C11 
788 C C12 . I77 D 11 ? 0.20968 0.44279 0.13319 -0.09788 0.01710  -0.05915 11  I77 D C12 
789 C C13 . I77 D 11 ? 0.21917 0.46404 0.19446 -0.08937 0.03584  -0.10623 11  I77 D C13 
790 C C17 . I77 D 11 ? 0.14502 0.47796 0.24110 -0.05745 -0.01618 -0.07742 11  I77 D C17 
791 C C18 . I77 D 11 ? 0.15794 0.45590 0.24266 -0.08152 -0.03787 -0.03600 11  I77 D C18 
792 C C02 . I77 D 11 ? 0.19464 0.56399 0.18025 -0.08720 -0.00828 -0.07106 11  I77 D C02 
793 C C03 . I77 D 11 ? 0.20082 0.48775 0.16866 -0.13277 0.03154  -0.03581 11  I77 D C03 
794 C C04 . I77 D 11 ? 0.20326 0.45650 0.13810 -0.11137 0.02991  -0.04401 11  I77 D C04 
795 C C05 . I77 D 11 ? 0.21078 0.43952 0.12616 -0.12410 0.01409  -0.02022 11  I77 D C05 
796 C C06 . I77 D 11 ? 0.25272 0.46143 0.13165 -0.07950 -0.01038 -0.04137 11  I77 D C06 
797 C C08 . I77 D 11 ? 0.19656 0.45700 0.13244 -0.12159 0.01918  -0.03088 11  I77 D C08 
798 C C09 . I77 D 11 ? 0.15232 0.44692 0.12480 -0.09980 0.01051  -0.02730 11  I77 D C09 
799 N N01 . I77 D 11 ? 0.23824 0.54378 0.18930 -0.11025 0.01546  -0.11234 11  I77 D N01 
800 N N07 . I77 D 11 ? 0.23755 0.46020 0.13600 -0.08818 -0.01443 -0.04215 11  I77 D N07 
801 N N10 . I77 D 11 ? 0.18591 0.43933 0.12551 -0.12690 0.00946  -0.02512 11  I77 D N10 
802 N N14 . I77 D 11 ? 0.17168 0.45071 0.14985 -0.09241 0.00184  -0.06781 11  I77 D N14 
803 N N15 . I77 D 11 ? 0.17463 0.44020 0.16366 -0.09644 -0.01440 -0.05299 11  I77 D N15 
804 O O16 . I77 D 11 ? 0.22738 0.45687 0.16451 -0.07304 -0.02208 -0.08490 11  I77 D O16 
805 O O19 . I77 D 11 ? 0.21615 0.58383 0.26039 -0.10113 -0.02426 -0.08943 11  I77 D O19 
816 O O   . HOH E .  ? 0.65273 0.87261 0.51878 -0.04152 0.29942  0.13020  101 HOH A O   
817 O O   . HOH E .  ? 0.26953 0.32764 0.30720 -0.00562 -0.05173 0.01311  102 HOH A O   
818 O O   . HOH E .  ? 0.37655 0.59599 0.58057 -0.24498 0.06014  0.05047  103 HOH A O   
819 O O   . HOH E .  ? 0.64477 0.40508 0.90083 0.04507  -0.19522 -0.08064 104 HOH A O   
820 O O   . HOH E .  ? 0.51581 0.45859 0.80227 0.07096  -0.29382 -0.25587 105 HOH A O   
821 O O   . HOH F .  ? 0.32773 0.44420 0.44048 -0.04220 -0.16340 -0.14961 101 HOH B O   
822 O O   . HOH F .  ? 0.90051 0.95825 0.43029 0.31958  -0.00467 0.22251  102 HOH B O   
823 O O   . HOH F .  ? 0.52920 0.68509 0.94518 -0.22215 0.14624  -0.38325 103 HOH B O   
824 O O   . HOH F .  ? 0.46235 1.01160 0.51681 -0.28789 0.02161  -0.16102 104 HOH B O   
825 O O   . HOH G .  ? 0.19009 0.33444 0.24168 -0.01396 -0.02280 -0.05738 101 HOH C O   
826 O O   . HOH G .  ? 0.36017 0.82600 0.54034 -0.11857 -0.19512 0.12363  102 HOH C O   
827 O O   . HOH G .  ? 0.36897 0.46337 0.89001 -0.04466 -0.21181 -0.15075 103 HOH C O   
828 O O   . HOH G .  ? 0.32934 0.56151 0.59266 -0.14834 -0.01367 -0.22791 104 HOH C O   
829 O O   . HOH G .  ? 0.69231 1.10549 0.52820 -0.00648 -0.09912 0.30843  105 HOH C O   
830 O O   . HOH G .  ? 0.22797 0.51910 0.36466 -0.01232 -0.09085 -0.11094 106 HOH C O   
831 O O   . HOH G .  ? 0.94807 0.49431 0.53362 -0.01575 0.17203  -0.01706 107 HOH C O   
832 O O   . HOH H .  ? 0.36659 0.43898 0.24056 0.01811  0.00107  -0.12130 101 HOH D O   
833 O O   . HOH H .  ? 0.27333 0.45244 0.56846 -0.08642 -0.12599 -0.13245 102 HOH D O   
834 O O   . HOH H .  ? 0.46374 0.79726 0.60534 0.17136  0.02946  0.01230  103 HOH D O   
835 O O   . HOH H .  ? 0.28658 0.40317 0.77033 -0.02429 -0.07154 -0.06673 104 HOH D O   
836 O O   . HOH H .  ? 0.26726 0.85175 0.51291 -0.13967 -0.00679 -0.13130 105 HOH D O   
837 O O   . HOH H .  ? 0.38935 1.01995 0.82016 -0.06410 -0.14923 0.19241  106 HOH D O   
838 O O   . HOH H .  ? 0.67886 0.89807 0.41023 0.08583  -0.17970 0.07747  107 HOH D O   
# 
